data_6G5F
#
_entry.id   6G5F
#
_cell.length_a   176.078
_cell.length_b   356.419
_cell.length_c   103.939
_cell.angle_alpha   90.00
_cell.angle_beta   90.00
_cell.angle_gamma   90.00
#
_symmetry.space_group_name_H-M   'C 2 2 21'
#
loop_
_entity.id
_entity.type
_entity.pdbx_description
1 polymer 'Botulinum neurotoxin type B'
2 polymer Synaptotagmin-1
3 non-polymer GLYCEROL
4 non-polymer 'MALONATE ION'
5 water water
#
loop_
_entity_poly.entity_id
_entity_poly.type
_entity_poly.pdbx_seq_one_letter_code
_entity_poly.pdbx_strand_id
1 'polypeptide(L)'
;MPVTINNFNYNDPIDNNNIIMMEPPFARGTGRYYKAFKITDRIWIIPERYTFGYKPEDFNKSSGIFNRDVCEYYDPDYLN
TNDKKNIFLQTMIKLFNRIKSKPLGEKLLEMIINGIPYLGDRRVPLEEFNTNIASVTVNKLISNPGEVERKKGIFANLII
FGPGPVLNENETIDIGIQNHFASREGFGGIMQMKFCPEYVSVFNNVQENKGASIFNRRGYFSDPALILMHQLIYVLHGLY
GIKVDDLPIVPNEKKFFMQSTDAIQAEELYTFGGQDPSIITPSTDKSIYDKVLQNFRGIVDRLNKVLVCISDPNININIY
KNKFKDKYKFVEDSEGKYSIDVESFDKLYKSLMFGFTETNIAENYKIKTRASYFSDSLPPVKIKNLLDNEIYTIEEGFNI
SDKDMEKEYRGQNKAINKQAYEEISKEHLAVYKIQMCKSVKAPGICIDVDNEDLFFIADKNSFSDDLSKNERIEYNTQSN
YIENDFPINELILDTDLISKIELPSENTESLTDFNVDVPVYEKQPAIKKIFTDENTIFQYLYSQTFPLDIRDISLTSSFD
DALLFSNKVYSFFSMDYIKTANKVVEAGLFAGWVKQIVNDFVIEANKSNTMDKIADISLIVPYIGLALNVGNETAKGNFE
NAFEIAGASILLEFIPELLIPVVGAFLLESYIDNKNKIIKTIDNALTKRNEKWSDMYGLIVAQWLSTVNTQFYTIKEGMY
KALNYQAQALEEIIKYRYNIYSEKEKSNINIDFNDINSKLNEGINQAIDNINNFINGCSVSYLMKKMIPLAVEKLLDFDN
TLKKNLLNYIDENKLYLIGSAEYEKSKVNKYLKTIMPFDLSIYTNDTILIEMFNKYNSEILNNIILNLRYKDNNLIDLSG
YGAKVEVYDGVELNDKNQFKLTSSANSKIRVTQNQNIIFNSVFLDFSVSFWIRIPKYKNDGIQNYIHNEYTIINCMKNNS
GWKISIRGNRIIWTLIDINGKTKSVFFEYNIREDISEYINRWFFVTITNNLNNAKIYINGKLESNTDIKDIREVIANGEI
IFKLDGDIDRTQFIWMKYFSIFNTELSQSNIEERYKIQSYSEYLKDFWGNPLMYNKEYYMFNAGNKNSYIKLKKDSPVGE
ILTRSKYNQNSKYINYRDLYIGEKFIIRRKSNSQSINDDIVRKEDYIYLDFFNLNQEWRVYTYKYFKKEEMKLFLAPIYD
SDEFYNTIQIKEYDEQPTYSCQLLFKKDEESTDEIGLIGIHRFYESGIVFEEYKDYFCISKWYLKEVKRKPYNLKLGCNW
QFIPKDEGWTE
;
A,B
2 'polypeptide(L)' GEGKEDAFSKLKEKFMNELHK P
#
loop_
_chem_comp.id
_chem_comp.type
_chem_comp.name
_chem_comp.formula
GOL non-polymer GLYCEROL 'C3 H8 O3'
MLI non-polymer 'MALONATE ION' 'C3 H2 O4 -2'
#
# COMPACT_ATOMS: atom_id res chain seq x y z
N PRO A 2 25.94 -23.93 31.31
CA PRO A 2 24.54 -23.57 31.37
C PRO A 2 24.25 -22.53 32.46
N VAL A 3 22.99 -22.10 32.58
CA VAL A 3 22.58 -21.10 33.57
C VAL A 3 21.79 -21.76 34.70
N THR A 4 22.14 -21.43 35.94
CA THR A 4 21.49 -21.98 37.13
C THR A 4 20.64 -20.89 37.78
N ILE A 5 19.35 -21.17 37.96
CA ILE A 5 18.43 -20.25 38.64
C ILE A 5 18.30 -20.66 40.11
N ASN A 6 18.61 -19.74 41.02
CA ASN A 6 18.55 -20.04 42.44
C ASN A 6 17.11 -20.05 42.97
N ASN A 7 16.85 -20.87 43.99
CA ASN A 7 15.54 -20.92 44.65
C ASN A 7 15.61 -20.37 46.07
N PHE A 8 14.53 -19.71 46.50
CA PHE A 8 14.38 -19.19 47.86
C PHE A 8 12.98 -18.64 48.10
N ASN A 9 12.60 -18.54 49.37
CA ASN A 9 11.37 -17.84 49.78
C ASN A 9 11.70 -16.51 50.41
N TYR A 10 10.74 -15.59 50.37
CA TYR A 10 10.94 -14.24 50.87
C TYR A 10 11.33 -14.16 52.36
N ASN A 11 10.76 -15.03 53.20
CA ASN A 11 11.03 -15.04 54.65
C ASN A 11 12.31 -15.78 55.05
N ASP A 12 13.01 -16.40 54.09
CA ASP A 12 14.28 -17.07 54.38
C ASP A 12 15.27 -16.14 55.11
N PRO A 13 16.11 -16.68 56.03
CA PRO A 13 17.06 -15.84 56.75
C PRO A 13 18.10 -15.14 55.87
N ILE A 14 18.52 -13.96 56.31
CA ILE A 14 19.62 -13.23 55.68
C ILE A 14 20.93 -13.97 55.94
N ASP A 15 21.65 -14.34 54.89
CA ASP A 15 22.96 -15.03 55.00
C ASP A 15 24.18 -14.19 54.56
N ASN A 16 23.95 -12.94 54.17
CA ASN A 16 24.99 -12.05 53.65
C ASN A 16 25.73 -12.56 52.37
N ASN A 17 25.19 -13.57 51.70
CA ASN A 17 25.79 -14.15 50.49
C ASN A 17 24.80 -14.05 49.31
N ASN A 18 23.77 -14.89 49.29
CA ASN A 18 22.70 -14.84 48.26
C ASN A 18 21.44 -14.09 48.71
N ILE A 19 21.28 -13.89 50.02
CA ILE A 19 20.22 -13.05 50.59
C ILE A 19 20.88 -11.98 51.44
N ILE A 20 20.73 -10.72 51.03
CA ILE A 20 21.47 -9.59 51.62
C ILE A 20 20.54 -8.41 51.88
N MET A 21 21.04 -7.42 52.61
CA MET A 21 20.39 -6.12 52.69
C MET A 21 21.21 -5.17 51.81
N MET A 22 20.69 -4.86 50.63
CA MET A 22 21.40 -4.00 49.65
C MET A 22 21.10 -2.52 49.88
N GLU A 23 22.10 -1.69 49.63
CA GLU A 23 21.97 -0.24 49.56
C GLU A 23 22.08 0.14 48.07
N PRO A 24 20.95 0.29 47.37
CA PRO A 24 20.99 0.43 45.92
C PRO A 24 21.40 1.83 45.44
N PRO A 25 21.88 1.95 44.17
CA PRO A 25 22.57 3.17 43.71
C PRO A 25 21.84 4.50 43.95
N PHE A 26 20.53 4.56 43.73
CA PHE A 26 19.78 5.83 43.84
C PHE A 26 19.31 6.21 45.24
N ALA A 27 19.54 5.34 46.23
CA ALA A 27 19.40 5.71 47.63
C ALA A 27 20.47 6.73 48.08
N ARG A 28 21.58 6.79 47.32
CA ARG A 28 22.80 7.51 47.70
C ARG A 28 23.36 6.87 48.98
N GLY A 29 23.87 7.68 49.92
CA GLY A 29 24.39 7.16 51.18
C GLY A 29 23.43 7.29 52.33
N THR A 30 22.17 7.65 52.04
CA THR A 30 21.14 7.75 53.06
C THR A 30 20.76 6.34 53.52
N GLY A 31 20.20 6.22 54.72
CA GLY A 31 20.00 4.92 55.37
C GLY A 31 18.79 4.09 54.97
N ARG A 32 18.52 3.98 53.67
CA ARG A 32 17.45 3.10 53.16
C ARG A 32 18.10 1.82 52.60
N TYR A 33 17.70 0.66 53.13
CA TYR A 33 18.22 -0.65 52.70
C TYR A 33 17.07 -1.58 52.35
N TYR A 34 17.31 -2.52 51.44
CA TYR A 34 16.25 -3.41 50.92
C TYR A 34 16.74 -4.85 50.89
N LYS A 35 15.86 -5.76 51.31
CA LYS A 35 16.17 -7.19 51.25
C LYS A 35 16.20 -7.66 49.79
N ALA A 36 17.31 -8.27 49.39
CA ALA A 36 17.58 -8.59 47.99
C ALA A 36 18.01 -10.04 47.80
N PHE A 37 17.65 -10.61 46.66
CA PHE A 37 17.82 -12.04 46.36
C PHE A 37 18.61 -12.25 45.07
N LYS A 38 19.67 -13.06 45.15
CA LYS A 38 20.51 -13.34 43.99
C LYS A 38 19.94 -14.50 43.18
N ILE A 39 19.24 -14.15 42.09
CA ILE A 39 18.58 -15.15 41.23
C ILE A 39 19.59 -15.92 40.37
N THR A 40 20.60 -15.24 39.83
CA THR A 40 21.78 -15.88 39.22
C THR A 40 23.00 -15.03 39.52
N ASP A 41 24.19 -15.50 39.16
CA ASP A 41 25.40 -14.68 39.24
C ASP A 41 25.13 -13.27 38.70
N ARG A 42 25.43 -12.25 39.52
CA ARG A 42 25.36 -10.84 39.13
C ARG A 42 23.96 -10.22 38.91
N ILE A 43 22.88 -11.02 39.04
CA ILE A 43 21.51 -10.52 38.89
C ILE A 43 20.73 -10.64 40.22
N TRP A 44 20.21 -9.51 40.67
CA TRP A 44 19.47 -9.39 41.93
C TRP A 44 17.99 -9.01 41.75
N ILE A 45 17.10 -9.63 42.55
CA ILE A 45 15.67 -9.25 42.64
C ILE A 45 15.39 -8.59 43.99
N ILE A 46 14.78 -7.40 43.95
CA ILE A 46 14.30 -6.70 45.15
C ILE A 46 12.78 -6.56 45.03
N PRO A 47 12.01 -7.39 45.75
CA PRO A 47 10.54 -7.37 45.63
C PRO A 47 9.85 -6.17 46.28
N GLU A 48 10.10 -4.97 45.77
CA GLU A 48 9.55 -3.75 46.37
C GLU A 48 9.34 -2.66 45.33
N ARG A 49 8.51 -1.69 45.67
CA ARG A 49 8.13 -0.65 44.73
C ARG A 49 9.31 0.29 44.47
N TYR A 50 9.45 0.72 43.22
CA TYR A 50 10.51 1.62 42.79
C TYR A 50 10.07 3.04 43.07
N THR A 51 10.69 3.67 44.04
CA THR A 51 10.25 4.97 44.56
C THR A 51 11.15 6.16 44.21
N PHE A 52 12.26 5.89 43.54
CA PHE A 52 13.33 6.88 43.39
C PHE A 52 12.91 7.97 42.39
N GLY A 53 12.75 9.19 42.89
CA GLY A 53 12.32 10.33 42.08
C GLY A 53 10.81 10.55 42.04
N TYR A 54 10.05 9.67 42.70
CA TYR A 54 8.59 9.77 42.74
C TYR A 54 8.12 10.22 44.13
N LYS A 55 7.10 11.06 44.16
CA LYS A 55 6.44 11.44 45.41
C LYS A 55 5.53 10.28 45.87
N PRO A 56 5.37 10.08 47.20
CA PRO A 56 4.44 9.03 47.68
C PRO A 56 2.99 9.15 47.20
N GLU A 57 2.49 10.38 47.11
CA GLU A 57 1.10 10.63 46.66
C GLU A 57 0.85 10.30 45.18
N ASP A 58 1.89 10.33 44.36
CA ASP A 58 1.78 9.96 42.94
C ASP A 58 1.44 8.49 42.68
N PHE A 59 1.60 7.63 43.70
CA PHE A 59 1.24 6.21 43.58
C PHE A 59 -0.29 5.97 43.54
N ASN A 60 -1.07 7.00 43.88
CA ASN A 60 -2.51 7.00 43.72
C ASN A 60 -2.89 7.51 42.35
N LYS A 61 -4.00 7.02 41.83
CA LYS A 61 -4.60 7.58 40.62
C LYS A 61 -5.09 9.00 40.92
N SER A 62 -4.91 9.89 39.95
CA SER A 62 -5.30 11.30 40.05
C SER A 62 -5.83 11.77 38.70
N SER A 63 -6.07 13.08 38.57
CA SER A 63 -6.43 13.67 37.28
C SER A 63 -5.25 13.91 36.33
N GLY A 64 -4.04 13.46 36.69
CA GLY A 64 -2.85 13.61 35.86
C GLY A 64 -2.28 12.30 35.35
N ILE A 65 -1.27 12.40 34.50
CA ILE A 65 -0.54 11.24 33.92
C ILE A 65 0.96 11.53 33.89
N PHE A 66 1.76 10.46 33.84
CA PHE A 66 3.20 10.56 33.71
C PHE A 66 3.61 10.65 32.24
N ASN A 67 3.12 9.71 31.41
CA ASN A 67 3.43 9.65 29.98
C ASN A 67 2.18 9.78 29.12
N ARG A 68 2.26 10.56 28.04
CA ARG A 68 1.14 10.76 27.14
C ARG A 68 0.78 9.56 26.28
N ASP A 69 1.66 8.58 26.17
CA ASP A 69 1.44 7.41 25.31
C ASP A 69 1.33 6.08 26.07
N VAL A 70 0.76 6.12 27.28
CA VAL A 70 0.54 4.91 28.07
C VAL A 70 -0.88 4.95 28.61
N CYS A 71 -1.55 3.81 28.59
CA CYS A 71 -2.78 3.60 29.32
C CYS A 71 -2.36 3.14 30.74
N GLU A 72 -2.32 4.09 31.69
CA GLU A 72 -1.64 3.89 32.98
C GLU A 72 -2.53 3.31 34.09
N TYR A 73 -2.16 2.14 34.61
CA TYR A 73 -2.84 1.52 35.78
C TYR A 73 -2.10 1.76 37.11
N TYR A 74 -2.83 2.29 38.10
CA TYR A 74 -2.30 2.59 39.44
C TYR A 74 -2.84 1.64 40.51
N ASP A 75 -2.01 1.34 41.52
CA ASP A 75 -2.40 0.48 42.66
C ASP A 75 -1.38 0.67 43.79
N PRO A 76 -1.65 1.59 44.73
CA PRO A 76 -0.69 1.82 45.82
C PRO A 76 -0.43 0.60 46.71
N ASP A 77 -1.34 -0.39 46.71
CA ASP A 77 -1.23 -1.57 47.57
C ASP A 77 -0.43 -2.74 46.98
N TYR A 78 0.02 -2.64 45.73
CA TYR A 78 0.81 -3.70 45.11
C TYR A 78 2.13 -3.85 45.92
N LEU A 79 2.49 -5.09 46.23
CA LEU A 79 3.68 -5.41 47.07
C LEU A 79 3.69 -4.86 48.51
N ASN A 80 2.52 -4.67 49.15
CA ASN A 80 2.49 -4.10 50.53
C ASN A 80 2.52 -5.13 51.68
N THR A 81 2.55 -6.43 51.36
CA THR A 81 2.68 -7.50 52.36
C THR A 81 3.80 -8.44 51.97
N ASN A 82 4.31 -9.17 52.97
CA ASN A 82 5.32 -10.21 52.74
C ASN A 82 4.86 -11.33 51.82
N ASP A 83 3.59 -11.73 51.93
CA ASP A 83 3.06 -12.77 51.06
C ASP A 83 3.07 -12.31 49.59
N LYS A 84 2.68 -11.06 49.37
CA LYS A 84 2.73 -10.47 48.03
C LYS A 84 4.16 -10.44 47.46
N LYS A 85 5.12 -10.09 48.31
CA LYS A 85 6.53 -10.09 47.92
C LYS A 85 7.03 -11.48 47.53
N ASN A 86 6.54 -12.52 48.21
CA ASN A 86 6.91 -13.89 47.87
C ASN A 86 6.33 -14.30 46.52
N ILE A 87 5.05 -13.96 46.29
CA ILE A 87 4.40 -14.21 45.00
C ILE A 87 5.20 -13.59 43.83
N PHE A 88 5.62 -12.33 44.00
CA PHE A 88 6.46 -11.65 43.01
C PHE A 88 7.75 -12.44 42.75
N LEU A 89 8.44 -12.79 43.82
CA LEU A 89 9.72 -13.47 43.76
C LEU A 89 9.63 -14.85 43.08
N GLN A 90 8.62 -15.65 43.45
CA GLN A 90 8.40 -16.96 42.82
C GLN A 90 7.98 -16.85 41.34
N THR A 91 7.23 -15.79 41.02
CA THR A 91 6.86 -15.50 39.64
C THR A 91 8.10 -15.13 38.80
N MET A 92 9.01 -14.31 39.35
CA MET A 92 10.26 -13.96 38.65
C MET A 92 11.14 -15.19 38.41
N ILE A 93 11.25 -16.04 39.42
CA ILE A 93 11.95 -17.32 39.27
C ILE A 93 11.37 -18.15 38.11
N LYS A 94 10.04 -18.18 37.97
CA LYS A 94 9.38 -18.93 36.89
C LYS A 94 9.65 -18.35 35.50
N LEU A 95 9.57 -17.02 35.37
CA LEU A 95 9.84 -16.36 34.10
C LEU A 95 11.30 -16.57 33.67
N PHE A 96 12.23 -16.44 34.61
CA PHE A 96 13.64 -16.74 34.35
C PHE A 96 13.85 -18.17 33.87
N ASN A 97 13.11 -19.13 34.42
CA ASN A 97 13.17 -20.53 33.94
C ASN A 97 12.56 -20.70 32.53
N ARG A 98 11.50 -19.95 32.23
CA ARG A 98 10.95 -19.93 30.86
C ARG A 98 11.95 -19.35 29.85
N ILE A 99 12.65 -18.30 30.27
CA ILE A 99 13.66 -17.68 29.41
C ILE A 99 14.80 -18.65 29.07
N LYS A 100 15.29 -19.40 30.06
CA LYS A 100 16.39 -20.33 29.81
C LYS A 100 15.93 -21.68 29.22
N SER A 101 14.62 -21.89 29.08
CA SER A 101 14.07 -23.12 28.49
C SER A 101 14.44 -23.38 27.04
N LYS A 102 14.84 -22.34 26.30
CA LYS A 102 15.39 -22.50 24.95
C LYS A 102 16.78 -21.87 24.88
N PRO A 103 17.64 -22.38 23.96
CA PRO A 103 19.01 -21.87 23.83
C PRO A 103 19.13 -20.37 23.60
N LEU A 104 18.24 -19.79 22.80
CA LEU A 104 18.31 -18.36 22.47
C LEU A 104 18.24 -17.46 23.71
N GLY A 105 17.25 -17.70 24.57
CA GLY A 105 17.10 -16.93 25.80
C GLY A 105 18.17 -17.27 26.85
N GLU A 106 18.59 -18.53 26.89
CA GLU A 106 19.70 -18.92 27.77
C GLU A 106 20.96 -18.12 27.43
N LYS A 107 21.25 -17.98 26.13
CA LYS A 107 22.39 -17.18 25.69
C LYS A 107 22.23 -15.70 26.01
N LEU A 108 21.02 -15.16 25.94
CA LEU A 108 20.76 -13.77 26.38
C LEU A 108 21.20 -13.56 27.83
N LEU A 109 20.83 -14.51 28.70
CA LEU A 109 21.23 -14.45 30.12
C LEU A 109 22.75 -14.62 30.28
N GLU A 110 23.34 -15.56 29.55
CA GLU A 110 24.78 -15.81 29.63
C GLU A 110 25.61 -14.58 29.23
N MET A 111 25.12 -13.82 28.25
CA MET A 111 25.78 -12.59 27.82
C MET A 111 25.69 -11.48 28.85
N ILE A 112 24.53 -11.38 29.49
CA ILE A 112 24.25 -10.42 30.57
C ILE A 112 25.09 -10.75 31.81
N ILE A 113 25.06 -12.01 32.24
CA ILE A 113 25.83 -12.46 33.41
C ILE A 113 27.33 -12.17 33.23
N ASN A 114 27.86 -12.45 32.03
CA ASN A 114 29.29 -12.29 31.74
C ASN A 114 29.73 -10.90 31.29
N GLY A 115 28.80 -10.01 30.96
CA GLY A 115 29.15 -8.68 30.47
C GLY A 115 29.44 -7.69 31.57
N ILE A 116 30.46 -7.95 32.38
CA ILE A 116 30.71 -7.15 33.57
C ILE A 116 31.12 -5.71 33.20
N PRO A 117 30.62 -4.70 33.95
CA PRO A 117 31.10 -3.34 33.75
C PRO A 117 32.62 -3.16 33.88
N TYR A 118 33.20 -2.31 33.05
CA TYR A 118 34.59 -1.90 33.21
C TYR A 118 34.74 -1.26 34.58
N LEU A 119 35.91 -1.42 35.20
CA LEU A 119 36.15 -0.86 36.51
C LEU A 119 36.57 0.60 36.39
N GLY A 120 35.63 1.45 36.01
CA GLY A 120 35.89 2.87 35.81
C GLY A 120 34.90 3.54 34.88
N ASP A 121 35.13 4.82 34.62
CA ASP A 121 34.36 5.61 33.68
C ASP A 121 35.23 6.74 33.12
N ARG A 122 34.63 7.66 32.36
CA ARG A 122 35.41 8.68 31.64
C ARG A 122 36.29 9.56 32.52
N ARG A 123 35.92 9.73 33.78
CA ARG A 123 36.69 10.58 34.69
C ARG A 123 37.95 9.89 35.21
N VAL A 124 37.99 8.56 35.14
CA VAL A 124 39.08 7.79 35.72
C VAL A 124 40.29 7.80 34.79
N PRO A 125 41.49 8.13 35.33
CA PRO A 125 42.75 8.04 34.55
C PRO A 125 42.93 6.73 33.79
N LEU A 126 43.61 6.82 32.64
CA LEU A 126 43.77 5.66 31.74
C LEU A 126 44.56 4.54 32.42
N GLU A 127 45.48 4.93 33.30
CA GLU A 127 46.38 4.00 33.97
C GLU A 127 45.73 3.26 35.17
N GLU A 128 44.49 3.65 35.54
CA GLU A 128 43.81 3.11 36.73
C GLU A 128 42.52 2.36 36.44
N PHE A 129 42.30 1.29 37.21
CA PHE A 129 40.95 0.77 37.50
C PHE A 129 40.49 1.47 38.78
N ASN A 130 39.25 1.96 38.79
CA ASN A 130 38.63 2.50 40.02
C ASN A 130 37.24 1.90 40.21
N THR A 131 37.08 1.16 41.31
CA THR A 131 35.82 0.50 41.66
C THR A 131 34.93 1.35 42.56
N ASN A 132 35.47 2.45 43.12
CA ASN A 132 34.73 3.30 44.06
C ASN A 132 33.87 4.33 43.34
N ILE A 133 32.95 3.86 42.49
CA ILE A 133 31.94 4.71 41.86
C ILE A 133 30.62 3.98 41.79
N ALA A 134 29.52 4.74 41.77
CA ALA A 134 28.18 4.15 41.87
C ALA A 134 27.73 3.31 40.66
N SER A 135 28.48 3.35 39.54
CA SER A 135 28.19 2.51 38.37
C SER A 135 28.83 1.11 38.40
N VAL A 136 29.71 0.86 39.37
CA VAL A 136 30.49 -0.40 39.46
C VAL A 136 30.20 -1.23 40.71
N THR A 137 30.18 -0.55 41.86
CA THR A 137 30.08 -1.20 43.16
C THR A 137 28.78 -0.79 43.89
N VAL A 138 28.16 -1.77 44.53
CA VAL A 138 27.00 -1.54 45.39
C VAL A 138 27.23 -2.18 46.78
N ASN A 139 26.76 -1.53 47.83
CA ASN A 139 27.02 -2.00 49.22
C ASN A 139 25.98 -2.98 49.74
N LYS A 140 26.43 -3.95 50.53
CA LYS A 140 25.55 -4.76 51.38
C LYS A 140 25.84 -4.52 52.85
N LEU A 141 24.78 -4.36 53.64
CA LEU A 141 24.88 -4.17 55.08
C LEU A 141 24.94 -5.55 55.73
N ILE A 142 26.06 -5.85 56.37
CA ILE A 142 26.33 -7.21 56.89
C ILE A 142 26.33 -7.32 58.42
N SER A 143 26.16 -6.21 59.13
CA SER A 143 25.97 -6.24 60.59
C SER A 143 24.62 -6.84 60.99
N ASN A 144 24.50 -7.18 62.27
CA ASN A 144 23.25 -7.73 62.80
C ASN A 144 22.26 -6.59 63.08
N PRO A 145 20.97 -6.93 63.25
CA PRO A 145 19.97 -5.92 63.66
C PRO A 145 20.31 -5.25 64.99
N GLY A 146 20.33 -3.91 64.99
CA GLY A 146 20.60 -3.13 66.21
C GLY A 146 22.05 -2.79 66.51
N GLU A 147 22.99 -3.33 65.73
CA GLU A 147 24.42 -3.08 65.93
C GLU A 147 24.87 -1.94 65.05
N VAL A 148 26.06 -1.40 65.31
CA VAL A 148 26.61 -0.34 64.46
C VAL A 148 26.79 -0.89 63.05
N GLU A 149 26.51 -0.03 62.06
CA GLU A 149 26.53 -0.45 60.66
C GLU A 149 27.93 -0.88 60.24
N ARG A 150 28.02 -2.05 59.61
CA ARG A 150 29.22 -2.52 58.93
C ARG A 150 28.83 -2.93 57.51
N LYS A 151 29.69 -2.62 56.55
CA LYS A 151 29.40 -2.81 55.14
C LYS A 151 30.53 -3.47 54.37
N LYS A 152 30.17 -4.16 53.30
CA LYS A 152 31.10 -4.61 52.26
C LYS A 152 30.48 -4.29 50.89
N GLY A 153 31.33 -4.09 49.90
CA GLY A 153 30.89 -3.84 48.52
C GLY A 153 30.77 -5.11 47.72
N ILE A 154 29.85 -5.11 46.74
CA ILE A 154 29.81 -6.15 45.71
C ILE A 154 29.72 -5.55 44.31
N PHE A 155 30.21 -6.32 43.33
CA PHE A 155 29.98 -6.01 41.91
C PHE A 155 28.65 -6.64 41.51
N ALA A 156 27.92 -5.95 40.64
CA ALA A 156 26.63 -6.44 40.14
C ALA A 156 26.41 -5.95 38.71
N ASN A 157 25.57 -6.66 37.97
CA ASN A 157 25.21 -6.28 36.60
C ASN A 157 23.81 -5.70 36.52
N LEU A 158 22.83 -6.39 37.12
CA LEU A 158 21.41 -6.03 37.03
C LEU A 158 20.70 -6.13 38.39
N ILE A 159 19.90 -5.09 38.71
CA ILE A 159 19.02 -5.08 39.87
C ILE A 159 17.57 -4.89 39.39
N ILE A 160 16.72 -5.90 39.55
CA ILE A 160 15.31 -5.81 39.16
C ILE A 160 14.41 -5.49 40.36
N PHE A 161 13.79 -4.30 40.33
CA PHE A 161 12.75 -3.88 41.28
C PHE A 161 11.34 -4.22 40.78
N GLY A 162 10.37 -4.11 41.69
CA GLY A 162 8.96 -4.05 41.32
C GLY A 162 8.65 -2.70 40.67
N PRO A 163 7.37 -2.49 40.31
CA PRO A 163 6.98 -1.27 39.59
C PRO A 163 7.07 0.02 40.40
N GLY A 164 7.13 1.14 39.69
CA GLY A 164 6.84 2.46 40.26
C GLY A 164 5.33 2.66 40.27
N PRO A 165 4.85 3.91 40.33
CA PRO A 165 3.41 4.23 40.36
C PRO A 165 2.55 3.59 39.26
N VAL A 166 3.06 3.51 38.04
CA VAL A 166 2.35 2.91 36.93
C VAL A 166 2.80 1.46 36.81
N LEU A 167 1.94 0.53 37.22
CA LEU A 167 2.30 -0.88 37.24
C LEU A 167 2.74 -1.40 35.87
N ASN A 168 2.08 -0.96 34.80
CA ASN A 168 2.33 -1.52 33.46
C ASN A 168 3.43 -0.80 32.65
N GLU A 169 4.11 0.18 33.24
CA GLU A 169 5.18 0.96 32.59
C GLU A 169 6.55 0.39 32.99
N ASN A 170 6.87 -0.77 32.43
CA ASN A 170 8.19 -1.40 32.62
C ASN A 170 9.27 -0.53 31.98
N GLU A 171 10.45 -0.50 32.61
CA GLU A 171 11.50 0.44 32.21
C GLU A 171 12.87 -0.03 32.69
N THR A 172 13.87 0.12 31.82
CA THR A 172 15.27 -0.18 32.13
C THR A 172 16.04 1.15 32.18
N ILE A 173 16.99 1.26 33.11
CA ILE A 173 17.59 2.54 33.48
C ILE A 173 19.10 2.40 33.71
N ASP A 174 19.86 3.36 33.17
CA ASP A 174 21.30 3.43 33.38
C ASP A 174 21.65 4.60 34.31
N ILE A 175 22.89 4.58 34.81
CA ILE A 175 23.37 5.54 35.82
C ILE A 175 24.24 6.64 35.22
N GLY A 176 23.89 7.89 35.53
CA GLY A 176 24.64 9.06 35.14
C GLY A 176 25.33 9.71 36.35
N ILE A 177 26.58 10.12 36.17
CA ILE A 177 27.34 10.83 37.20
C ILE A 177 27.97 12.05 36.53
N GLN A 178 27.81 13.23 37.14
CA GLN A 178 28.33 14.49 36.59
C GLN A 178 27.96 14.64 35.10
N ASN A 179 26.69 14.38 34.80
CA ASN A 179 26.11 14.50 33.45
C ASN A 179 26.72 13.65 32.34
N HIS A 180 27.29 12.49 32.68
CA HIS A 180 27.74 11.51 31.68
C HIS A 180 27.38 10.09 32.11
N PHE A 181 27.20 9.23 31.12
CA PHE A 181 26.66 7.89 31.33
C PHE A 181 27.65 6.84 30.83
N ALA A 182 28.24 6.09 31.76
CA ALA A 182 29.19 5.01 31.44
C ALA A 182 28.60 3.93 30.54
N SER A 183 27.30 3.67 30.67
CA SER A 183 26.62 2.71 29.79
C SER A 183 26.44 3.19 28.33
N ARG A 184 26.72 4.46 28.05
CA ARG A 184 26.65 5.02 26.69
C ARG A 184 28.03 5.32 26.07
N GLU A 185 29.11 5.03 26.80
CA GLU A 185 30.46 5.43 26.37
C GLU A 185 31.47 4.27 26.34
N GLY A 186 31.00 3.04 26.17
CA GLY A 186 31.86 1.86 26.04
C GLY A 186 32.21 1.09 27.32
N PHE A 187 32.07 1.73 28.47
CA PHE A 187 32.47 1.14 29.76
C PHE A 187 31.46 0.10 30.24
N GLY A 188 30.19 0.47 30.18
CA GLY A 188 29.15 -0.29 30.85
C GLY A 188 28.96 0.20 32.28
N GLY A 189 27.93 -0.33 32.94
CA GLY A 189 27.59 0.03 34.31
C GLY A 189 26.37 -0.70 34.82
N ILE A 190 26.18 -0.67 36.14
CA ILE A 190 25.06 -1.37 36.78
C ILE A 190 23.73 -0.89 36.16
N MET A 191 22.90 -1.86 35.75
CA MET A 191 21.59 -1.55 35.19
C MET A 191 20.50 -1.85 36.22
N GLN A 192 19.41 -1.10 36.14
CA GLN A 192 18.26 -1.27 37.02
C GLN A 192 16.99 -1.36 36.18
N MET A 193 16.03 -2.14 36.66
CA MET A 193 14.75 -2.33 35.98
C MET A 193 13.60 -2.22 36.96
N LYS A 194 12.50 -1.61 36.51
CA LYS A 194 11.23 -1.73 37.23
C LYS A 194 10.29 -2.59 36.39
N PHE A 195 9.75 -3.66 36.99
CA PHE A 195 9.03 -4.70 36.26
C PHE A 195 7.82 -5.22 37.03
N CYS A 196 6.78 -5.61 36.29
CA CYS A 196 5.54 -6.14 36.85
C CYS A 196 5.04 -7.27 35.95
N PRO A 197 5.03 -8.51 36.45
CA PRO A 197 4.67 -9.63 35.56
C PRO A 197 3.18 -9.80 35.21
N GLU A 198 2.26 -9.36 36.07
CA GLU A 198 0.82 -9.68 35.89
C GLU A 198 0.02 -8.69 35.06
N TYR A 199 0.44 -7.43 35.01
CA TYR A 199 -0.31 -6.40 34.30
C TYR A 199 0.31 -6.16 32.92
N VAL A 200 -0.21 -6.90 31.94
CA VAL A 200 0.40 -6.99 30.61
C VAL A 200 -0.32 -6.16 29.55
N SER A 201 0.42 -5.80 28.51
CA SER A 201 -0.09 -5.05 27.36
C SER A 201 -0.98 -5.92 26.47
N VAL A 202 -1.86 -5.25 25.72
CA VAL A 202 -2.79 -5.92 24.81
C VAL A 202 -2.68 -5.26 23.45
N PHE A 203 -2.74 -6.06 22.40
CA PHE A 203 -2.62 -5.60 21.01
C PHE A 203 -3.60 -6.33 20.11
N ASN A 204 -3.73 -5.85 18.87
CA ASN A 204 -4.59 -6.47 17.86
C ASN A 204 -3.82 -6.73 16.59
N ASN A 205 -4.43 -7.42 15.62
CA ASN A 205 -3.84 -7.66 14.31
C ASN A 205 -4.85 -7.32 13.19
N VAL A 206 -5.25 -6.05 13.13
CA VAL A 206 -6.19 -5.57 12.12
C VAL A 206 -5.56 -5.67 10.72
N GLN A 207 -4.31 -5.22 10.62
CA GLN A 207 -3.54 -5.26 9.36
C GLN A 207 -3.24 -6.67 8.79
N GLU A 208 -3.28 -7.70 9.65
CA GLU A 208 -2.91 -9.08 9.28
C GLU A 208 -4.02 -9.78 8.47
N ASN A 209 -3.68 -10.22 7.25
CA ASN A 209 -4.60 -10.96 6.37
C ASN A 209 -4.37 -12.49 6.43
N LYS A 210 -4.25 -13.03 7.65
CA LYS A 210 -4.07 -14.47 7.87
CA LYS A 210 -4.09 -14.45 7.89
C LYS A 210 -5.10 -14.97 8.87
C LYS A 210 -4.45 -14.74 9.35
N GLY A 211 -4.94 -14.60 10.14
N GLY A 211 -5.48 -14.06 9.83
CA GLY A 211 -5.89 -14.96 11.19
CA GLY A 211 -5.94 -14.24 11.21
C GLY A 211 -6.44 -13.74 11.90
C GLY A 211 -7.17 -13.41 11.57
N ALA A 212 -7.72 -13.46 11.73
N ALA A 212 -7.86 -13.84 12.62
CA ALA A 212 -8.34 -12.27 12.31
CA ALA A 212 -9.02 -13.12 13.14
C ALA A 212 -9.50 -12.62 13.25
C ALA A 212 -8.58 -12.05 14.12
N SER A 213 -9.33 -13.71 14.02
N SER A 213 -9.51 -11.17 14.52
CA SER A 213 -10.37 -14.20 14.93
CA SER A 213 -9.20 -10.13 15.49
C SER A 213 -10.38 -13.51 16.30
C SER A 213 -9.99 -10.34 16.79
N ILE A 214 -11.53 -12.93 16.65
N ILE A 214 -10.90 -11.32 16.78
CA ILE A 214 -11.72 -12.20 17.90
CA ILE A 214 -11.57 -11.78 18.00
C ILE A 214 -13.19 -11.80 17.94
C ILE A 214 -13.12 -11.68 17.96
N PHE A 215 -13.75 -11.55 19.13
CA PHE A 215 -15.21 -11.36 19.29
C PHE A 215 -15.56 -10.19 20.22
N ASN A 216 -15.20 -8.98 19.80
CA ASN A 216 -15.50 -7.69 20.47
C ASN A 216 -14.67 -7.38 21.74
N ARG A 217 -14.57 -8.34 22.68
CA ARG A 217 -13.48 -8.34 23.69
C ARG A 217 -12.21 -8.68 22.91
N ARG A 218 -11.62 -7.64 22.28
CA ARG A 218 -10.82 -7.81 21.05
C ARG A 218 -9.31 -7.89 21.28
N GLY A 219 -8.65 -8.74 20.50
CA GLY A 219 -7.20 -8.80 20.44
C GLY A 219 -6.53 -9.86 21.30
N TYR A 220 -5.24 -9.65 21.54
CA TYR A 220 -4.37 -10.63 22.19
C TYR A 220 -3.64 -9.99 23.35
N PHE A 221 -3.38 -10.77 24.40
CA PHE A 221 -2.57 -10.30 25.52
C PHE A 221 -1.15 -10.87 25.43
N SER A 222 -0.19 -10.12 25.96
CA SER A 222 1.23 -10.46 25.85
C SER A 222 1.70 -11.50 26.87
N ASP A 223 2.74 -12.25 26.50
CA ASP A 223 3.41 -13.20 27.40
C ASP A 223 4.41 -12.40 28.24
N PRO A 224 4.32 -12.47 29.59
CA PRO A 224 5.27 -11.71 30.42
C PRO A 224 6.76 -12.04 30.20
N ALA A 225 7.05 -13.27 29.80
CA ALA A 225 8.42 -13.68 29.49
C ALA A 225 9.03 -12.89 28.34
N LEU A 226 8.22 -12.58 27.31
CA LEU A 226 8.69 -11.77 26.18
C LEU A 226 8.88 -10.32 26.60
N ILE A 227 7.93 -9.80 27.38
CA ILE A 227 8.02 -8.44 27.91
C ILE A 227 9.33 -8.28 28.70
N LEU A 228 9.65 -9.28 29.52
CA LEU A 228 10.88 -9.30 30.32
C LEU A 228 12.11 -9.38 29.43
N MET A 229 12.11 -10.32 28.48
CA MET A 229 13.23 -10.44 27.52
C MET A 229 13.48 -9.17 26.72
N HIS A 230 12.43 -8.43 26.40
CA HIS A 230 12.55 -7.15 25.69
C HIS A 230 13.37 -6.17 26.55
N GLN A 231 13.01 -6.01 27.83
CA GLN A 231 13.78 -5.13 28.73
C GLN A 231 15.21 -5.65 28.93
N LEU A 232 15.39 -6.97 28.98
CA LEU A 232 16.72 -7.59 29.13
C LEU A 232 17.67 -7.27 27.95
N ILE A 233 17.11 -6.99 26.78
CA ILE A 233 17.92 -6.56 25.65
C ILE A 233 18.47 -5.13 25.90
N TYR A 234 17.67 -4.25 26.49
CA TYR A 234 18.15 -2.91 26.87
C TYR A 234 19.25 -3.02 27.95
N VAL A 235 19.11 -4.00 28.85
CA VAL A 235 20.10 -4.30 29.89
C VAL A 235 21.43 -4.74 29.26
N LEU A 236 21.35 -5.66 28.30
CA LEU A 236 22.54 -6.17 27.58
C LEU A 236 23.32 -5.02 26.93
N HIS A 237 22.62 -4.17 26.18
CA HIS A 237 23.26 -3.02 25.52
C HIS A 237 23.96 -2.11 26.55
N GLY A 238 23.27 -1.85 27.65
CA GLY A 238 23.79 -1.00 28.72
C GLY A 238 25.03 -1.55 29.44
N LEU A 239 25.14 -2.88 29.52
CA LEU A 239 26.30 -3.53 30.14
C LEU A 239 27.55 -3.50 29.26
N TYR A 240 27.37 -3.65 27.95
CA TYR A 240 28.46 -3.52 26.97
C TYR A 240 28.83 -2.07 26.61
N GLY A 241 28.05 -1.10 27.09
CA GLY A 241 28.39 0.31 26.91
C GLY A 241 27.94 0.90 25.59
N ILE A 242 26.95 0.27 24.95
CA ILE A 242 26.49 0.66 23.62
C ILE A 242 25.06 1.21 23.60
N LYS A 243 24.57 1.70 24.74
CA LYS A 243 23.24 2.34 24.77
C LYS A 243 23.30 3.58 23.89
N VAL A 244 22.37 3.66 22.94
CA VAL A 244 22.46 4.61 21.84
C VAL A 244 22.15 6.04 22.28
N ASP A 245 23.01 6.96 21.86
CA ASP A 245 22.77 8.39 21.95
C ASP A 245 23.21 9.06 20.64
N ASP A 246 22.26 9.18 19.71
CA ASP A 246 22.47 9.76 18.36
C ASP A 246 21.18 10.54 17.98
N LEU A 247 20.85 10.67 16.69
CA LEU A 247 19.71 11.46 16.26
C LEU A 247 18.41 10.65 16.49
N PRO A 248 17.44 11.22 17.24
CA PRO A 248 16.22 10.46 17.47
C PRO A 248 15.09 10.78 16.50
N ILE A 249 14.16 9.83 16.38
CA ILE A 249 12.87 10.06 15.74
C ILE A 249 12.04 10.88 16.72
N VAL A 250 11.52 12.01 16.24
CA VAL A 250 10.81 12.99 17.06
C VAL A 250 9.51 13.33 16.32
N PRO A 251 8.34 13.21 17.00
CA PRO A 251 7.08 13.44 16.30
C PRO A 251 6.82 14.92 16.01
N ASN A 252 6.25 15.20 14.85
CA ASN A 252 5.74 16.54 14.52
C ASN A 252 4.52 16.77 15.41
N GLU A 253 4.36 17.99 15.91
CA GLU A 253 3.22 18.33 16.80
C GLU A 253 2.58 19.70 16.48
N LYS A 254 2.71 20.17 15.25
CA LYS A 254 2.18 21.48 14.87
C LYS A 254 0.66 21.50 14.58
N LYS A 255 0.05 20.32 14.40
CA LYS A 255 -1.40 20.21 14.13
C LYS A 255 -2.12 19.39 15.20
N PHE A 256 -3.42 19.64 15.34
CA PHE A 256 -4.25 19.00 16.37
C PHE A 256 -4.34 17.46 16.24
N PHE A 257 -4.20 16.95 15.02
CA PHE A 257 -4.35 15.52 14.74
C PHE A 257 -3.06 14.69 14.87
N MET A 258 -1.96 15.33 15.29
CA MET A 258 -0.65 14.67 15.38
C MET A 258 -0.41 14.10 16.78
N GLN A 259 -0.03 12.83 16.85
CA GLN A 259 0.23 12.13 18.11
C GLN A 259 1.44 12.73 18.82
N SER A 260 1.37 12.75 20.15
CA SER A 260 2.41 13.25 21.02
C SER A 260 3.10 12.09 21.75
N THR A 261 4.43 12.03 21.63
CA THR A 261 5.30 11.05 22.33
C THR A 261 6.65 11.68 22.68
N ASP A 262 7.46 10.94 23.40
CA ASP A 262 8.85 11.33 23.60
C ASP A 262 9.68 11.00 22.37
N ALA A 263 10.90 11.53 22.37
CA ALA A 263 11.90 11.21 21.38
C ALA A 263 12.24 9.73 21.48
N ILE A 264 12.53 9.13 20.33
CA ILE A 264 12.76 7.70 20.22
C ILE A 264 14.16 7.51 19.63
N GLN A 265 15.08 7.06 20.47
CA GLN A 265 16.41 6.71 20.00
C GLN A 265 16.34 5.48 19.08
N ALA A 266 17.30 5.38 18.16
CA ALA A 266 17.42 4.23 17.27
C ALA A 266 17.40 2.88 17.99
N GLU A 267 17.92 2.82 19.21
CA GLU A 267 17.94 1.59 20.01
C GLU A 267 16.58 0.95 20.22
N GLU A 268 15.56 1.78 20.49
CA GLU A 268 14.23 1.27 20.71
C GLU A 268 13.71 0.54 19.48
N LEU A 269 14.00 1.08 18.29
CA LEU A 269 13.58 0.42 17.05
C LEU A 269 14.46 -0.80 16.72
N TYR A 270 15.77 -0.72 17.01
CA TYR A 270 16.63 -1.92 16.88
C TYR A 270 16.17 -3.06 17.79
N THR A 271 15.80 -2.70 19.01
CA THR A 271 15.40 -3.68 20.01
C THR A 271 14.07 -4.39 19.67
N PHE A 272 13.12 -3.65 19.11
CA PHE A 272 11.90 -4.28 18.58
C PHE A 272 12.18 -5.19 17.39
N GLY A 273 12.97 -4.69 16.44
CA GLY A 273 13.30 -5.45 15.22
C GLY A 273 12.18 -5.40 14.19
N GLY A 274 12.03 -6.49 13.45
CA GLY A 274 11.12 -6.56 12.30
C GLY A 274 11.29 -5.42 11.29
N GLN A 275 10.18 -4.81 10.92
CA GLN A 275 10.13 -3.60 10.09
C GLN A 275 10.93 -2.38 10.60
N ASP A 276 10.93 -2.17 11.91
CA ASP A 276 11.23 -0.85 12.48
C ASP A 276 12.65 -0.26 12.34
N PRO A 277 13.70 -1.11 12.22
CA PRO A 277 15.04 -0.59 11.91
C PRO A 277 15.17 0.19 10.60
N SER A 278 14.31 -0.09 9.61
CA SER A 278 14.27 0.67 8.35
C SER A 278 13.87 2.14 8.50
N ILE A 279 13.31 2.52 9.65
CA ILE A 279 13.03 3.93 9.99
C ILE A 279 14.30 4.69 10.43
N ILE A 280 15.33 3.95 10.82
CA ILE A 280 16.64 4.50 11.06
C ILE A 280 17.42 4.43 9.75
N THR A 281 17.72 5.61 9.18
CA THR A 281 18.41 5.72 7.89
C THR A 281 19.78 5.06 7.92
N PRO A 282 20.29 4.60 6.75
CA PRO A 282 21.68 4.13 6.69
C PRO A 282 22.71 5.17 7.17
N SER A 283 22.47 6.46 6.89
CA SER A 283 23.31 7.55 7.39
C SER A 283 23.47 7.44 8.93
N THR A 284 22.34 7.33 9.62
CA THR A 284 22.32 7.25 11.08
C THR A 284 22.81 5.88 11.60
N ASP A 285 22.48 4.80 10.90
CA ASP A 285 23.02 3.47 11.23
C ASP A 285 24.55 3.53 11.35
N LYS A 286 25.19 4.19 10.38
CA LYS A 286 26.64 4.33 10.31
C LYS A 286 27.20 5.32 11.32
N SER A 287 26.47 6.40 11.59
CA SER A 287 26.87 7.34 12.65
C SER A 287 27.00 6.66 14.02
N ILE A 288 26.04 5.76 14.31
CA ILE A 288 26.05 4.98 15.55
C ILE A 288 27.19 3.96 15.57
N TYR A 289 27.33 3.16 14.51
CA TYR A 289 28.43 2.19 14.36
C TYR A 289 29.79 2.83 14.65
N ASP A 290 30.03 3.98 14.04
CA ASP A 290 31.27 4.72 14.18
C ASP A 290 31.53 5.19 15.61
N LYS A 291 30.48 5.60 16.33
CA LYS A 291 30.66 6.12 17.69
C LYS A 291 30.96 5.01 18.71
N VAL A 292 30.30 3.87 18.54
CA VAL A 292 30.56 2.70 19.36
C VAL A 292 32.00 2.24 19.19
N LEU A 293 32.45 2.17 17.93
CA LEU A 293 33.83 1.76 17.60
C LEU A 293 34.86 2.67 18.28
N GLN A 294 34.65 3.97 18.18
CA GLN A 294 35.55 4.96 18.78
C GLN A 294 35.58 4.85 20.31
N ASN A 295 34.42 4.59 20.92
CA ASN A 295 34.35 4.28 22.35
C ASN A 295 35.14 3.01 22.69
N PHE A 296 34.99 1.97 21.87
CA PHE A 296 35.74 0.71 22.05
C PHE A 296 37.25 0.91 21.89
N ARG A 297 37.66 1.79 20.97
CA ARG A 297 39.07 2.20 20.83
C ARG A 297 39.61 2.84 22.12
N GLY A 298 38.79 3.66 22.78
CA GLY A 298 39.10 4.17 24.12
C GLY A 298 39.36 3.05 25.14
N ILE A 299 38.59 1.97 25.06
CA ILE A 299 38.74 0.83 25.97
C ILE A 299 40.02 -0.01 25.75
N VAL A 300 40.41 -0.33 24.50
CA VAL A 300 41.72 -1.03 24.26
C VAL A 300 42.90 -0.23 24.76
N ASP A 301 42.93 1.06 24.46
CA ASP A 301 44.00 1.95 24.91
C ASP A 301 44.13 1.95 26.45
N ARG A 302 42.99 1.91 27.14
CA ARG A 302 42.98 1.79 28.60
C ARG A 302 43.57 0.47 29.09
N LEU A 303 43.19 -0.64 28.46
CA LEU A 303 43.72 -1.95 28.82
C LEU A 303 45.23 -2.07 28.59
N ASN A 304 45.75 -1.40 27.56
CA ASN A 304 47.18 -1.33 27.31
C ASN A 304 47.95 -0.47 28.32
N LYS A 305 47.27 0.48 28.95
CA LYS A 305 47.89 1.43 29.89
C LYS A 305 47.65 1.16 31.37
N VAL A 306 46.68 0.31 31.70
CA VAL A 306 46.28 0.09 33.10
C VAL A 306 47.41 -0.58 33.89
N LEU A 307 47.79 0.04 35.00
CA LEU A 307 48.87 -0.44 35.89
C LEU A 307 48.37 -0.88 37.27
N VAL A 308 47.45 -0.10 37.86
CA VAL A 308 47.04 -0.27 39.26
C VAL A 308 45.54 -0.12 39.49
N CYS A 309 45.06 -0.68 40.60
CA CYS A 309 43.72 -0.40 41.14
C CYS A 309 43.86 0.26 42.52
N ILE A 310 43.58 1.56 42.55
CA ILE A 310 43.68 2.38 43.78
C ILE A 310 42.67 2.06 44.88
N SER A 311 41.50 1.56 44.51
CA SER A 311 40.35 1.43 45.43
C SER A 311 40.21 0.06 46.09
N ASP A 312 40.79 -0.97 45.46
CA ASP A 312 40.74 -2.34 45.97
C ASP A 312 42.09 -3.01 45.67
N PRO A 313 42.89 -3.29 46.73
CA PRO A 313 44.21 -3.92 46.51
C PRO A 313 44.19 -5.44 46.20
N ASN A 314 43.03 -6.10 46.32
CA ASN A 314 42.91 -7.53 45.97
C ASN A 314 42.56 -7.81 44.51
N ILE A 315 42.34 -6.76 43.72
CA ILE A 315 42.08 -6.90 42.29
C ILE A 315 43.37 -7.33 41.60
N ASN A 316 43.35 -8.48 40.95
CA ASN A 316 44.46 -8.90 40.09
C ASN A 316 44.29 -8.23 38.72
N ILE A 317 45.25 -7.38 38.39
CA ILE A 317 45.19 -6.53 37.20
C ILE A 317 45.11 -7.39 35.94
N ASN A 318 45.88 -8.47 35.89
CA ASN A 318 45.91 -9.34 34.72
C ASN A 318 44.67 -10.23 34.55
N ILE A 319 44.06 -10.66 35.66
CA ILE A 319 42.78 -11.40 35.60
C ILE A 319 41.71 -10.57 34.89
N TYR A 320 41.57 -9.31 35.30
CA TYR A 320 40.57 -8.41 34.74
C TYR A 320 40.90 -7.97 33.31
N LYS A 321 42.18 -7.79 32.99
CA LYS A 321 42.58 -7.51 31.61
C LYS A 321 42.12 -8.62 30.67
N ASN A 322 42.33 -9.88 31.05
CA ASN A 322 41.92 -11.02 30.21
C ASN A 322 40.40 -11.20 30.12
N LYS A 323 39.67 -10.79 31.17
CA LYS A 323 38.21 -10.81 31.15
C LYS A 323 37.64 -9.77 30.19
N PHE A 324 38.13 -8.53 30.29
CA PHE A 324 37.69 -7.46 29.38
C PHE A 324 38.12 -7.68 27.94
N LYS A 325 39.30 -8.30 27.73
CA LYS A 325 39.72 -8.75 26.40
C LYS A 325 38.66 -9.66 25.76
N ASP A 326 38.18 -10.63 26.55
CA ASP A 326 37.15 -11.58 26.12
C ASP A 326 35.76 -10.94 25.90
N LYS A 327 35.34 -10.06 26.83
CA LYS A 327 34.07 -9.33 26.73
C LYS A 327 33.91 -8.60 25.40
N TYR A 328 34.86 -7.73 25.12
CA TYR A 328 34.85 -6.86 23.93
C TYR A 328 35.49 -7.50 22.67
N LYS A 329 35.97 -8.74 22.77
CA LYS A 329 36.58 -9.49 21.65
C LYS A 329 37.79 -8.81 21.01
N PHE A 330 38.67 -8.28 21.86
CA PHE A 330 39.97 -7.79 21.40
C PHE A 330 40.90 -8.98 21.14
N VAL A 331 41.97 -8.74 20.38
CA VAL A 331 42.99 -9.75 20.09
C VAL A 331 44.36 -9.35 20.65
N GLU A 332 45.20 -10.36 20.89
CA GLU A 332 46.51 -10.19 21.55
C GLU A 332 47.65 -10.63 20.64
N ASP A 333 48.65 -9.76 20.48
CA ASP A 333 49.87 -10.10 19.72
C ASP A 333 50.90 -10.84 20.59
N SER A 334 52.02 -11.23 19.98
CA SER A 334 53.10 -11.94 20.68
C SER A 334 53.71 -11.17 21.88
N GLU A 335 53.74 -9.84 21.78
CA GLU A 335 54.26 -8.96 22.85
C GLU A 335 53.20 -8.57 23.90
N GLY A 336 51.97 -9.06 23.76
CA GLY A 336 50.92 -8.85 24.76
C GLY A 336 50.16 -7.53 24.69
N LYS A 337 50.26 -6.81 23.57
CA LYS A 337 49.45 -5.61 23.35
C LYS A 337 48.09 -6.01 22.74
N TYR A 338 47.04 -5.29 23.15
CA TYR A 338 45.68 -5.52 22.64
C TYR A 338 45.34 -4.56 21.50
N SER A 339 44.52 -5.05 20.58
CA SER A 339 43.99 -4.24 19.47
C SER A 339 42.58 -4.70 19.03
N ILE A 340 41.95 -3.89 18.19
CA ILE A 340 40.65 -4.24 17.61
C ILE A 340 40.81 -4.92 16.24
N ASP A 341 40.39 -6.19 16.17
CA ASP A 341 40.16 -6.89 14.91
C ASP A 341 38.79 -6.46 14.33
N VAL A 342 38.82 -5.82 13.17
CA VAL A 342 37.61 -5.23 12.56
C VAL A 342 36.54 -6.28 12.17
N GLU A 343 36.96 -7.50 11.83
CA GLU A 343 36.02 -8.60 11.54
C GLU A 343 35.23 -9.01 12.77
N SER A 344 35.90 -9.17 13.91
CA SER A 344 35.22 -9.64 15.13
C SER A 344 34.46 -8.53 15.89
N PHE A 345 34.83 -7.26 15.69
CA PHE A 345 33.99 -6.13 16.14
C PHE A 345 32.65 -6.12 15.40
N ASP A 346 32.73 -6.20 14.07
CA ASP A 346 31.56 -6.24 13.19
C ASP A 346 30.56 -7.35 13.61
N LYS A 347 31.07 -8.55 13.90
CA LYS A 347 30.22 -9.68 14.28
C LYS A 347 29.59 -9.48 15.66
N LEU A 348 30.37 -8.95 16.61
CA LEU A 348 29.86 -8.65 17.95
C LEU A 348 28.82 -7.54 17.92
N TYR A 349 29.13 -6.43 17.25
CA TYR A 349 28.21 -5.30 17.16
C TYR A 349 26.87 -5.71 16.57
N LYS A 350 26.91 -6.51 15.52
CA LYS A 350 25.68 -6.93 14.85
C LYS A 350 24.86 -7.91 15.70
N SER A 351 25.55 -8.78 16.44
CA SER A 351 24.85 -9.73 17.31
C SER A 351 24.16 -9.02 18.50
N LEU A 352 24.81 -7.99 19.06
CA LEU A 352 24.21 -7.22 20.16
C LEU A 352 23.02 -6.35 19.72
N MET A 353 23.17 -5.68 18.58
CA MET A 353 22.17 -4.70 18.08
C MET A 353 21.05 -5.30 17.24
N PHE A 354 21.35 -6.29 16.42
CA PHE A 354 20.36 -6.87 15.50
C PHE A 354 20.07 -8.36 15.74
N GLY A 355 20.77 -9.01 16.66
CA GLY A 355 20.61 -10.44 16.89
C GLY A 355 19.48 -10.69 17.85
N PHE A 356 19.61 -10.13 19.05
CA PHE A 356 18.54 -10.18 20.03
C PHE A 356 17.53 -9.07 19.76
N THR A 357 16.36 -9.46 19.28
CA THR A 357 15.22 -8.53 19.12
C THR A 357 13.94 -9.18 19.62
N GLU A 358 12.93 -8.36 19.94
CA GLU A 358 11.61 -8.84 20.34
C GLU A 358 10.99 -9.73 19.25
N THR A 359 11.10 -9.31 18.00
CA THR A 359 10.57 -10.06 16.84
C THR A 359 11.27 -11.42 16.67
N ASN A 360 12.60 -11.45 16.76
CA ASN A 360 13.36 -12.71 16.65
C ASN A 360 12.99 -13.68 17.75
N ILE A 361 12.99 -13.18 18.99
CA ILE A 361 12.64 -13.97 20.18
C ILE A 361 11.20 -14.48 20.12
N ALA A 362 10.26 -13.59 19.80
CA ALA A 362 8.85 -13.95 19.68
C ALA A 362 8.63 -15.14 18.73
N GLU A 363 9.27 -15.07 17.56
CA GLU A 363 9.18 -16.16 16.58
C GLU A 363 9.81 -17.46 17.08
N ASN A 364 10.99 -17.37 17.68
CA ASN A 364 11.70 -18.54 18.20
C ASN A 364 10.95 -19.26 19.35
N TYR A 365 10.29 -18.49 20.20
CA TYR A 365 9.49 -19.03 21.32
C TYR A 365 8.01 -19.30 20.97
N LYS A 366 7.59 -19.01 19.74
CA LYS A 366 6.21 -19.20 19.29
C LYS A 366 5.19 -18.41 20.14
N ILE A 367 5.55 -17.16 20.42
CA ILE A 367 4.73 -16.21 21.18
C ILE A 367 4.27 -15.14 20.21
N LYS A 368 2.98 -14.78 20.27
CA LYS A 368 2.49 -13.70 19.44
C LYS A 368 2.80 -12.38 20.10
N THR A 369 3.25 -11.42 19.30
CA THR A 369 3.40 -10.03 19.74
C THR A 369 2.94 -9.13 18.61
N ARG A 370 2.92 -7.82 18.84
CA ARG A 370 2.46 -6.85 17.84
C ARG A 370 3.39 -6.73 16.63
N ALA A 371 2.90 -6.08 15.57
CA ALA A 371 3.62 -6.03 14.29
C ALA A 371 4.74 -4.98 14.27
N SER A 372 4.59 -3.91 15.05
CA SER A 372 5.57 -2.82 15.03
C SER A 372 5.47 -1.95 16.27
N TYR A 373 6.58 -1.31 16.62
CA TYR A 373 6.62 -0.24 17.61
C TYR A 373 5.50 0.78 17.37
N PHE A 374 5.14 1.04 16.11
CA PHE A 374 4.18 2.08 15.77
C PHE A 374 2.70 1.65 15.67
N SER A 375 2.38 0.39 16.02
CA SER A 375 0.97 -0.08 16.03
C SER A 375 0.24 0.32 17.31
N ASP A 376 -1.09 0.29 17.24
CA ASP A 376 -1.95 0.73 18.34
C ASP A 376 -1.91 -0.25 19.52
N SER A 377 -2.08 0.29 20.73
CA SER A 377 -2.15 -0.50 21.96
C SER A 377 -3.55 -0.41 22.54
N LEU A 378 -4.01 -1.51 23.10
CA LEU A 378 -5.27 -1.58 23.83
C LEU A 378 -4.97 -1.54 25.34
N PRO A 379 -6.01 -1.31 26.18
CA PRO A 379 -5.73 -1.22 27.63
C PRO A 379 -5.18 -2.51 28.21
N PRO A 380 -4.35 -2.43 29.26
CA PRO A 380 -3.77 -3.65 29.84
C PRO A 380 -4.82 -4.54 30.51
N VAL A 381 -4.46 -5.81 30.70
CA VAL A 381 -5.27 -6.75 31.47
C VAL A 381 -4.44 -7.35 32.61
N LYS A 382 -5.12 -8.03 33.54
CA LYS A 382 -4.46 -8.69 34.65
C LYS A 382 -4.50 -10.20 34.43
N ILE A 383 -3.33 -10.84 34.45
CA ILE A 383 -3.27 -12.30 34.37
C ILE A 383 -3.58 -12.85 35.76
N LYS A 384 -4.59 -13.73 35.84
CA LYS A 384 -5.10 -14.28 37.11
C LYS A 384 -4.03 -14.94 37.98
N ASN A 385 -3.39 -15.98 37.44
CA ASN A 385 -2.37 -16.71 38.18
C ASN A 385 -1.30 -17.35 37.27
N LEU A 386 -0.16 -16.66 37.16
CA LEU A 386 1.00 -17.18 36.40
C LEU A 386 1.64 -18.41 37.05
N LEU A 387 1.38 -18.62 38.34
CA LEU A 387 1.90 -19.78 39.07
C LEU A 387 1.02 -21.04 38.95
N ASP A 388 -0.04 -21.00 38.15
CA ASP A 388 -0.89 -22.16 37.88
C ASP A 388 -0.56 -22.76 36.49
N ASN A 389 -0.01 -23.97 36.47
CA ASN A 389 0.35 -24.65 35.22
C ASN A 389 -0.83 -25.04 34.30
N GLU A 390 -2.08 -24.91 34.76
CA GLU A 390 -3.24 -25.07 33.88
C GLU A 390 -3.34 -23.90 32.88
N ILE A 391 -2.88 -22.71 33.30
CA ILE A 391 -2.92 -21.48 32.52
C ILE A 391 -1.60 -21.18 31.79
N TYR A 392 -0.48 -21.28 32.51
CA TYR A 392 0.84 -20.80 32.04
C TYR A 392 1.96 -21.73 32.51
N THR A 393 2.77 -22.23 31.57
CA THR A 393 3.90 -23.13 31.89
C THR A 393 5.26 -22.61 31.43
N ILE A 394 6.31 -23.18 32.01
CA ILE A 394 7.69 -22.86 31.63
C ILE A 394 7.93 -23.17 30.13
N GLU A 395 7.38 -24.28 29.64
CA GLU A 395 7.66 -24.76 28.28
C GLU A 395 6.93 -23.99 27.19
N GLU A 396 5.64 -23.74 27.38
CA GLU A 396 4.76 -23.23 26.30
C GLU A 396 4.08 -21.88 26.57
N GLY A 397 4.31 -21.27 27.73
CA GLY A 397 3.58 -20.05 28.13
C GLY A 397 2.08 -20.31 28.20
N PHE A 398 1.30 -19.40 27.62
CA PHE A 398 -0.16 -19.57 27.54
C PHE A 398 -0.60 -20.58 26.49
N ASN A 399 0.22 -20.79 25.46
CA ASN A 399 -0.18 -21.55 24.27
C ASN A 399 0.09 -23.05 24.44
N ILE A 400 -0.63 -23.66 25.38
CA ILE A 400 -0.39 -25.04 25.81
C ILE A 400 -1.12 -26.02 24.90
N SER A 401 -0.40 -27.04 24.44
CA SER A 401 -0.93 -27.99 23.45
C SER A 401 -1.98 -28.97 24.01
N ASP A 402 -1.77 -29.46 25.24
CA ASP A 402 -2.77 -30.30 25.93
C ASP A 402 -4.15 -29.66 26.03
N LYS A 403 -4.19 -28.34 26.16
CA LYS A 403 -5.44 -27.58 26.27
C LYS A 403 -5.96 -27.09 24.90
N ASP A 404 -5.35 -27.54 23.81
CA ASP A 404 -5.64 -27.05 22.45
C ASP A 404 -5.55 -25.53 22.33
N MET A 405 -4.48 -24.97 22.88
CA MET A 405 -4.15 -23.55 22.76
C MET A 405 -2.84 -23.35 21.98
N GLU A 406 -2.29 -24.42 21.40
CA GLU A 406 -1.04 -24.36 20.61
C GLU A 406 -1.19 -23.62 19.26
N LYS A 407 -2.30 -23.86 18.56
CA LYS A 407 -2.48 -23.37 17.18
C LYS A 407 -2.96 -21.94 17.15
N GLU A 408 -2.47 -21.18 16.16
CA GLU A 408 -2.84 -19.78 15.96
C GLU A 408 -2.78 -18.88 17.21
N TYR A 409 -1.87 -19.21 18.14
CA TYR A 409 -1.69 -18.47 19.39
C TYR A 409 -3.01 -18.28 20.18
N ARG A 410 -3.83 -19.32 20.20
CA ARG A 410 -5.15 -19.27 20.82
C ARG A 410 -5.11 -19.05 22.34
N GLY A 411 -4.03 -19.49 22.98
CA GLY A 411 -3.78 -19.20 24.41
C GLY A 411 -3.68 -17.73 24.78
N GLN A 412 -3.32 -16.88 23.80
CA GLN A 412 -3.23 -15.43 23.99
C GLN A 412 -4.47 -14.66 23.48
N ASN A 413 -5.42 -15.36 22.87
CA ASN A 413 -6.59 -14.72 22.25
C ASN A 413 -7.61 -14.38 23.33
N LYS A 414 -7.93 -13.10 23.46
CA LYS A 414 -8.90 -12.63 24.46
C LYS A 414 -10.32 -13.20 24.35
N ALA A 415 -10.69 -13.68 23.14
CA ALA A 415 -11.99 -14.31 22.92
C ALA A 415 -12.03 -15.80 23.26
N ILE A 416 -10.87 -16.46 23.30
CA ILE A 416 -10.80 -17.91 23.51
C ILE A 416 -10.40 -18.30 24.93
N ASN A 417 -9.40 -17.62 25.50
CA ASN A 417 -8.85 -18.00 26.78
C ASN A 417 -9.28 -16.99 27.85
N LYS A 418 -10.59 -16.82 28.00
CA LYS A 418 -11.16 -15.86 28.97
C LYS A 418 -10.84 -16.19 30.43
N GLN A 419 -10.58 -17.46 30.70
CA GLN A 419 -10.19 -17.93 32.02
C GLN A 419 -8.85 -17.35 32.51
N ALA A 420 -7.97 -17.00 31.58
CA ALA A 420 -6.62 -16.53 31.90
C ALA A 420 -6.51 -15.09 32.41
N TYR A 421 -7.48 -14.22 32.13
CA TYR A 421 -7.33 -12.79 32.46
C TYR A 421 -8.58 -12.10 33.02
N GLU A 422 -8.39 -10.91 33.57
CA GLU A 422 -9.45 -9.99 33.99
C GLU A 422 -9.28 -8.65 33.30
N GLU A 423 -10.39 -8.05 32.85
CA GLU A 423 -10.38 -6.65 32.41
C GLU A 423 -10.16 -5.74 33.62
N ILE A 424 -9.73 -4.51 33.36
CA ILE A 424 -9.49 -3.52 34.41
C ILE A 424 -10.51 -2.39 34.22
N SER A 425 -11.05 -1.92 35.34
CA SER A 425 -12.07 -0.87 35.34
C SER A 425 -11.50 0.46 34.85
N LYS A 426 -12.19 1.07 33.89
CA LYS A 426 -11.77 2.37 33.31
C LYS A 426 -11.61 3.49 34.35
N GLU A 427 -12.26 3.33 35.51
CA GLU A 427 -12.06 4.21 36.67
C GLU A 427 -10.62 4.23 37.17
N HIS A 428 -9.94 3.09 37.10
CA HIS A 428 -8.56 2.97 37.59
C HIS A 428 -7.48 3.41 36.58
N LEU A 429 -7.83 3.51 35.29
CA LEU A 429 -6.85 3.84 34.23
C LEU A 429 -6.77 5.34 33.98
N ALA A 430 -5.57 5.84 33.76
CA ALA A 430 -5.36 7.23 33.35
C ALA A 430 -4.83 7.26 31.92
N VAL A 431 -5.43 8.12 31.09
CA VAL A 431 -5.22 8.16 29.65
C VAL A 431 -5.19 9.61 29.18
N TYR A 432 -4.11 9.98 28.47
CA TYR A 432 -4.01 11.32 27.91
C TYR A 432 -5.00 11.47 26.75
N LYS A 433 -5.86 12.49 26.84
CA LYS A 433 -6.91 12.73 25.84
C LYS A 433 -6.81 14.13 25.25
N ILE A 434 -7.18 14.26 23.98
CA ILE A 434 -7.41 15.54 23.36
C ILE A 434 -8.92 15.76 23.27
N GLN A 435 -9.40 16.84 23.88
CA GLN A 435 -10.81 17.20 23.84
C GLN A 435 -11.01 18.16 22.68
N MET A 436 -11.58 17.65 21.57
CA MET A 436 -11.76 18.40 20.33
C MET A 436 -13.16 19.02 20.24
N CYS A 437 -13.26 20.34 20.45
CA CYS A 437 -14.53 21.07 20.41
C CYS A 437 -14.74 21.78 19.06
N LYS A 438 -15.94 21.64 18.49
CA LYS A 438 -16.27 22.23 17.18
C LYS A 438 -16.37 23.75 17.17
N SER A 439 -15.77 24.36 16.14
CA SER A 439 -15.95 25.79 15.81
C SER A 439 -16.16 25.98 14.28
N VAL A 440 -16.37 27.23 13.84
CA VAL A 440 -16.44 27.58 12.39
C VAL A 440 -15.92 28.99 12.14
N LYS A 441 -15.24 29.19 11.01
CA LYS A 441 -14.82 30.52 10.50
C LYS A 441 -13.95 31.32 11.49
N ALA B 442 -22.33 25.64 28.84
CA ALA B 442 -21.16 25.10 28.05
C ALA B 442 -21.59 24.35 26.77
N PRO B 443 -22.30 25.04 25.86
CA PRO B 443 -22.67 24.36 24.62
C PRO B 443 -21.46 24.11 23.71
N GLY B 444 -21.72 23.57 22.53
CA GLY B 444 -20.68 23.18 21.60
C GLY B 444 -20.42 21.71 21.79
N ILE B 445 -20.31 20.99 20.67
CA ILE B 445 -20.04 19.56 20.66
C ILE B 445 -18.53 19.35 20.85
N CYS B 446 -18.16 18.58 21.87
CA CYS B 446 -16.76 18.34 22.25
C CYS B 446 -16.49 16.83 22.31
N ILE B 447 -15.50 16.36 21.54
CA ILE B 447 -15.20 14.92 21.45
C ILE B 447 -13.89 14.62 22.15
N ASP B 448 -13.91 13.65 23.07
CA ASP B 448 -12.70 13.20 23.77
C ASP B 448 -12.00 12.13 22.94
N VAL B 449 -10.77 12.42 22.51
CA VAL B 449 -10.01 11.51 21.64
C VAL B 449 -8.72 11.08 22.35
N ASP B 450 -8.49 9.77 22.46
CA ASP B 450 -7.26 9.25 23.02
C ASP B 450 -6.08 9.65 22.14
N ASN B 451 -4.96 10.02 22.76
CA ASN B 451 -3.70 10.27 22.05
C ASN B 451 -3.26 9.07 21.19
N GLU B 452 -3.61 7.86 21.65
CA GLU B 452 -3.32 6.62 20.95
C GLU B 452 -3.91 6.56 19.54
N ASP B 453 -5.13 7.08 19.38
CA ASP B 453 -5.84 7.07 18.09
C ASP B 453 -5.37 8.14 17.10
N LEU B 454 -4.57 9.11 17.54
CA LEU B 454 -4.02 10.13 16.64
C LEU B 454 -2.98 9.55 15.67
N PHE B 455 -2.57 10.38 14.69
CA PHE B 455 -1.61 10.00 13.61
C PHE B 455 -0.16 10.24 14.05
N PHE B 456 0.72 9.24 13.96
CA PHE B 456 2.15 9.50 14.25
C PHE B 456 2.82 9.98 12.97
N ILE B 457 3.37 11.19 13.00
CA ILE B 457 4.00 11.79 11.84
C ILE B 457 5.34 12.37 12.27
N ALA B 458 6.42 11.69 11.91
CA ALA B 458 7.78 12.10 12.29
C ALA B 458 8.12 13.48 11.76
N ASP B 459 8.72 14.31 12.61
CA ASP B 459 9.20 15.62 12.21
C ASP B 459 10.41 15.48 11.28
N LYS B 460 10.59 16.47 10.41
CA LYS B 460 11.71 16.50 9.46
C LYS B 460 13.09 16.46 10.14
N ASN B 461 13.18 17.01 11.37
CA ASN B 461 14.41 16.94 12.19
C ASN B 461 14.82 15.54 12.63
N SER B 462 13.94 14.55 12.46
CA SER B 462 14.28 13.16 12.75
C SER B 462 15.39 12.56 11.87
N PHE B 463 15.60 13.14 10.69
CA PHE B 463 16.39 12.48 9.63
C PHE B 463 17.77 13.10 9.37
N SER B 464 18.74 12.22 9.08
CA SER B 464 20.12 12.63 8.86
C SER B 464 20.40 13.42 7.58
N ASP B 465 21.36 14.32 7.73
CA ASP B 465 21.79 15.30 6.73
C ASP B 465 23.17 14.94 6.12
N ASP B 466 23.76 13.82 6.56
CA ASP B 466 25.14 13.42 6.24
C ASP B 466 25.46 13.28 4.74
N LEU B 467 24.47 12.93 3.91
CA LEU B 467 24.68 12.82 2.46
C LEU B 467 25.18 14.13 1.78
N SER B 468 24.90 15.28 2.38
CA SER B 468 25.41 16.57 1.87
C SER B 468 26.92 16.80 2.05
N LYS B 469 27.57 16.08 2.97
CA LYS B 469 29.02 16.23 3.19
C LYS B 469 29.86 15.68 2.03
N ASN B 470 31.05 16.23 1.84
CA ASN B 470 32.00 15.77 0.81
C ASN B 470 32.66 14.47 1.22
N GLU B 471 33.09 13.69 0.23
CA GLU B 471 33.91 12.50 0.43
C GLU B 471 35.28 12.72 -0.22
N ARG B 472 36.33 12.23 0.42
CA ARG B 472 37.66 12.19 -0.19
C ARG B 472 37.91 10.78 -0.73
N ILE B 473 38.08 10.66 -2.05
CA ILE B 473 38.30 9.34 -2.69
C ILE B 473 39.80 9.13 -2.86
N GLU B 474 40.25 7.91 -2.55
CA GLU B 474 41.67 7.52 -2.55
C GLU B 474 41.84 6.13 -3.18
N TYR B 475 43.10 5.68 -3.32
CA TYR B 475 43.41 4.38 -3.95
C TYR B 475 42.83 3.18 -3.17
N ASN B 476 42.76 3.32 -1.84
CA ASN B 476 42.29 2.26 -0.93
C ASN B 476 40.96 2.59 -0.20
N THR B 477 40.16 3.50 -0.76
CA THR B 477 38.84 3.88 -0.20
C THR B 477 37.86 2.73 -0.38
N GLN B 478 37.09 2.43 0.66
CA GLN B 478 36.12 1.33 0.67
C GLN B 478 34.69 1.82 0.89
N SER B 479 33.74 0.98 0.49
CA SER B 479 32.32 1.27 0.64
C SER B 479 31.86 0.90 2.05
N ASN B 480 30.88 1.64 2.56
CA ASN B 480 30.35 1.46 3.91
C ASN B 480 28.86 1.09 3.81
N TYR B 481 28.54 -0.18 4.10
CA TYR B 481 27.16 -0.65 4.28
C TYR B 481 27.04 -1.39 5.62
N ILE B 482 25.87 -1.25 6.28
CA ILE B 482 25.55 -2.02 7.49
C ILE B 482 24.17 -2.63 7.33
N GLU B 483 24.13 -3.95 7.20
CA GLU B 483 22.86 -4.64 7.09
C GLU B 483 22.28 -4.82 8.50
N ASN B 484 21.02 -4.40 8.67
CA ASN B 484 20.33 -4.49 9.96
C ASN B 484 19.90 -5.92 10.34
N ASP B 485 20.25 -6.93 9.55
CA ASP B 485 19.95 -8.34 9.83
C ASP B 485 20.99 -8.99 10.75
N PHE B 486 20.62 -10.16 11.29
CA PHE B 486 21.56 -11.15 11.83
C PHE B 486 20.88 -12.53 11.92
N PRO B 487 21.51 -13.59 11.36
CA PRO B 487 20.83 -14.90 11.35
C PRO B 487 20.80 -15.53 12.75
N ILE B 488 19.61 -15.98 13.17
CA ILE B 488 19.40 -16.46 14.55
C ILE B 488 20.07 -17.83 14.74
N ASN B 489 20.07 -18.65 13.69
CA ASN B 489 20.72 -19.98 13.73
C ASN B 489 22.24 -19.88 13.87
N GLU B 490 22.83 -18.83 13.31
CA GLU B 490 24.27 -18.57 13.50
C GLU B 490 24.56 -18.15 14.95
N LEU B 491 23.64 -17.41 15.56
CA LEU B 491 23.77 -16.99 16.96
C LEU B 491 23.62 -18.16 17.96
N ILE B 492 22.72 -19.09 17.66
CA ILE B 492 22.46 -20.26 18.54
C ILE B 492 23.61 -21.27 18.54
N LEU B 493 24.29 -21.44 17.40
CA LEU B 493 25.36 -22.43 17.27
C LEU B 493 26.71 -21.77 16.94
N ASP B 494 27.05 -20.72 17.68
CA ASP B 494 28.34 -20.05 17.57
C ASP B 494 29.08 -20.33 18.87
N THR B 495 30.11 -21.16 18.79
CA THR B 495 30.92 -21.54 19.95
C THR B 495 31.74 -20.37 20.55
N ASP B 496 32.03 -19.34 19.74
CA ASP B 496 32.79 -18.16 20.20
C ASP B 496 31.96 -17.12 20.96
N LEU B 497 30.63 -17.14 20.83
CA LEU B 497 29.77 -16.11 21.42
C LEU B 497 29.84 -16.07 22.94
N ILE B 498 29.60 -17.21 23.59
CA ILE B 498 29.53 -17.28 25.06
C ILE B 498 30.96 -17.41 25.62
N SER B 499 31.19 -16.75 26.75
CA SER B 499 32.51 -16.60 27.34
C SER B 499 33.03 -17.92 27.91
N LYS B 500 34.30 -18.22 27.61
CA LYS B 500 35.03 -19.34 28.20
C LYS B 500 35.75 -18.94 29.51
N ILE B 501 35.93 -17.64 29.72
CA ILE B 501 36.66 -17.12 30.88
C ILE B 501 35.78 -17.11 32.14
N GLU B 502 36.32 -17.63 33.23
CA GLU B 502 35.60 -17.73 34.50
C GLU B 502 35.31 -16.35 35.09
N LEU B 503 34.21 -16.25 35.81
CA LEU B 503 33.74 -14.98 36.39
C LEU B 503 34.59 -14.62 37.62
N PRO B 504 35.19 -13.42 37.66
CA PRO B 504 35.88 -13.00 38.89
C PRO B 504 34.94 -12.89 40.08
N SER B 505 35.52 -12.96 41.26
CA SER B 505 34.77 -12.80 42.50
C SER B 505 33.98 -11.48 42.54
N GLU B 506 32.81 -11.53 43.17
CA GLU B 506 31.92 -10.36 43.28
C GLU B 506 32.30 -9.45 44.43
N ASN B 507 33.07 -9.96 45.39
CA ASN B 507 33.37 -9.21 46.62
C ASN B 507 34.52 -8.19 46.43
N THR B 508 34.36 -7.03 47.06
CA THR B 508 35.28 -5.90 46.90
C THR B 508 35.13 -4.92 48.07
N GLU B 509 35.81 -3.78 48.00
CA GLU B 509 35.71 -2.76 49.06
C GLU B 509 34.41 -1.99 48.95
N SER B 510 33.94 -1.50 50.10
CA SER B 510 32.72 -0.71 50.18
C SER B 510 32.78 0.55 49.34
N LEU B 511 31.65 0.91 48.75
CA LEU B 511 31.50 2.20 48.09
C LEU B 511 31.45 3.31 49.13
N THR B 512 32.32 4.32 48.98
CA THR B 512 32.28 5.56 49.78
C THR B 512 31.95 6.83 48.98
N ASP B 513 32.10 6.78 47.65
CA ASP B 513 31.74 7.91 46.78
C ASP B 513 30.33 7.66 46.19
N PHE B 514 29.32 8.27 46.81
CA PHE B 514 27.92 8.04 46.47
C PHE B 514 27.38 8.97 45.38
N ASN B 515 28.22 9.87 44.87
CA ASN B 515 27.82 10.84 43.86
C ASN B 515 27.14 10.14 42.68
N VAL B 516 25.93 10.61 42.35
CA VAL B 516 25.10 10.04 41.28
C VAL B 516 23.93 11.00 40.93
N ASP B 517 23.49 10.99 39.68
CA ASP B 517 22.33 11.81 39.26
C ASP B 517 21.05 11.00 39.35
N VAL B 518 20.14 11.40 40.23
CA VAL B 518 18.83 10.73 40.38
C VAL B 518 17.76 11.50 39.60
N PRO B 519 17.19 10.88 38.54
CA PRO B 519 16.12 11.57 37.82
C PRO B 519 14.89 11.85 38.71
N VAL B 520 14.21 12.96 38.43
CA VAL B 520 12.98 13.36 39.12
C VAL B 520 11.79 13.39 38.14
N TYR B 521 10.70 12.74 38.52
CA TYR B 521 9.49 12.68 37.70
C TYR B 521 8.33 13.48 38.30
N GLU B 522 7.44 13.98 37.45
CA GLU B 522 6.18 14.58 37.90
C GLU B 522 5.07 14.43 36.88
N LYS B 523 3.84 14.46 37.38
CA LYS B 523 2.66 14.31 36.54
C LYS B 523 2.31 15.60 35.80
N GLN B 524 1.55 15.44 34.72
CA GLN B 524 0.98 16.55 33.94
C GLN B 524 -0.52 16.30 33.75
N PRO B 525 -1.30 17.34 33.37
CA PRO B 525 -2.73 17.14 33.12
C PRO B 525 -3.05 16.10 32.06
N ALA B 526 -4.11 15.35 32.28
CA ALA B 526 -4.53 14.28 31.36
C ALA B 526 -5.49 14.73 30.25
N ILE B 527 -5.87 16.01 30.24
CA ILE B 527 -6.75 16.58 29.21
C ILE B 527 -6.12 17.83 28.62
N LYS B 528 -6.18 17.95 27.30
CA LYS B 528 -5.87 19.18 26.59
C LYS B 528 -7.07 19.54 25.70
N LYS B 529 -7.60 20.74 25.87
CA LYS B 529 -8.78 21.21 25.15
C LYS B 529 -8.38 22.08 23.96
N ILE B 530 -8.87 21.72 22.78
CA ILE B 530 -8.63 22.50 21.56
C ILE B 530 -9.94 22.76 20.80
N PHE B 531 -9.93 23.82 19.98
CA PHE B 531 -11.06 24.19 19.14
C PHE B 531 -10.64 24.07 17.67
N THR B 532 -11.44 23.37 16.87
CA THR B 532 -11.13 23.20 15.45
C THR B 532 -12.39 23.20 14.55
N ASP B 533 -12.20 23.69 13.32
CA ASP B 533 -13.23 23.69 12.27
C ASP B 533 -13.32 22.36 11.56
N GLU B 534 -12.32 21.50 11.74
CA GLU B 534 -12.18 20.29 10.94
C GLU B 534 -13.13 19.20 11.42
N ASN B 535 -13.60 18.43 10.45
CA ASN B 535 -14.36 17.24 10.71
C ASN B 535 -13.72 16.14 9.90
N THR B 536 -12.88 15.36 10.57
CA THR B 536 -12.09 14.30 9.94
C THR B 536 -12.43 12.97 10.64
N ILE B 537 -11.54 11.98 10.53
CA ILE B 537 -11.77 10.62 11.07
C ILE B 537 -12.40 10.56 12.47
N PHE B 538 -11.88 11.35 13.41
CA PHE B 538 -12.30 11.30 14.82
C PHE B 538 -13.77 11.72 14.95
N GLN B 539 -14.11 12.82 14.29
CA GLN B 539 -15.46 13.37 14.27
C GLN B 539 -16.44 12.42 13.55
N TYR B 540 -16.02 11.84 12.42
CA TYR B 540 -16.91 10.96 11.62
C TYR B 540 -17.22 9.63 12.33
N LEU B 541 -16.25 9.09 13.06
CA LEU B 541 -16.49 7.87 13.87
C LEU B 541 -17.41 8.12 15.07
N TYR B 542 -17.26 9.27 15.72
CA TYR B 542 -18.15 9.70 16.80
C TYR B 542 -19.61 9.72 16.36
N SER B 543 -19.87 10.18 15.14
CA SER B 543 -21.24 10.25 14.61
C SER B 543 -21.92 8.89 14.41
N GLN B 544 -21.14 7.80 14.43
CA GLN B 544 -21.65 6.44 14.19
C GLN B 544 -21.93 5.64 15.47
N THR B 545 -21.77 6.26 16.64
CA THR B 545 -22.08 5.64 17.92
C THR B 545 -23.37 6.21 18.49
N PHE B 546 -23.91 5.54 19.51
CA PHE B 546 -25.14 5.97 20.21
C PHE B 546 -25.10 5.55 21.69
N PRO B 547 -25.82 6.29 22.56
CA PRO B 547 -25.87 5.93 23.99
C PRO B 547 -26.60 4.61 24.31
N LEU B 548 -26.27 4.01 25.45
CA LEU B 548 -26.85 2.72 25.87
C LEU B 548 -28.35 2.75 26.14
N ASP B 549 -28.84 3.85 26.70
CA ASP B 549 -30.24 3.91 27.14
C ASP B 549 -31.28 4.27 26.07
N ILE B 550 -30.85 4.59 24.86
CA ILE B 550 -31.79 5.05 23.83
C ILE B 550 -32.44 3.89 23.07
N ARG B 551 -33.70 4.11 22.73
CA ARG B 551 -34.53 3.16 22.00
C ARG B 551 -34.95 3.76 20.66
N ASP B 552 -35.05 2.90 19.63
CA ASP B 552 -35.60 3.28 18.32
C ASP B 552 -34.62 4.14 17.52
N ILE B 553 -33.37 3.65 17.38
CA ILE B 553 -32.40 4.37 16.57
C ILE B 553 -32.74 4.19 15.10
N SER B 554 -32.42 5.19 14.29
CA SER B 554 -32.54 5.08 12.83
C SER B 554 -31.25 5.58 12.17
N LEU B 555 -30.95 5.07 10.97
CA LEU B 555 -29.78 5.49 10.23
C LEU B 555 -30.05 6.73 9.38
N THR B 556 -29.00 7.53 9.16
CA THR B 556 -29.06 8.71 8.30
C THR B 556 -27.73 8.93 7.52
N SER B 557 -27.83 9.61 6.38
CA SER B 557 -26.68 10.02 5.58
C SER B 557 -26.22 11.44 5.95
N SER B 558 -26.96 12.12 6.82
CA SER B 558 -26.58 13.46 7.28
C SER B 558 -25.66 13.37 8.50
N PHE B 559 -24.42 13.83 8.34
CA PHE B 559 -23.42 13.86 9.42
C PHE B 559 -23.88 14.80 10.53
N ASP B 560 -24.39 15.97 10.14
CA ASP B 560 -24.84 16.98 11.12
C ASP B 560 -26.04 16.52 11.96
N ASP B 561 -26.98 15.80 11.34
CA ASP B 561 -28.13 15.25 12.07
C ASP B 561 -27.73 14.18 13.10
N ALA B 562 -26.71 13.38 12.78
CA ALA B 562 -26.21 12.35 13.70
C ALA B 562 -25.62 12.95 14.99
N LEU B 563 -24.95 14.08 14.84
CA LEU B 563 -24.40 14.84 15.96
C LEU B 563 -25.48 15.51 16.81
N LEU B 564 -26.49 16.10 16.16
CA LEU B 564 -27.54 16.82 16.88
C LEU B 564 -28.45 15.89 17.67
N PHE B 565 -28.90 14.82 17.02
CA PHE B 565 -29.97 13.97 17.53
C PHE B 565 -29.47 12.63 18.06
N SER B 566 -29.89 12.30 19.28
CA SER B 566 -29.48 11.08 19.99
C SER B 566 -29.89 9.78 19.31
N ASN B 567 -31.03 9.79 18.60
CA ASN B 567 -31.57 8.59 17.93
C ASN B 567 -31.17 8.45 16.45
N LYS B 568 -30.36 9.39 15.93
CA LYS B 568 -29.83 9.32 14.56
C LYS B 568 -28.37 8.87 14.58
N VAL B 569 -28.08 7.84 13.79
CA VAL B 569 -26.74 7.27 13.65
C VAL B 569 -26.27 7.37 12.19
N TYR B 570 -25.16 8.09 11.97
CA TYR B 570 -24.60 8.26 10.63
C TYR B 570 -24.22 6.92 10.00
N SER B 571 -24.51 6.75 8.72
CA SER B 571 -24.07 5.59 7.95
C SER B 571 -23.48 6.02 6.60
N PHE B 572 -22.48 5.24 6.16
CA PHE B 572 -21.74 5.49 4.91
C PHE B 572 -22.12 4.53 3.77
N PHE B 573 -23.05 3.59 4.02
CA PHE B 573 -23.58 2.73 2.96
C PHE B 573 -24.67 3.45 2.12
N SER B 574 -25.16 2.76 1.09
CA SER B 574 -26.03 3.39 0.09
C SER B 574 -27.37 3.88 0.64
N MET B 575 -27.94 4.87 -0.04
CA MET B 575 -29.31 5.36 0.19
C MET B 575 -30.35 4.23 0.33
N ASP B 576 -30.23 3.19 -0.49
CA ASP B 576 -31.12 2.02 -0.42
C ASP B 576 -30.94 1.16 0.84
N TYR B 577 -29.70 0.98 1.30
CA TYR B 577 -29.44 0.27 2.57
C TYR B 577 -30.07 1.00 3.74
N ILE B 578 -29.85 2.31 3.79
CA ILE B 578 -30.36 3.17 4.86
C ILE B 578 -31.88 3.08 4.93
N LYS B 579 -32.54 3.17 3.78
CA LYS B 579 -34.01 3.10 3.72
C LYS B 579 -34.54 1.73 4.15
N THR B 580 -33.89 0.65 3.72
CA THR B 580 -34.28 -0.71 4.09
C THR B 580 -34.02 -1.01 5.56
N ALA B 581 -32.93 -0.48 6.10
CA ALA B 581 -32.66 -0.60 7.55
C ALA B 581 -33.70 0.15 8.39
N ASN B 582 -34.19 1.28 7.89
CA ASN B 582 -35.22 2.07 8.58
C ASN B 582 -36.68 1.57 8.45
N LYS B 583 -36.94 0.54 7.64
CA LYS B 583 -38.32 0.06 7.40
C LYS B 583 -38.93 -0.78 8.53
N VAL B 584 -40.17 -0.44 8.89
CA VAL B 584 -40.97 -1.21 9.85
C VAL B 584 -41.99 -2.05 9.07
N VAL B 585 -42.18 -3.30 9.48
CA VAL B 585 -43.05 -4.24 8.75
C VAL B 585 -43.95 -5.10 9.67
N GLU B 586 -44.88 -5.84 9.07
CA GLU B 586 -45.72 -6.81 9.78
C GLU B 586 -44.90 -7.98 10.35
N ALA B 587 -45.49 -8.75 11.27
CA ALA B 587 -44.80 -9.87 11.93
C ALA B 587 -44.48 -11.03 10.97
N GLY B 588 -45.37 -11.29 10.01
CA GLY B 588 -45.18 -12.33 9.00
C GLY B 588 -44.09 -12.03 7.99
N LEU B 589 -43.83 -10.76 7.72
CA LEU B 589 -42.77 -10.32 6.80
C LEU B 589 -41.39 -10.10 7.45
N PHE B 590 -41.30 -10.15 8.79
CA PHE B 590 -40.10 -9.73 9.51
C PHE B 590 -38.88 -10.61 9.25
N ALA B 591 -39.01 -11.92 9.45
CA ALA B 591 -37.91 -12.87 9.23
C ALA B 591 -37.36 -12.83 7.79
N GLY B 592 -38.22 -12.45 6.85
CA GLY B 592 -37.79 -12.15 5.48
C GLY B 592 -36.97 -10.87 5.37
N TRP B 593 -37.44 -9.81 6.03
CA TRP B 593 -36.70 -8.55 6.11
C TRP B 593 -35.36 -8.70 6.84
N VAL B 594 -35.34 -9.46 7.94
CA VAL B 594 -34.10 -9.72 8.69
C VAL B 594 -33.06 -10.44 7.82
N LYS B 595 -33.49 -11.45 7.09
CA LYS B 595 -32.61 -12.17 6.17
C LYS B 595 -32.06 -11.25 5.06
N GLN B 596 -32.91 -10.35 4.57
CA GLN B 596 -32.54 -9.43 3.49
C GLN B 596 -31.54 -8.34 3.89
N ILE B 597 -31.77 -7.64 5.01
CA ILE B 597 -30.91 -6.52 5.43
C ILE B 597 -29.52 -6.98 5.88
N VAL B 598 -29.46 -8.14 6.53
CA VAL B 598 -28.19 -8.78 6.86
C VAL B 598 -27.41 -9.08 5.58
N ASN B 599 -28.08 -9.69 4.61
CA ASN B 599 -27.47 -9.97 3.31
C ASN B 599 -27.03 -8.68 2.61
N ASP B 600 -27.89 -7.66 2.61
CA ASP B 600 -27.56 -6.36 2.04
C ASP B 600 -26.33 -5.71 2.69
N PHE B 601 -26.20 -5.85 4.02
CA PHE B 601 -25.02 -5.36 4.74
C PHE B 601 -23.75 -5.97 4.14
N VAL B 602 -23.76 -7.30 3.99
CA VAL B 602 -22.61 -8.06 3.49
C VAL B 602 -22.25 -7.64 2.07
N ILE B 603 -23.26 -7.44 1.23
CA ILE B 603 -23.04 -6.96 -0.14
C ILE B 603 -22.41 -5.57 -0.13
N GLU B 604 -22.98 -4.64 0.62
CA GLU B 604 -22.50 -3.25 0.67
C GLU B 604 -21.06 -3.14 1.17
N ALA B 605 -20.71 -3.99 2.13
CA ALA B 605 -19.37 -4.03 2.71
C ALA B 605 -18.32 -4.57 1.72
N ASN B 606 -18.76 -5.46 0.84
CA ASN B 606 -17.88 -6.16 -0.11
C ASN B 606 -17.65 -5.45 -1.45
N LYS B 607 -18.25 -4.27 -1.65
CA LYS B 607 -18.00 -3.47 -2.86
C LYS B 607 -16.51 -3.19 -3.03
N SER B 608 -15.93 -3.73 -4.11
CA SER B 608 -14.49 -3.69 -4.35
C SER B 608 -14.13 -3.37 -5.81
N ASN B 609 -15.03 -2.67 -6.52
CA ASN B 609 -14.85 -2.34 -7.94
C ASN B 609 -15.27 -0.92 -8.27
N THR B 610 -14.71 -0.44 -9.36
CA THR B 610 -15.00 0.89 -9.84
C THR B 610 -16.27 0.81 -10.70
N MET B 611 -17.10 1.85 -10.65
CA MET B 611 -18.32 1.97 -11.49
C MET B 611 -17.98 2.25 -12.96
N ASP B 612 -17.05 3.18 -13.19
CA ASP B 612 -16.47 3.43 -14.51
C ASP B 612 -15.49 2.30 -14.84
N LYS B 613 -15.86 1.44 -15.79
CA LYS B 613 -15.09 0.21 -16.07
C LYS B 613 -13.87 0.43 -16.96
N ILE B 614 -13.84 1.54 -17.70
CA ILE B 614 -12.70 1.89 -18.56
C ILE B 614 -11.58 2.65 -17.80
N ALA B 615 -11.87 3.19 -16.62
CA ALA B 615 -10.84 3.83 -15.78
C ALA B 615 -9.71 2.85 -15.45
N ASP B 616 -8.48 3.34 -15.39
CA ASP B 616 -7.33 2.47 -15.10
C ASP B 616 -7.04 2.43 -13.60
N ILE B 617 -7.88 1.66 -12.89
CA ILE B 617 -7.81 1.46 -11.43
C ILE B 617 -8.10 -0.01 -11.13
N SER B 618 -7.15 -0.71 -10.50
CA SER B 618 -7.27 -2.15 -10.26
C SER B 618 -8.21 -2.48 -9.11
N LEU B 619 -7.89 -1.97 -7.92
CA LEU B 619 -8.71 -2.18 -6.72
C LEU B 619 -9.08 -0.86 -6.05
N ILE B 620 -10.32 -0.80 -5.55
CA ILE B 620 -10.82 0.33 -4.77
C ILE B 620 -11.96 -0.12 -3.86
N VAL B 621 -12.07 0.49 -2.68
CA VAL B 621 -13.19 0.30 -1.77
C VAL B 621 -13.87 1.67 -1.71
N PRO B 622 -15.00 1.83 -2.41
CA PRO B 622 -15.46 3.18 -2.76
C PRO B 622 -16.14 3.98 -1.64
N TYR B 623 -16.53 3.31 -0.56
CA TYR B 623 -17.19 3.96 0.58
C TYR B 623 -16.24 4.54 1.65
N ILE B 624 -14.93 4.37 1.48
CA ILE B 624 -13.95 4.88 2.46
C ILE B 624 -14.09 6.37 2.74
N GLY B 625 -14.33 7.16 1.70
CA GLY B 625 -14.48 8.60 1.84
C GLY B 625 -15.64 9.01 2.72
N LEU B 626 -16.81 8.42 2.46
CA LEU B 626 -18.01 8.70 3.25
C LEU B 626 -17.88 8.24 4.72
N ALA B 627 -17.12 7.17 4.96
CA ALA B 627 -16.94 6.61 6.31
C ALA B 627 -16.16 7.49 7.27
N LEU B 628 -15.09 8.13 6.79
CA LEU B 628 -14.15 8.86 7.64
C LEU B 628 -13.91 10.33 7.33
N ASN B 629 -14.21 10.78 6.11
CA ASN B 629 -13.86 12.13 5.60
C ASN B 629 -12.38 12.49 5.84
N VAL B 630 -11.52 11.48 5.74
CA VAL B 630 -10.10 11.66 6.03
C VAL B 630 -9.40 12.24 4.79
N GLY B 631 -8.45 13.14 5.04
CA GLY B 631 -7.70 13.79 3.97
C GLY B 631 -8.40 15.02 3.47
N ASN B 632 -8.46 15.19 2.15
CA ASN B 632 -9.00 16.41 1.55
C ASN B 632 -10.49 16.26 1.22
N GLU B 633 -11.32 16.31 2.27
CA GLU B 633 -12.79 16.29 2.17
C GLU B 633 -13.34 15.12 1.35
N THR B 634 -12.83 13.91 1.62
CA THR B 634 -13.19 12.72 0.83
C THR B 634 -14.64 12.25 0.98
N ALA B 635 -15.39 12.77 1.95
CA ALA B 635 -16.84 12.52 2.05
C ALA B 635 -17.69 13.37 1.08
N LYS B 636 -17.15 14.51 0.63
CA LYS B 636 -17.86 15.43 -0.27
C LYS B 636 -17.51 15.16 -1.73
N GLY B 637 -18.54 15.05 -2.57
CA GLY B 637 -18.35 14.67 -3.97
C GLY B 637 -18.22 13.16 -4.11
N ASN B 638 -17.97 12.71 -5.34
CA ASN B 638 -17.80 11.28 -5.67
C ASN B 638 -16.34 10.89 -5.45
N PHE B 639 -16.09 10.02 -4.46
CA PHE B 639 -14.73 9.64 -4.03
C PHE B 639 -13.91 8.92 -5.12
N GLU B 640 -14.55 7.96 -5.77
CA GLU B 640 -14.00 7.21 -6.90
C GLU B 640 -13.53 8.10 -8.05
N ASN B 641 -14.29 9.16 -8.32
CA ASN B 641 -13.93 10.15 -9.34
C ASN B 641 -12.71 10.96 -8.90
N ALA B 642 -12.73 11.44 -7.65
CA ALA B 642 -11.63 12.20 -7.08
C ALA B 642 -10.33 11.39 -6.97
N PHE B 643 -10.45 10.09 -6.74
CA PHE B 643 -9.30 9.19 -6.67
C PHE B 643 -8.62 9.00 -8.02
N GLU B 644 -9.41 8.88 -9.08
CA GLU B 644 -8.89 8.72 -10.44
C GLU B 644 -8.02 9.91 -10.86
N ILE B 645 -8.44 11.10 -10.48
CA ILE B 645 -7.70 12.34 -10.79
C ILE B 645 -6.40 12.49 -9.98
N ALA B 646 -6.47 12.26 -8.68
CA ALA B 646 -5.40 12.65 -7.75
C ALA B 646 -4.69 11.50 -7.00
N GLY B 647 -5.25 10.30 -7.02
CA GLY B 647 -4.60 9.13 -6.42
C GLY B 647 -4.60 9.07 -4.89
N ALA B 648 -3.64 8.33 -4.36
CA ALA B 648 -3.46 8.09 -2.92
C ALA B 648 -3.35 9.36 -2.07
N SER B 649 -2.79 10.43 -2.63
CA SER B 649 -2.64 11.72 -1.94
C SER B 649 -3.90 12.26 -1.26
N ILE B 650 -5.09 11.99 -1.82
CA ILE B 650 -6.32 12.60 -1.26
C ILE B 650 -6.75 12.02 0.09
N LEU B 651 -6.27 10.83 0.44
CA LEU B 651 -6.52 10.23 1.75
C LEU B 651 -5.58 10.73 2.86
N LEU B 652 -4.46 11.34 2.51
CA LEU B 652 -3.50 11.79 3.51
C LEU B 652 -3.97 13.06 4.21
N GLU B 653 -4.01 13.01 5.53
CA GLU B 653 -4.33 14.17 6.36
C GLU B 653 -3.20 15.22 6.34
N PHE B 654 -1.98 14.78 6.02
CA PHE B 654 -0.81 15.65 5.99
C PHE B 654 0.12 15.25 4.85
N ILE B 655 0.59 16.22 4.08
CA ILE B 655 1.62 16.01 3.05
C ILE B 655 2.95 16.39 3.67
N PRO B 656 3.82 15.40 3.95
CA PRO B 656 5.07 15.75 4.64
C PRO B 656 6.09 16.44 3.73
N GLU B 657 6.95 17.26 4.34
CA GLU B 657 8.03 17.96 3.67
C GLU B 657 9.26 17.05 3.75
N LEU B 658 9.69 16.52 2.61
CA LEU B 658 10.85 15.60 2.56
C LEU B 658 12.20 16.30 2.75
N LEU B 659 13.13 15.58 3.37
CA LEU B 659 14.55 15.96 3.36
C LEU B 659 15.20 15.21 2.19
N ILE B 660 15.68 15.97 1.20
CA ILE B 660 16.37 15.42 0.03
C ILE B 660 17.66 16.22 -0.20
N PRO B 661 18.75 15.83 0.49
CA PRO B 661 19.97 16.66 0.46
C PRO B 661 20.68 16.67 -0.89
N VAL B 662 21.37 17.77 -1.17
CA VAL B 662 22.21 17.87 -2.37
C VAL B 662 23.48 17.09 -2.04
N VAL B 663 23.68 15.96 -2.74
CA VAL B 663 24.81 15.06 -2.44
C VAL B 663 26.13 15.81 -2.63
N GLY B 664 27.05 15.65 -1.68
CA GLY B 664 28.31 16.39 -1.66
C GLY B 664 29.30 15.98 -2.75
N ALA B 665 30.30 16.85 -2.96
CA ALA B 665 31.29 16.62 -4.00
C ALA B 665 32.29 15.53 -3.62
N PHE B 666 32.81 14.85 -4.64
CA PHE B 666 33.91 13.89 -4.47
C PHE B 666 35.24 14.61 -4.74
N LEU B 667 36.19 14.46 -3.84
CA LEU B 667 37.54 15.04 -3.98
C LEU B 667 38.55 13.93 -4.28
N LEU B 668 38.91 13.80 -5.55
CA LEU B 668 39.80 12.71 -6.00
C LEU B 668 41.25 13.08 -5.71
N GLU B 669 42.02 12.07 -5.32
CA GLU B 669 43.41 12.25 -4.91
C GLU B 669 44.35 12.12 -6.11
N SER B 670 45.44 12.91 -6.08
CA SER B 670 46.50 12.84 -7.09
C SER B 670 47.57 11.83 -6.67
N TYR B 671 47.86 10.88 -7.56
CA TYR B 671 48.98 9.95 -7.42
C TYR B 671 49.80 10.01 -8.71
N ILE B 672 50.53 11.11 -8.88
CA ILE B 672 51.30 11.38 -10.11
C ILE B 672 52.34 10.30 -10.46
N ASP B 673 52.90 9.63 -9.44
CA ASP B 673 53.83 8.50 -9.64
C ASP B 673 53.14 7.33 -10.33
N ASN B 674 52.08 6.85 -9.68
CA ASN B 674 51.51 5.53 -9.90
C ASN B 674 50.34 5.55 -10.91
N LYS B 675 50.45 4.75 -11.96
CA LYS B 675 49.34 4.50 -12.88
C LYS B 675 48.26 3.66 -12.21
N ASN B 676 48.69 2.63 -11.46
CA ASN B 676 47.79 1.65 -10.86
C ASN B 676 46.77 2.30 -9.90
N LYS B 677 47.27 3.20 -9.05
CA LYS B 677 46.46 3.90 -8.06
C LYS B 677 45.43 4.89 -8.63
N ILE B 678 45.74 5.47 -9.79
CA ILE B 678 44.81 6.35 -10.49
C ILE B 678 43.58 5.57 -10.99
N ILE B 679 43.79 4.35 -11.48
CA ILE B 679 42.69 3.51 -11.99
C ILE B 679 41.84 2.97 -10.83
N LYS B 680 42.48 2.72 -9.69
CA LYS B 680 41.78 2.31 -8.47
C LYS B 680 40.95 3.46 -7.86
N THR B 681 41.49 4.68 -7.90
CA THR B 681 40.75 5.88 -7.49
C THR B 681 39.52 6.11 -8.36
N ILE B 682 39.65 5.90 -9.68
CA ILE B 682 38.52 6.00 -10.60
C ILE B 682 37.49 4.92 -10.33
N ASP B 683 37.95 3.70 -10.02
CA ASP B 683 37.03 2.60 -9.67
C ASP B 683 36.33 2.84 -8.33
N ASN B 684 37.06 3.37 -7.35
CA ASN B 684 36.49 3.68 -6.03
C ASN B 684 35.47 4.84 -6.09
N ALA B 685 35.66 5.79 -7.01
CA ALA B 685 34.69 6.87 -7.21
C ALA B 685 33.34 6.34 -7.71
N LEU B 686 33.38 5.43 -8.69
CA LEU B 686 32.17 4.85 -9.28
C LEU B 686 31.45 3.91 -8.31
N THR B 687 32.22 3.22 -7.47
CA THR B 687 31.68 2.28 -6.51
C THR B 687 31.03 3.06 -5.32
N LYS B 688 31.67 4.16 -4.90
CA LYS B 688 31.13 5.07 -3.90
C LYS B 688 29.92 5.87 -4.42
N ARG B 689 29.82 6.10 -5.73
CA ARG B 689 28.62 6.70 -6.32
C ARG B 689 27.39 5.81 -6.07
N ASN B 690 27.56 4.50 -6.15
CA ASN B 690 26.48 3.56 -5.88
C ASN B 690 25.99 3.58 -4.42
N GLU B 691 26.93 3.71 -3.48
CA GLU B 691 26.62 3.88 -2.06
C GLU B 691 25.72 5.10 -1.80
N LYS B 692 25.94 6.19 -2.53
CA LYS B 692 25.18 7.42 -2.34
C LYS B 692 23.75 7.28 -2.89
N TRP B 693 23.60 6.52 -3.98
CA TRP B 693 22.29 6.18 -4.51
C TRP B 693 21.51 5.35 -3.48
N SER B 694 22.14 4.30 -2.98
CA SER B 694 21.50 3.36 -2.05
C SER B 694 21.07 4.03 -0.73
N ASP B 695 21.97 4.81 -0.16
CA ASP B 695 21.70 5.59 1.05
C ASP B 695 20.61 6.63 0.86
N MET B 696 20.54 7.26 -0.32
CA MET B 696 19.45 8.20 -0.60
C MET B 696 18.12 7.45 -0.61
N TYR B 697 18.06 6.31 -1.29
CA TYR B 697 16.85 5.49 -1.30
C TYR B 697 16.42 5.10 0.11
N GLY B 698 17.37 4.67 0.93
CA GLY B 698 17.12 4.31 2.33
C GLY B 698 16.61 5.48 3.17
N LEU B 699 17.14 6.67 2.91
CA LEU B 699 16.62 7.90 3.52
C LEU B 699 15.15 8.15 3.16
N ILE B 700 14.79 7.91 1.90
CA ILE B 700 13.40 8.07 1.45
C ILE B 700 12.49 7.01 2.08
N VAL B 701 12.95 5.75 2.14
CA VAL B 701 12.18 4.68 2.76
C VAL B 701 11.88 4.96 4.24
N ALA B 702 12.87 5.51 4.96
CA ALA B 702 12.68 5.82 6.38
C ALA B 702 11.62 6.90 6.58
N GLN B 703 11.64 7.94 5.75
CA GLN B 703 10.60 8.97 5.77
C GLN B 703 9.22 8.42 5.38
N TRP B 704 9.18 7.50 4.42
CA TRP B 704 7.92 6.86 3.98
C TRP B 704 7.23 6.13 5.11
N LEU B 705 7.98 5.26 5.78
CA LEU B 705 7.44 4.42 6.85
C LEU B 705 6.99 5.18 8.10
N SER B 706 7.61 6.33 8.37
CA SER B 706 7.35 7.07 9.61
C SER B 706 6.51 8.35 9.45
N THR B 707 6.15 8.69 8.21
CA THR B 707 5.25 9.83 7.95
C THR B 707 4.05 9.56 7.04
N VAL B 708 4.15 8.58 6.13
CA VAL B 708 3.07 8.24 5.21
C VAL B 708 2.43 6.91 5.56
N ASN B 709 3.23 5.85 5.65
CA ASN B 709 2.70 4.54 5.97
C ASN B 709 2.04 4.49 7.37
N THR B 710 2.48 5.36 8.28
CA THR B 710 1.80 5.53 9.58
C THR B 710 0.38 6.05 9.41
N GLN B 711 0.19 7.08 8.59
CA GLN B 711 -1.14 7.65 8.31
C GLN B 711 -2.10 6.61 7.74
N PHE B 712 -1.62 5.84 6.77
CA PHE B 712 -2.43 4.77 6.17
C PHE B 712 -2.76 3.65 7.17
N TYR B 713 -1.89 3.41 8.15
CA TYR B 713 -2.20 2.46 9.22
C TYR B 713 -3.41 2.92 10.04
N THR B 714 -3.41 4.19 10.42
CA THR B 714 -4.50 4.79 11.22
C THR B 714 -5.83 4.73 10.46
N ILE B 715 -5.76 4.90 9.14
CA ILE B 715 -6.93 4.75 8.28
C ILE B 715 -7.47 3.30 8.32
N LYS B 716 -6.61 2.30 8.25
CA LYS B 716 -7.08 0.89 8.30
C LYS B 716 -7.80 0.59 9.63
N GLU B 717 -7.26 1.13 10.71
CA GLU B 717 -7.87 0.98 12.02
C GLU B 717 -9.20 1.69 12.13
N GLY B 718 -9.30 2.87 11.53
CA GLY B 718 -10.56 3.61 11.47
C GLY B 718 -11.68 2.85 10.76
N MET B 719 -11.37 2.26 9.60
CA MET B 719 -12.34 1.50 8.83
C MET B 719 -12.81 0.23 9.53
N TYR B 720 -11.92 -0.42 10.27
CA TYR B 720 -12.29 -1.55 11.12
C TYR B 720 -13.33 -1.16 12.16
N LYS B 721 -13.12 -0.02 12.82
CA LYS B 721 -14.07 0.48 13.82
C LYS B 721 -15.35 0.95 13.17
N ALA B 722 -15.25 1.72 12.08
CA ALA B 722 -16.43 2.18 11.36
C ALA B 722 -17.34 1.03 10.97
N LEU B 723 -16.75 -0.03 10.42
CA LEU B 723 -17.52 -1.21 10.00
C LEU B 723 -18.21 -1.92 11.17
N ASN B 724 -17.51 -2.03 12.30
CA ASN B 724 -18.08 -2.63 13.52
C ASN B 724 -19.22 -1.79 14.11
N TYR B 725 -19.07 -0.47 14.09
CA TYR B 725 -20.17 0.41 14.51
C TYR B 725 -21.44 0.24 13.67
N GLN B 726 -21.28 0.10 12.35
CA GLN B 726 -22.42 -0.10 11.46
C GLN B 726 -23.15 -1.43 11.70
N ALA B 727 -22.40 -2.47 12.04
CA ALA B 727 -23.00 -3.76 12.42
C ALA B 727 -23.72 -3.66 13.76
N GLN B 728 -23.10 -3.00 14.73
CA GLN B 728 -23.71 -2.77 16.04
C GLN B 728 -25.02 -1.99 15.93
N ALA B 729 -25.06 -0.99 15.06
CA ALA B 729 -26.29 -0.23 14.82
C ALA B 729 -27.40 -1.10 14.24
N LEU B 730 -27.06 -1.98 13.30
CA LEU B 730 -28.06 -2.87 12.67
C LEU B 730 -28.59 -3.93 13.65
N GLU B 731 -27.70 -4.53 14.42
CA GLU B 731 -28.09 -5.46 15.50
C GLU B 731 -29.00 -4.81 16.55
N GLU B 732 -28.74 -3.54 16.87
CA GLU B 732 -29.62 -2.79 17.77
C GLU B 732 -31.00 -2.51 17.16
N ILE B 733 -31.04 -2.16 15.87
CA ILE B 733 -32.29 -1.91 15.15
C ILE B 733 -33.13 -3.18 15.05
N ILE B 734 -32.50 -4.30 14.69
CA ILE B 734 -33.19 -5.58 14.54
C ILE B 734 -33.77 -6.03 15.88
N LYS B 735 -32.94 -6.03 16.90
CA LYS B 735 -33.33 -6.46 18.24
C LYS B 735 -34.52 -5.64 18.78
N TYR B 736 -34.47 -4.32 18.58
CA TYR B 736 -35.51 -3.42 19.07
C TYR B 736 -36.86 -3.74 18.42
N ARG B 737 -36.86 -3.91 17.09
CA ARG B 737 -38.10 -4.17 16.34
C ARG B 737 -38.70 -5.57 16.57
N TYR B 738 -37.86 -6.54 16.91
CA TYR B 738 -38.31 -7.87 17.33
C TYR B 738 -39.14 -7.81 18.62
N ASN B 739 -38.78 -6.92 19.55
CA ASN B 739 -39.46 -6.82 20.85
C ASN B 739 -40.69 -5.89 20.91
N ILE B 740 -40.97 -5.16 19.83
CA ILE B 740 -42.23 -4.42 19.69
C ILE B 740 -43.41 -5.39 19.44
N TYR B 741 -43.14 -6.51 18.78
CA TYR B 741 -44.16 -7.52 18.47
C TYR B 741 -44.67 -8.22 19.74
N SER B 742 -45.91 -8.71 19.69
CA SER B 742 -46.51 -9.40 20.85
C SER B 742 -45.84 -10.73 21.13
N GLU B 743 -46.03 -11.26 22.33
CA GLU B 743 -45.33 -12.48 22.77
C GLU B 743 -45.66 -13.71 21.93
N LYS B 744 -46.88 -13.77 21.40
CA LYS B 744 -47.30 -14.89 20.54
C LYS B 744 -46.75 -14.75 19.12
N GLU B 745 -46.68 -13.51 18.61
CA GLU B 745 -46.04 -13.23 17.32
C GLU B 745 -44.55 -13.62 17.26
N LYS B 746 -43.85 -13.56 18.39
CA LYS B 746 -42.46 -14.03 18.50
C LYS B 746 -42.27 -15.52 18.21
N SER B 747 -43.29 -16.33 18.52
CA SER B 747 -43.29 -17.79 18.24
C SER B 747 -43.72 -18.17 16.81
N ASN B 748 -44.10 -17.19 15.98
CA ASN B 748 -44.25 -17.37 14.53
C ASN B 748 -43.01 -16.85 13.77
N ILE B 749 -42.03 -16.33 14.50
CA ILE B 749 -40.82 -15.76 13.93
C ILE B 749 -39.61 -16.49 14.52
N ASN B 750 -38.87 -17.19 13.65
CA ASN B 750 -37.66 -17.92 14.03
C ASN B 750 -36.40 -17.07 13.69
N ILE B 751 -35.75 -16.55 14.74
CA ILE B 751 -34.53 -15.74 14.60
C ILE B 751 -33.45 -16.32 15.52
N ASP B 752 -32.22 -16.33 15.02
CA ASP B 752 -31.03 -16.72 15.78
C ASP B 752 -30.08 -15.52 15.83
N PHE B 753 -29.91 -14.93 17.01
CA PHE B 753 -29.10 -13.71 17.16
C PHE B 753 -27.59 -13.94 17.08
N ASN B 754 -27.13 -15.14 17.46
CA ASN B 754 -25.72 -15.53 17.27
C ASN B 754 -25.40 -15.72 15.78
N ASP B 755 -26.33 -16.32 15.04
CA ASP B 755 -26.20 -16.46 13.59
C ASP B 755 -26.10 -15.11 12.86
N ILE B 756 -26.85 -14.11 13.32
CA ILE B 756 -26.82 -12.76 12.74
C ILE B 756 -25.47 -12.09 13.01
N ASN B 757 -25.01 -12.16 14.26
CA ASN B 757 -23.70 -11.63 14.65
C ASN B 757 -22.55 -12.31 13.89
N SER B 758 -22.68 -13.62 13.69
CA SER B 758 -21.68 -14.42 12.99
C SER B 758 -21.64 -14.10 11.48
N LYS B 759 -22.81 -13.91 10.88
CA LYS B 759 -22.91 -13.60 9.45
C LYS B 759 -22.44 -12.18 9.10
N LEU B 760 -22.68 -11.22 9.99
CA LEU B 760 -22.19 -9.85 9.80
C LEU B 760 -20.68 -9.77 9.99
N ASN B 761 -20.15 -10.56 10.91
CA ASN B 761 -18.70 -10.59 11.19
C ASN B 761 -17.87 -11.12 10.04
N GLU B 762 -18.34 -12.17 9.38
CA GLU B 762 -17.66 -12.68 8.18
C GLU B 762 -17.68 -11.63 7.06
N GLY B 763 -18.77 -10.87 6.97
CA GLY B 763 -18.87 -9.75 6.03
C GLY B 763 -17.85 -8.65 6.31
N ILE B 764 -17.62 -8.34 7.59
CA ILE B 764 -16.60 -7.37 7.98
C ILE B 764 -15.19 -7.90 7.66
N ASN B 765 -14.94 -9.17 7.97
CA ASN B 765 -13.61 -9.76 7.74
C ASN B 765 -13.27 -9.86 6.25
N GLN B 766 -14.27 -10.11 5.39
CA GLN B 766 -14.10 -10.02 3.93
C GLN B 766 -13.79 -8.59 3.50
N ALA B 767 -14.51 -7.62 4.06
CA ALA B 767 -14.30 -6.20 3.73
C ALA B 767 -12.93 -5.67 4.15
N ILE B 768 -12.49 -6.08 5.35
CA ILE B 768 -11.17 -5.69 5.88
C ILE B 768 -10.01 -6.21 5.01
N ASP B 769 -10.14 -7.41 4.46
CA ASP B 769 -9.15 -7.93 3.50
C ASP B 769 -9.00 -7.01 2.29
N ASN B 770 -10.13 -6.58 1.71
CA ASN B 770 -10.12 -5.66 0.58
C ASN B 770 -9.49 -4.33 0.97
N ILE B 771 -9.90 -3.79 2.11
CA ILE B 771 -9.43 -2.47 2.56
C ILE B 771 -7.92 -2.47 2.81
N ASN B 772 -7.40 -3.54 3.42
CA ASN B 772 -5.97 -3.66 3.65
C ASN B 772 -5.18 -3.70 2.34
N ASN B 773 -5.70 -4.41 1.34
CA ASN B 773 -5.06 -4.46 0.01
C ASN B 773 -5.09 -3.10 -0.69
N PHE B 774 -6.26 -2.48 -0.77
CA PHE B 774 -6.40 -1.14 -1.35
C PHE B 774 -5.45 -0.13 -0.70
N ILE B 775 -5.46 -0.06 0.62
CA ILE B 775 -4.66 0.92 1.37
C ILE B 775 -3.16 0.64 1.26
N ASN B 776 -2.76 -0.63 1.34
CA ASN B 776 -1.36 -1.01 1.12
C ASN B 776 -0.87 -0.59 -0.26
N GLY B 777 -1.73 -0.77 -1.27
CA GLY B 777 -1.46 -0.31 -2.63
C GLY B 777 -1.28 1.20 -2.74
N CYS B 778 -2.17 1.96 -2.09
CA CYS B 778 -2.06 3.42 -2.05
C CYS B 778 -0.74 3.86 -1.41
N SER B 779 -0.29 3.16 -0.38
CA SER B 779 0.92 3.54 0.34
C SER B 779 2.18 3.34 -0.50
N VAL B 780 2.28 2.20 -1.17
CA VAL B 780 3.37 1.94 -2.10
C VAL B 780 3.31 2.94 -3.26
N SER B 781 2.09 3.23 -3.74
CA SER B 781 1.89 4.20 -4.81
C SER B 781 2.44 5.59 -4.45
N TYR B 782 2.19 6.05 -3.23
CA TYR B 782 2.72 7.34 -2.80
C TYR B 782 4.27 7.32 -2.76
N LEU B 783 4.84 6.19 -2.35
CA LEU B 783 6.29 6.02 -2.32
C LEU B 783 6.88 6.17 -3.72
N MET B 784 6.34 5.39 -4.66
CA MET B 784 6.91 5.29 -6.00
C MET B 784 6.66 6.51 -6.89
N LYS B 785 5.54 7.22 -6.72
CA LYS B 785 5.19 8.36 -7.57
C LYS B 785 5.47 9.73 -6.97
N LYS B 786 5.28 9.87 -5.66
CA LYS B 786 5.36 11.18 -5.00
C LYS B 786 6.64 11.44 -4.19
N MET B 787 7.46 10.40 -3.95
CA MET B 787 8.68 10.52 -3.13
C MET B 787 9.97 10.11 -3.86
N ILE B 788 10.02 8.88 -4.36
CA ILE B 788 11.21 8.37 -5.06
C ILE B 788 11.72 9.28 -6.22
N PRO B 789 10.83 9.68 -7.17
CA PRO B 789 11.25 10.56 -8.26
C PRO B 789 11.92 11.88 -7.84
N LEU B 790 11.49 12.45 -6.71
CA LEU B 790 12.12 13.68 -6.19
C LEU B 790 13.56 13.44 -5.72
N ALA B 791 13.85 12.22 -5.26
CA ALA B 791 15.21 11.82 -4.89
C ALA B 791 16.07 11.56 -6.11
N VAL B 792 15.49 10.87 -7.10
CA VAL B 792 16.15 10.62 -8.40
C VAL B 792 16.57 11.93 -9.09
N GLU B 793 15.75 12.98 -8.98
CA GLU B 793 16.09 14.30 -9.51
C GLU B 793 17.47 14.75 -9.00
N LYS B 794 17.65 14.69 -7.69
CA LYS B 794 18.91 15.13 -7.07
C LYS B 794 20.08 14.16 -7.30
N LEU B 795 19.80 12.86 -7.43
CA LEU B 795 20.84 11.87 -7.69
C LEU B 795 21.42 11.93 -9.10
N LEU B 796 20.59 12.19 -10.11
CA LEU B 796 21.04 12.45 -11.49
C LEU B 796 21.89 13.71 -11.57
N ASP B 797 21.46 14.76 -10.88
CA ASP B 797 22.25 15.99 -10.73
C ASP B 797 23.64 15.74 -10.10
N PHE B 798 23.70 14.85 -9.12
CA PHE B 798 24.97 14.41 -8.52
C PHE B 798 25.83 13.63 -9.53
N ASP B 799 25.21 12.68 -10.24
CA ASP B 799 25.89 11.90 -11.29
C ASP B 799 26.51 12.80 -12.38
N ASN B 800 25.76 13.82 -12.76
CA ASN B 800 26.22 14.80 -13.74
C ASN B 800 27.50 15.53 -13.26
N THR B 801 27.47 16.02 -12.02
CA THR B 801 28.62 16.72 -11.44
C THR B 801 29.82 15.79 -11.24
N LEU B 802 29.56 14.52 -10.92
CA LEU B 802 30.62 13.51 -10.80
C LEU B 802 31.24 13.18 -12.16
N LYS B 803 30.42 13.07 -13.20
CA LYS B 803 30.92 12.78 -14.55
C LYS B 803 31.84 13.89 -15.07
N LYS B 804 31.45 15.14 -14.86
CA LYS B 804 32.30 16.29 -15.16
C LYS B 804 33.63 16.26 -14.39
N ASN B 805 33.55 15.88 -13.11
CA ASN B 805 34.72 15.76 -12.24
C ASN B 805 35.68 14.65 -12.68
N LEU B 806 35.12 13.46 -12.96
CA LEU B 806 35.93 12.28 -13.34
C LEU B 806 36.62 12.41 -14.71
N LEU B 807 35.91 12.98 -15.70
CA LEU B 807 36.49 13.20 -17.03
C LEU B 807 37.61 14.24 -17.00
N ASN B 808 37.41 15.32 -16.25
CA ASN B 808 38.47 16.31 -16.03
C ASN B 808 39.68 15.71 -15.30
N TYR B 809 39.44 14.78 -14.38
CA TYR B 809 40.52 14.07 -13.67
C TYR B 809 41.31 13.13 -14.58
N ILE B 810 40.63 12.44 -15.49
CA ILE B 810 41.30 11.62 -16.51
C ILE B 810 42.14 12.52 -17.43
N ASP B 811 41.57 13.67 -17.80
CA ASP B 811 42.24 14.66 -18.66
C ASP B 811 43.48 15.28 -17.98
N GLU B 812 43.38 15.60 -16.69
CA GLU B 812 44.54 16.09 -15.93
C GLU B 812 45.69 15.07 -15.82
N ASN B 813 45.37 13.77 -15.84
CA ASN B 813 46.36 12.70 -15.65
C ASN B 813 46.70 11.90 -16.94
N LYS B 814 46.23 12.35 -18.10
CA LYS B 814 46.41 11.62 -19.39
C LYS B 814 47.85 11.19 -19.70
N LEU B 815 48.82 11.99 -19.25
CA LEU B 815 50.24 11.67 -19.41
C LEU B 815 50.65 10.43 -18.62
N TYR B 816 50.19 10.35 -17.36
CA TYR B 816 50.52 9.23 -16.46
C TYR B 816 49.70 7.95 -16.76
N LEU B 817 48.60 8.10 -17.51
CA LEU B 817 47.77 6.96 -17.96
C LEU B 817 48.27 6.28 -19.24
N ILE B 818 49.25 6.90 -19.91
CA ILE B 818 50.01 6.28 -21.03
C ILE B 818 49.09 5.83 -22.18
N GLY B 819 48.15 6.68 -22.57
CA GLY B 819 47.22 6.38 -23.66
C GLY B 819 46.15 5.31 -23.40
N SER B 820 46.10 4.75 -22.18
CA SER B 820 44.92 3.98 -21.71
C SER B 820 43.76 4.91 -21.38
N ALA B 821 44.09 6.16 -21.04
CA ALA B 821 43.15 7.29 -20.89
C ALA B 821 41.76 7.12 -21.51
N GLU B 822 41.71 6.81 -22.80
CA GLU B 822 40.44 6.71 -23.55
C GLU B 822 39.58 5.48 -23.18
N TYR B 823 40.21 4.43 -22.66
CA TYR B 823 39.50 3.26 -22.09
C TYR B 823 38.79 3.61 -20.78
N GLU B 824 39.42 4.47 -19.96
CA GLU B 824 38.84 4.94 -18.71
C GLU B 824 37.67 5.91 -18.94
N LYS B 825 37.80 6.81 -19.93
CA LYS B 825 36.73 7.77 -20.26
C LYS B 825 35.44 7.08 -20.73
N SER B 826 35.57 5.95 -21.40
CA SER B 826 34.42 5.17 -21.87
C SER B 826 33.80 4.32 -20.76
N LYS B 827 34.63 3.87 -19.80
CA LYS B 827 34.16 3.18 -18.59
C LYS B 827 33.30 4.11 -17.74
N VAL B 828 33.80 5.32 -17.50
CA VAL B 828 33.08 6.35 -16.77
C VAL B 828 31.72 6.63 -17.39
N ASN B 829 31.69 6.93 -18.70
CA ASN B 829 30.42 7.19 -19.40
C ASN B 829 29.44 6.01 -19.43
N LYS B 830 29.98 4.78 -19.47
CA LYS B 830 29.16 3.56 -19.46
C LYS B 830 28.57 3.28 -18.07
N TYR B 831 29.38 3.49 -17.04
CA TYR B 831 28.97 3.23 -15.66
C TYR B 831 27.89 4.22 -15.20
N LEU B 832 28.08 5.51 -15.51
CA LEU B 832 27.12 6.54 -15.14
C LEU B 832 25.94 6.71 -16.11
N LYS B 833 25.72 5.75 -17.01
CA LYS B 833 24.57 5.77 -17.92
C LYS B 833 23.38 5.06 -17.27
N THR B 834 23.61 3.80 -16.88
CA THR B 834 22.58 2.99 -16.23
C THR B 834 22.45 3.35 -14.74
N ILE B 835 21.25 3.75 -14.34
CA ILE B 835 20.96 4.17 -12.95
C ILE B 835 20.52 2.98 -12.10
N MET B 836 20.80 3.05 -10.80
CA MET B 836 20.42 1.97 -9.87
C MET B 836 18.90 1.92 -9.72
N PRO B 837 18.28 0.76 -9.98
CA PRO B 837 16.84 0.63 -9.79
C PRO B 837 16.49 0.46 -8.31
N PHE B 838 15.38 1.08 -7.89
CA PHE B 838 14.88 0.96 -6.51
C PHE B 838 14.28 -0.42 -6.23
N ASP B 839 14.75 -1.05 -5.16
CA ASP B 839 14.21 -2.31 -4.67
C ASP B 839 14.04 -2.21 -3.15
N LEU B 840 12.79 -2.23 -2.68
CA LEU B 840 12.52 -2.10 -1.25
C LEU B 840 13.19 -3.20 -0.41
N SER B 841 13.29 -4.41 -0.96
CA SER B 841 13.89 -5.56 -0.25
C SER B 841 15.35 -5.37 0.17
N ILE B 842 16.03 -4.37 -0.39
CA ILE B 842 17.37 -3.99 0.06
C ILE B 842 17.35 -3.41 1.48
N TYR B 843 16.31 -2.63 1.81
CA TYR B 843 16.26 -1.83 3.05
C TYR B 843 15.36 -2.41 4.16
N THR B 844 14.82 -3.61 3.96
CA THR B 844 14.00 -4.28 4.97
C THR B 844 13.95 -5.79 4.67
N ASN B 845 13.75 -6.59 5.72
CA ASN B 845 13.48 -8.01 5.58
C ASN B 845 12.05 -8.38 6.00
N ASP B 846 11.22 -7.39 6.33
CA ASP B 846 9.84 -7.64 6.73
C ASP B 846 9.02 -8.16 5.55
N THR B 847 8.44 -9.35 5.69
CA THR B 847 7.74 -10.01 4.58
C THR B 847 6.45 -9.28 4.19
N ILE B 848 5.80 -8.61 5.14
CA ILE B 848 4.58 -7.86 4.82
C ILE B 848 4.91 -6.74 3.83
N LEU B 849 5.96 -5.98 4.09
CA LEU B 849 6.41 -4.90 3.20
C LEU B 849 6.88 -5.41 1.84
N ILE B 850 7.66 -6.49 1.82
CA ILE B 850 8.14 -7.09 0.56
C ILE B 850 6.97 -7.50 -0.33
N GLU B 851 5.96 -8.14 0.27
CA GLU B 851 4.78 -8.59 -0.49
C GLU B 851 3.90 -7.46 -0.98
N MET B 852 3.76 -6.37 -0.20
CA MET B 852 3.15 -5.12 -0.69
C MET B 852 3.82 -4.67 -1.99
N PHE B 853 5.14 -4.56 -1.93
CA PHE B 853 5.98 -4.06 -3.02
C PHE B 853 5.94 -4.98 -4.24
N ASN B 854 6.00 -6.29 -4.01
CA ASN B 854 5.97 -7.28 -5.10
C ASN B 854 4.60 -7.37 -5.76
N LYS B 855 3.54 -7.13 -4.99
CA LYS B 855 2.19 -7.09 -5.54
C LYS B 855 2.04 -5.86 -6.44
N TYR B 856 2.48 -4.71 -5.94
CA TYR B 856 2.46 -3.46 -6.69
C TYR B 856 3.13 -3.59 -8.07
N ASN B 857 4.31 -4.19 -8.10
CA ASN B 857 5.08 -4.38 -9.33
C ASN B 857 4.46 -5.41 -10.28
N SER B 858 3.61 -6.32 -9.77
CA SER B 858 2.89 -7.33 -10.57
C SER B 858 1.61 -6.82 -11.25
N GLU B 859 1.19 -5.59 -10.93
CA GLU B 859 -0.04 -5.02 -11.45
C GLU B 859 0.31 -4.07 -12.58
N ILE B 860 -0.08 -4.47 -13.80
CA ILE B 860 0.34 -3.78 -15.03
C ILE B 860 -0.10 -2.30 -15.10
N LEU B 861 -1.20 -1.95 -14.46
CA LEU B 861 -1.64 -0.55 -14.42
C LEU B 861 -0.65 0.39 -13.71
N ASN B 862 0.16 -0.15 -12.79
CA ASN B 862 1.19 0.63 -12.13
C ASN B 862 2.42 0.88 -13.03
N ASN B 863 2.48 0.25 -14.21
CA ASN B 863 3.49 0.56 -15.22
C ASN B 863 3.11 1.71 -16.17
N ILE B 864 1.91 2.29 -16.03
CA ILE B 864 1.50 3.44 -16.83
C ILE B 864 2.27 4.70 -16.38
N ILE B 865 2.89 5.40 -17.32
CA ILE B 865 3.63 6.65 -17.03
C ILE B 865 3.09 7.91 -17.73
N LEU B 866 2.16 7.73 -18.67
CA LEU B 866 1.36 8.82 -19.22
C LEU B 866 -0.01 8.25 -19.57
N ASN B 867 -1.08 8.95 -19.22
CA ASN B 867 -2.44 8.48 -19.50
C ASN B 867 -3.35 9.67 -19.77
N LEU B 868 -3.47 10.05 -21.05
CA LEU B 868 -4.30 11.17 -21.45
C LEU B 868 -5.77 10.77 -21.43
N ARG B 869 -6.56 11.55 -20.70
CA ARG B 869 -8.02 11.39 -20.62
C ARG B 869 -8.71 12.75 -20.50
N TYR B 870 -9.99 12.75 -20.86
CA TYR B 870 -10.87 13.93 -20.84
C TYR B 870 -11.51 14.14 -19.45
N LYS B 871 -11.35 15.35 -18.91
CA LYS B 871 -12.16 15.87 -17.78
C LYS B 871 -12.38 17.38 -17.98
N ASP B 872 -13.63 17.84 -17.90
CA ASP B 872 -13.97 19.29 -17.89
C ASP B 872 -13.41 20.08 -19.08
N ASN B 873 -13.82 19.67 -20.28
CA ASN B 873 -13.45 20.34 -21.56
C ASN B 873 -11.93 20.47 -21.82
N ASN B 874 -11.15 19.49 -21.37
CA ASN B 874 -9.68 19.55 -21.44
C ASN B 874 -9.07 18.14 -21.30
N LEU B 875 -7.83 17.96 -21.79
CA LEU B 875 -7.07 16.73 -21.58
C LEU B 875 -6.07 16.89 -20.44
N ILE B 876 -5.99 15.87 -19.59
CA ILE B 876 -5.06 15.84 -18.47
C ILE B 876 -4.43 14.45 -18.33
N ASP B 877 -3.34 14.40 -17.58
CA ASP B 877 -2.58 13.17 -17.34
C ASP B 877 -3.07 12.54 -16.03
N LEU B 878 -3.68 11.35 -16.12
CA LEU B 878 -4.09 10.59 -14.92
C LEU B 878 -3.11 9.46 -14.53
N SER B 879 -1.86 9.54 -14.97
CA SER B 879 -0.88 8.50 -14.64
C SER B 879 -0.45 8.57 -13.18
N GLY B 880 -0.48 9.77 -12.61
CA GLY B 880 0.06 10.03 -11.28
C GLY B 880 1.42 10.70 -11.25
N TYR B 881 2.11 10.74 -12.40
CA TYR B 881 3.42 11.40 -12.52
C TYR B 881 3.34 12.87 -12.92
N GLY B 882 2.12 13.39 -13.11
CA GLY B 882 1.88 14.82 -13.24
C GLY B 882 2.49 15.52 -14.44
N ALA B 883 2.44 14.88 -15.61
CA ALA B 883 2.95 15.48 -16.84
C ALA B 883 2.10 16.68 -17.26
N LYS B 884 2.75 17.70 -17.82
CA LYS B 884 2.07 18.92 -18.24
C LYS B 884 1.45 18.74 -19.62
N VAL B 885 0.18 19.09 -19.76
CA VAL B 885 -0.57 18.92 -21.00
C VAL B 885 -1.24 20.24 -21.33
N GLU B 886 -1.00 20.74 -22.54
CA GLU B 886 -1.59 22.00 -23.00
C GLU B 886 -2.15 21.84 -24.41
N VAL B 887 -3.49 21.90 -24.49
CA VAL B 887 -4.25 21.72 -25.73
C VAL B 887 -4.53 23.09 -26.33
N TYR B 888 -4.05 23.32 -27.55
CA TYR B 888 -4.32 24.57 -28.27
C TYR B 888 -5.72 24.53 -28.92
N ASP B 889 -6.20 25.70 -29.33
CA ASP B 889 -7.63 25.90 -29.69
C ASP B 889 -8.15 25.08 -30.89
N GLY B 890 -7.25 24.67 -31.78
CA GLY B 890 -7.61 23.93 -32.98
C GLY B 890 -7.91 22.44 -32.85
N VAL B 891 -7.79 21.89 -31.62
CA VAL B 891 -8.11 20.49 -31.35
C VAL B 891 -9.55 20.40 -30.83
N GLU B 892 -10.40 19.68 -31.55
CA GLU B 892 -11.78 19.45 -31.12
C GLU B 892 -11.80 18.31 -30.11
N LEU B 893 -12.53 18.49 -29.01
CA LEU B 893 -12.68 17.47 -27.96
C LEU B 893 -14.15 17.16 -27.74
N ASN B 894 -14.45 15.89 -27.42
CA ASN B 894 -15.77 15.52 -26.89
C ASN B 894 -15.64 14.63 -25.65
N ASP B 895 -16.76 14.44 -24.97
CA ASP B 895 -16.80 13.69 -23.70
C ASP B 895 -16.79 12.16 -23.85
N LYS B 896 -16.64 11.66 -25.09
CA LYS B 896 -16.34 10.25 -25.34
C LYS B 896 -14.83 10.02 -25.52
N ASN B 897 -14.01 10.98 -25.10
CA ASN B 897 -12.54 10.90 -25.15
C ASN B 897 -11.91 10.94 -26.56
N GLN B 898 -12.68 11.40 -27.54
CA GLN B 898 -12.20 11.48 -28.91
C GLN B 898 -11.61 12.87 -29.12
N PHE B 899 -10.40 12.94 -29.71
CA PHE B 899 -9.82 14.23 -30.12
C PHE B 899 -9.39 14.26 -31.61
N LYS B 900 -9.55 15.43 -32.23
CA LYS B 900 -9.39 15.62 -33.68
C LYS B 900 -8.20 16.53 -34.01
N LEU B 901 -7.24 15.99 -34.75
CA LEU B 901 -6.12 16.77 -35.28
C LEU B 901 -6.43 17.19 -36.71
N THR B 902 -6.58 18.50 -36.93
CA THR B 902 -6.84 19.06 -38.27
C THR B 902 -5.55 19.64 -38.86
N SER B 903 -5.63 20.10 -40.10
CA SER B 903 -4.47 20.73 -40.79
C SER B 903 -4.15 22.17 -40.33
N SER B 904 -5.04 22.78 -39.54
CA SER B 904 -4.81 24.12 -38.98
C SER B 904 -3.55 24.20 -38.12
N ALA B 905 -2.92 25.37 -38.12
CA ALA B 905 -1.69 25.62 -37.36
C ALA B 905 -1.88 25.51 -35.84
N ASN B 906 -3.06 25.92 -35.35
CA ASN B 906 -3.37 25.87 -33.92
C ASN B 906 -3.99 24.52 -33.44
N SER B 907 -4.12 23.53 -34.33
CA SER B 907 -4.56 22.18 -33.95
C SER B 907 -3.37 21.36 -33.46
N LYS B 908 -3.07 21.52 -32.17
CA LYS B 908 -1.83 21.04 -31.56
C LYS B 908 -2.02 20.65 -30.09
N ILE B 909 -1.26 19.64 -29.63
CA ILE B 909 -1.11 19.36 -28.19
C ILE B 909 0.37 19.21 -27.87
N ARG B 910 0.80 19.81 -26.75
CA ARG B 910 2.16 19.63 -26.23
C ARG B 910 2.10 18.96 -24.87
N VAL B 911 2.74 17.80 -24.76
CA VAL B 911 2.95 17.11 -23.48
C VAL B 911 4.42 17.28 -23.08
N THR B 912 4.66 17.79 -21.87
CA THR B 912 6.03 17.84 -21.30
C THR B 912 6.15 16.75 -20.24
N GLN B 913 7.00 15.75 -20.51
CA GLN B 913 7.13 14.56 -19.67
C GLN B 913 7.87 14.86 -18.36
N ASN B 914 7.62 14.00 -17.36
CA ASN B 914 8.34 14.06 -16.09
C ASN B 914 9.74 13.49 -16.30
N GLN B 915 10.75 14.33 -16.08
CA GLN B 915 12.13 13.98 -16.36
C GLN B 915 12.74 12.96 -15.39
N ASN B 916 12.11 12.76 -14.24
CA ASN B 916 12.65 11.92 -13.16
C ASN B 916 12.22 10.44 -13.17
N ILE B 917 11.47 10.01 -14.18
CA ILE B 917 11.15 8.58 -14.37
C ILE B 917 12.35 7.88 -15.02
N ILE B 918 12.62 6.64 -14.60
CA ILE B 918 13.85 5.90 -14.97
C ILE B 918 14.07 5.69 -16.47
N ASN B 920 15.45 4.19 -19.33
CA ASN B 920 15.62 3.18 -20.38
C ASN B 920 16.17 3.81 -21.67
N SER B 921 17.44 4.23 -21.62
CA SER B 921 18.11 4.87 -22.77
C SER B 921 18.56 3.83 -23.78
N VAL B 922 19.44 2.92 -23.33
CA VAL B 922 20.07 1.92 -24.19
C VAL B 922 19.21 0.67 -24.28
N PHE B 923 18.71 0.20 -23.13
CA PHE B 923 17.90 -1.00 -23.07
C PHE B 923 16.42 -0.62 -23.00
N LEU B 924 15.79 -0.54 -24.17
CA LEU B 924 14.39 -0.12 -24.29
C LEU B 924 13.48 -1.18 -23.67
N ASP B 925 12.42 -0.70 -23.01
CA ASP B 925 11.42 -1.57 -22.37
C ASP B 925 10.19 -0.70 -22.11
N PHE B 926 9.44 -0.42 -23.17
CA PHE B 926 8.28 0.48 -23.08
C PHE B 926 7.26 0.23 -24.20
N SER B 927 6.00 0.54 -23.92
CA SER B 927 4.91 0.34 -24.86
C SER B 927 4.07 1.60 -25.03
N VAL B 928 3.39 1.70 -26.17
CA VAL B 928 2.48 2.82 -26.45
C VAL B 928 1.18 2.24 -26.99
N SER B 929 0.04 2.75 -26.52
CA SER B 929 -1.27 2.30 -27.01
C SER B 929 -2.26 3.46 -27.21
N PHE B 930 -3.12 3.32 -28.20
CA PHE B 930 -4.12 4.33 -28.57
C PHE B 930 -5.13 3.74 -29.57
N TRP B 931 -6.28 4.42 -29.68
CA TRP B 931 -7.29 4.11 -30.70
C TRP B 931 -7.23 5.19 -31.77
N ILE B 932 -7.55 4.83 -33.01
CA ILE B 932 -7.43 5.75 -34.14
C ILE B 932 -8.47 5.46 -35.24
N ARG B 933 -8.97 6.53 -35.85
CA ARG B 933 -9.88 6.43 -37.00
C ARG B 933 -9.32 7.29 -38.14
N ILE B 934 -8.86 6.61 -39.19
CA ILE B 934 -8.13 7.25 -40.29
C ILE B 934 -9.06 7.37 -41.51
N PRO B 935 -9.27 8.59 -42.03
CA PRO B 935 -10.22 8.72 -43.15
C PRO B 935 -9.81 8.03 -44.46
N LYS B 936 -10.82 7.81 -45.30
CA LYS B 936 -10.64 7.21 -46.62
C LYS B 936 -9.94 8.20 -47.55
N TYR B 937 -9.11 7.64 -48.43
CA TYR B 937 -8.58 8.33 -49.62
C TYR B 937 -9.65 9.09 -50.40
N LYS B 938 -9.24 10.18 -51.05
CA LYS B 938 -10.05 10.81 -52.08
C LYS B 938 -9.77 10.10 -53.41
N ASN B 939 -10.83 9.72 -54.13
CA ASN B 939 -10.70 9.04 -55.43
C ASN B 939 -9.91 9.86 -56.45
N ASP B 940 -10.20 11.15 -56.54
CA ASP B 940 -9.46 12.06 -57.42
C ASP B 940 -7.97 12.20 -57.05
N GLY B 941 -7.67 12.27 -55.75
CA GLY B 941 -6.31 12.51 -55.26
C GLY B 941 -5.60 11.29 -54.68
N ILE B 942 -5.69 10.14 -55.34
CA ILE B 942 -5.02 8.90 -54.85
C ILE B 942 -3.49 8.95 -54.79
N GLN B 943 -2.85 9.81 -55.58
CA GLN B 943 -1.40 9.87 -55.65
C GLN B 943 -0.79 10.60 -54.46
N ASN B 944 -1.41 11.70 -54.04
CA ASN B 944 -0.99 12.39 -52.81
C ASN B 944 -1.18 11.50 -51.57
N TYR B 945 -2.28 10.75 -51.54
CA TYR B 945 -2.58 9.78 -50.47
C TYR B 945 -1.50 8.70 -50.33
N ILE B 946 -1.19 8.03 -51.43
CA ILE B 946 -0.34 6.83 -51.40
C ILE B 946 1.17 7.10 -51.21
N HIS B 947 1.65 8.28 -51.64
CA HIS B 947 3.10 8.61 -51.65
C HIS B 947 3.58 9.51 -50.50
N ASN B 948 2.73 10.44 -50.04
CA ASN B 948 3.13 11.46 -49.05
C ASN B 948 2.94 11.02 -47.58
N GLU B 949 4.07 10.73 -46.93
CA GLU B 949 4.13 10.40 -45.51
C GLU B 949 3.92 11.68 -44.69
N TYR B 950 3.16 11.57 -43.58
CA TYR B 950 2.97 12.69 -42.65
C TYR B 950 2.98 12.23 -41.18
N THR B 951 3.68 12.99 -40.34
CA THR B 951 3.81 12.70 -38.91
C THR B 951 2.53 13.12 -38.19
N ILE B 952 2.12 12.32 -37.20
CA ILE B 952 1.01 12.69 -36.30
C ILE B 952 1.48 12.94 -34.86
N ILE B 953 2.37 12.09 -34.34
CA ILE B 953 2.91 12.25 -32.98
C ILE B 953 4.44 12.21 -33.04
N ASN B 954 5.07 13.21 -32.43
CA ASN B 954 6.52 13.40 -32.53
C ASN B 954 7.16 13.65 -31.16
N CYS B 955 8.06 12.75 -30.74
CA CYS B 955 8.80 12.89 -29.47
C CYS B 955 10.31 12.87 -29.73
N MET B 956 10.90 14.06 -29.87
CA MET B 956 12.31 14.20 -30.29
C MET B 956 13.07 15.19 -29.42
N LYS B 957 14.34 14.88 -29.18
CA LYS B 957 15.29 15.82 -28.56
C LYS B 957 16.71 15.53 -29.04
N ASN B 958 17.38 16.57 -29.55
CA ASN B 958 18.71 16.46 -30.17
C ASN B 958 18.72 15.44 -31.32
N ASN B 959 17.69 15.53 -32.18
CA ASN B 959 17.50 14.64 -33.34
C ASN B 959 17.50 13.14 -33.00
N SER B 960 16.88 12.81 -31.86
CA SER B 960 16.73 11.43 -31.40
C SER B 960 15.38 11.27 -30.67
N GLY B 961 14.76 10.09 -30.81
CA GLY B 961 13.50 9.79 -30.16
C GLY B 961 12.62 8.86 -30.97
N TRP B 962 11.31 9.08 -30.91
CA TRP B 962 10.34 8.25 -31.65
C TRP B 962 9.28 9.09 -32.33
N LYS B 963 8.60 8.46 -33.27
CA LYS B 963 7.72 9.14 -34.21
C LYS B 963 6.63 8.17 -34.68
N ILE B 964 5.38 8.65 -34.69
CA ILE B 964 4.28 7.90 -35.30
C ILE B 964 3.86 8.69 -36.53
N SER B 965 3.85 8.01 -37.68
CA SER B 965 3.46 8.65 -38.95
C SER B 965 2.56 7.75 -39.79
N ILE B 966 1.89 8.38 -40.74
CA ILE B 966 0.98 7.72 -41.67
C ILE B 966 1.38 8.08 -43.11
N ARG B 967 1.35 7.08 -43.98
CA ARG B 967 1.44 7.29 -45.43
C ARG B 967 0.32 6.52 -46.11
N GLY B 968 -0.78 7.21 -46.41
CA GLY B 968 -1.95 6.60 -47.01
C GLY B 968 -2.59 5.53 -46.13
N ASN B 969 -2.47 4.27 -46.54
CA ASN B 969 -3.04 3.10 -45.83
C ASN B 969 -1.99 2.35 -44.98
N ARG B 970 -0.99 3.08 -44.50
CA ARG B 970 0.10 2.51 -43.72
C ARG B 970 0.30 3.35 -42.47
N ILE B 971 0.36 2.71 -41.30
CA ILE B 971 0.71 3.38 -40.04
C ILE B 971 2.11 2.92 -39.63
N ILE B 972 2.98 3.87 -39.27
CA ILE B 972 4.41 3.62 -39.13
C ILE B 972 4.97 4.08 -37.79
N TRP B 973 5.76 3.20 -37.15
CA TRP B 973 6.48 3.48 -35.90
C TRP B 973 7.97 3.55 -36.21
N THR B 974 8.64 4.62 -35.74
CA THR B 974 10.05 4.85 -36.09
C THR B 974 10.90 5.19 -34.85
N LEU B 975 12.06 4.54 -34.73
CA LEU B 975 13.05 4.81 -33.67
C LEU B 975 14.27 5.53 -34.26
N ILE B 976 14.75 6.57 -33.58
CA ILE B 976 15.91 7.36 -34.02
C ILE B 976 16.89 7.57 -32.86
N ASP B 977 18.15 7.16 -33.04
CA ASP B 977 19.18 7.29 -31.98
C ASP B 977 20.03 8.57 -32.10
N ILE B 978 20.88 8.77 -31.10
CA ILE B 978 21.84 9.90 -31.05
C ILE B 978 22.69 10.10 -32.33
N ASN B 979 23.05 9.00 -33.00
CA ASN B 979 23.85 9.05 -34.23
C ASN B 979 23.04 9.42 -35.49
N GLY B 980 21.72 9.27 -35.41
CA GLY B 980 20.81 9.51 -36.56
C GLY B 980 20.35 8.23 -37.26
N LYS B 981 20.58 7.07 -36.64
CA LYS B 981 20.19 5.77 -37.19
C LYS B 981 18.66 5.60 -37.12
N THR B 982 18.11 4.75 -38.00
CA THR B 982 16.67 4.56 -38.14
C THR B 982 16.29 3.07 -38.17
N LYS B 983 15.21 2.73 -37.46
CA LYS B 983 14.51 1.45 -37.61
C LYS B 983 13.00 1.72 -37.64
N SER B 984 12.27 0.90 -38.40
CA SER B 984 10.83 1.05 -38.49
C SER B 984 10.09 -0.29 -38.47
N VAL B 985 8.87 -0.24 -37.95
CA VAL B 985 7.91 -1.34 -38.04
C VAL B 985 6.59 -0.70 -38.41
N PHE B 986 5.85 -1.34 -39.32
CA PHE B 986 4.61 -0.76 -39.85
C PHE B 986 3.50 -1.78 -39.96
N PHE B 987 2.28 -1.27 -40.13
CA PHE B 987 1.11 -2.07 -40.41
C PHE B 987 0.40 -1.43 -41.59
N GLU B 988 0.04 -2.26 -42.57
CA GLU B 988 -0.64 -1.82 -43.79
C GLU B 988 -1.96 -2.56 -43.94
N TYR B 989 -3.03 -1.82 -44.20
CA TYR B 989 -4.36 -2.40 -44.44
C TYR B 989 -4.70 -2.32 -45.92
N ASN B 990 -5.45 -3.32 -46.38
CA ASN B 990 -5.77 -3.53 -47.78
C ASN B 990 -6.79 -2.49 -48.28
N ILE B 991 -6.43 -1.80 -49.36
CA ILE B 991 -7.29 -0.77 -50.00
C ILE B 991 -8.07 -1.30 -51.21
N ARG B 992 -7.84 -2.56 -51.58
CA ARG B 992 -8.67 -3.31 -52.54
C ARG B 992 -9.46 -4.39 -51.78
N GLU B 993 -10.58 -3.97 -51.20
CA GLU B 993 -11.45 -4.84 -50.37
C GLU B 993 -12.90 -4.44 -50.61
N ASP B 994 -13.78 -5.42 -50.83
CA ASP B 994 -15.21 -5.13 -50.93
C ASP B 994 -15.65 -4.30 -49.72
N ILE B 995 -15.37 -4.83 -48.53
CA ILE B 995 -15.68 -4.18 -47.25
C ILE B 995 -14.42 -4.19 -46.36
N SER B 996 -13.89 -3.01 -46.03
CA SER B 996 -12.76 -2.91 -45.10
C SER B 996 -13.20 -2.76 -43.65
N GLU B 997 -12.57 -3.54 -42.78
CA GLU B 997 -12.74 -3.41 -41.32
C GLU B 997 -11.90 -2.29 -40.68
N TYR B 998 -11.00 -1.69 -41.46
CA TYR B 998 -10.07 -0.67 -40.96
C TYR B 998 -10.31 0.75 -41.50
N ILE B 999 -10.77 0.88 -42.75
CA ILE B 999 -10.84 2.18 -43.43
C ILE B 999 -11.98 3.04 -42.86
N ASN B 1000 -11.60 4.14 -42.20
CA ASN B 1000 -12.52 5.07 -41.50
C ASN B 1000 -13.29 4.44 -40.32
N ARG B 1001 -12.79 3.32 -39.79
CA ARG B 1001 -13.41 2.63 -38.66
C ARG B 1001 -12.40 2.62 -37.50
N TRP B 1002 -12.89 2.80 -36.26
CA TRP B 1002 -12.03 2.81 -35.07
C TRP B 1002 -11.38 1.43 -34.86
N PHE B 1003 -10.04 1.43 -34.77
CA PHE B 1003 -9.30 0.24 -34.36
C PHE B 1003 -8.22 0.61 -33.33
N PHE B 1004 -7.70 -0.43 -32.68
CA PHE B 1004 -6.85 -0.30 -31.51
C PHE B 1004 -5.43 -0.67 -31.90
N VAL B 1005 -4.50 0.25 -31.63
CA VAL B 1005 -3.08 0.07 -31.96
C VAL B 1005 -2.30 -0.10 -30.66
N THR B 1006 -1.34 -1.03 -30.65
CA THR B 1006 -0.38 -1.14 -29.55
C THR B 1006 1.03 -1.45 -30.07
N ILE B 1007 1.97 -0.59 -29.69
CA ILE B 1007 3.38 -0.72 -30.08
C ILE B 1007 4.24 -1.10 -28.87
N THR B 1008 5.13 -2.07 -29.08
CA THR B 1008 5.90 -2.73 -28.02
C THR B 1008 7.39 -2.74 -28.39
N ASN B 1009 8.27 -2.41 -27.44
CA ASN B 1009 9.72 -2.28 -27.69
C ASN B 1009 10.54 -2.91 -26.55
N ASN B 1010 11.40 -3.88 -26.88
CA ASN B 1010 12.32 -4.50 -25.90
C ASN B 1010 13.78 -4.53 -26.43
N LEU B 1011 14.61 -5.51 -26.05
CA LEU B 1011 15.99 -5.63 -26.57
C LEU B 1011 16.06 -5.98 -28.05
N ASN B 1012 15.26 -6.98 -28.45
CA ASN B 1012 15.28 -7.52 -29.80
C ASN B 1012 14.37 -6.75 -30.73
N ASN B 1013 13.10 -6.65 -30.34
CA ASN B 1013 12.00 -6.38 -31.26
C ASN B 1013 11.35 -5.02 -31.04
N ALA B 1014 10.78 -4.48 -32.11
CA ALA B 1014 9.73 -3.46 -32.04
C ALA B 1014 8.52 -4.05 -32.75
N LYS B 1015 7.40 -4.20 -32.03
CA LYS B 1015 6.22 -4.92 -32.52
C LYS B 1015 5.00 -4.00 -32.64
N ILE B 1016 4.14 -4.29 -33.63
CA ILE B 1016 2.82 -3.65 -33.74
C ILE B 1016 1.74 -4.71 -33.58
N TYR B 1017 0.81 -4.45 -32.65
CA TYR B 1017 -0.39 -5.24 -32.47
C TYR B 1017 -1.57 -4.39 -32.95
N ILE B 1018 -2.52 -5.02 -33.64
CA ILE B 1018 -3.77 -4.37 -34.07
C ILE B 1018 -4.92 -5.18 -33.48
N ASN B 1019 -5.82 -4.49 -32.77
CA ASN B 1019 -6.97 -5.11 -32.05
C ASN B 1019 -6.58 -6.35 -31.25
N GLY B 1020 -5.42 -6.30 -30.59
CA GLY B 1020 -4.95 -7.38 -29.72
C GLY B 1020 -4.15 -8.49 -30.35
N LYS B 1021 -3.97 -8.48 -31.68
CA LYS B 1021 -3.22 -9.52 -32.39
C LYS B 1021 -1.94 -8.95 -33.04
N LEU B 1022 -0.87 -9.74 -32.97
CA LEU B 1022 0.45 -9.37 -33.53
C LEU B 1022 0.39 -9.33 -35.06
N GLU B 1023 0.78 -8.18 -35.64
CA GLU B 1023 0.79 -7.99 -37.10
C GLU B 1023 2.21 -7.93 -37.71
N SER B 1024 3.11 -7.15 -37.11
CA SER B 1024 4.47 -6.94 -37.64
C SER B 1024 5.57 -6.97 -36.57
N ASN B 1025 6.81 -7.16 -37.03
CA ASN B 1025 7.97 -7.35 -36.14
C ASN B 1025 9.28 -6.96 -36.85
N THR B 1026 10.06 -6.06 -36.24
CA THR B 1026 11.37 -5.60 -36.75
C THR B 1026 12.43 -5.72 -35.65
N ASP B 1027 13.65 -6.15 -36.02
CA ASP B 1027 14.75 -6.25 -35.06
C ASP B 1027 15.43 -4.89 -34.86
N ILE B 1028 15.75 -4.56 -33.61
CA ILE B 1028 16.28 -3.23 -33.23
C ILE B 1028 17.58 -3.25 -32.37
N LYS B 1029 18.32 -4.37 -32.39
CA LYS B 1029 19.64 -4.44 -31.74
C LYS B 1029 20.68 -3.46 -32.31
N ASP B 1030 20.62 -3.24 -33.62
CA ASP B 1030 21.61 -2.40 -34.35
C ASP B 1030 21.71 -0.96 -33.83
N ILE B 1031 20.58 -0.43 -33.36
CA ILE B 1031 20.49 0.91 -32.79
C ILE B 1031 21.08 0.94 -31.38
N ARG B 1032 21.58 2.10 -30.95
CA ARG B 1032 22.11 2.29 -29.61
C ARG B 1032 21.73 3.67 -29.04
N GLU B 1033 21.03 3.68 -27.90
CA GLU B 1033 20.70 4.92 -27.15
C GLU B 1033 19.67 5.81 -27.84
N VAL B 1034 18.40 5.65 -27.44
CA VAL B 1034 17.29 6.48 -27.92
C VAL B 1034 16.79 7.39 -26.77
N ILE B 1035 16.64 8.67 -27.07
CA ILE B 1035 16.21 9.69 -26.09
C ILE B 1035 14.67 9.82 -26.09
N ALA B 1036 14.03 9.15 -25.13
CA ALA B 1036 12.55 9.14 -25.02
C ALA B 1036 11.95 10.20 -24.07
N ASN B 1037 12.80 11.05 -23.48
CA ASN B 1037 12.34 12.08 -22.53
C ASN B 1037 11.93 13.43 -23.17
N GLY B 1038 11.90 13.51 -24.50
CA GLY B 1038 11.55 14.76 -25.20
C GLY B 1038 10.10 15.16 -25.04
N GLU B 1039 9.78 16.36 -25.52
CA GLU B 1039 8.38 16.82 -25.60
C GLU B 1039 7.63 15.93 -26.59
N ILE B 1040 6.37 15.64 -26.30
CA ILE B 1040 5.49 14.92 -27.24
C ILE B 1040 4.59 15.97 -27.89
N ILE B 1041 4.63 16.04 -29.22
CA ILE B 1041 3.82 16.97 -30.01
C ILE B 1041 2.80 16.18 -30.82
N PHE B 1042 1.52 16.38 -30.51
CA PHE B 1042 0.42 15.82 -31.31
C PHE B 1042 0.09 16.86 -32.38
N LYS B 1043 0.53 16.61 -33.62
CA LYS B 1043 0.29 17.55 -34.72
C LYS B 1043 0.49 16.88 -36.08
N LEU B 1044 -0.36 17.25 -37.04
CA LEU B 1044 -0.16 16.81 -38.44
C LEU B 1044 1.02 17.59 -39.02
N ASP B 1045 1.96 16.89 -39.64
CA ASP B 1045 3.17 17.52 -40.20
C ASP B 1045 3.64 16.80 -41.46
N GLY B 1046 3.64 17.54 -42.58
CA GLY B 1046 4.08 17.03 -43.87
C GLY B 1046 3.34 17.63 -45.05
N ASP B 1047 3.56 17.05 -46.22
CA ASP B 1047 2.91 17.49 -47.45
C ASP B 1047 1.48 16.92 -47.49
N ILE B 1048 0.57 17.62 -46.81
CA ILE B 1048 -0.81 17.13 -46.59
C ILE B 1048 -1.86 17.93 -47.33
N ASP B 1049 -2.98 17.28 -47.59
CA ASP B 1049 -4.18 17.94 -48.11
C ASP B 1049 -4.72 18.87 -47.01
N ARG B 1050 -5.32 19.98 -47.41
CA ARG B 1050 -5.84 20.98 -46.46
C ARG B 1050 -7.11 20.49 -45.73
N THR B 1051 -7.79 19.50 -46.29
CA THR B 1051 -8.95 18.86 -45.65
C THR B 1051 -8.60 17.55 -44.91
N GLN B 1052 -7.32 17.31 -44.66
CA GLN B 1052 -6.87 16.11 -43.93
C GLN B 1052 -7.17 16.24 -42.42
N PHE B 1053 -7.55 15.11 -41.82
CA PHE B 1053 -7.78 15.04 -40.38
C PHE B 1053 -7.54 13.63 -39.82
N ILE B 1054 -7.35 13.55 -38.51
CA ILE B 1054 -7.17 12.29 -37.78
C ILE B 1054 -7.96 12.36 -36.46
N TRP B 1055 -8.60 11.25 -36.09
CA TRP B 1055 -9.24 11.09 -34.77
C TRP B 1055 -8.45 10.12 -33.90
N MET B 1056 -8.33 10.43 -32.60
CA MET B 1056 -7.61 9.57 -31.64
C MET B 1056 -8.33 9.52 -30.29
N LYS B 1057 -8.02 8.49 -29.51
CA LYS B 1057 -8.73 8.19 -28.27
C LYS B 1057 -7.84 7.33 -27.34
N TYR B 1058 -7.81 7.68 -26.05
CA TYR B 1058 -7.11 6.91 -25.00
C TYR B 1058 -5.60 6.71 -25.21
N PHE B 1059 -4.87 7.79 -25.50
CA PHE B 1059 -3.41 7.68 -25.66
C PHE B 1059 -2.74 7.42 -24.31
N SER B 1060 -1.93 6.36 -24.23
CA SER B 1060 -1.21 6.04 -23.00
C SER B 1060 0.16 5.38 -23.24
N ILE B 1061 1.07 5.55 -22.28
CA ILE B 1061 2.43 5.01 -22.37
C ILE B 1061 2.75 4.18 -21.12
N PHE B 1062 3.33 3.00 -21.35
CA PHE B 1062 3.73 2.08 -20.30
C PHE B 1062 5.26 2.00 -20.25
N ASN B 1063 5.83 1.92 -19.05
CA ASN B 1063 7.29 1.73 -18.88
C ASN B 1063 7.71 0.25 -18.84
N THR B 1064 7.06 -0.58 -19.66
CA THR B 1064 7.44 -1.99 -19.80
C THR B 1064 6.88 -2.54 -21.12
N GLU B 1065 7.36 -3.72 -21.51
CA GLU B 1065 6.90 -4.40 -22.72
C GLU B 1065 5.63 -5.18 -22.37
N LEU B 1066 4.49 -4.75 -22.91
CA LEU B 1066 3.20 -5.42 -22.66
C LEU B 1066 3.16 -6.77 -23.37
N SER B 1067 2.68 -7.80 -22.66
CA SER B 1067 2.48 -9.13 -23.24
C SER B 1067 1.23 -9.15 -24.11
N GLN B 1068 1.07 -10.22 -24.88
CA GLN B 1068 -0.12 -10.40 -25.73
C GLN B 1068 -1.40 -10.37 -24.88
N SER B 1069 -1.38 -11.03 -23.72
CA SER B 1069 -2.52 -11.03 -22.78
C SER B 1069 -2.90 -9.62 -22.33
N ASN B 1070 -1.89 -8.83 -21.92
CA ASN B 1070 -2.11 -7.45 -21.48
C ASN B 1070 -2.82 -6.62 -22.55
N ILE B 1071 -2.40 -6.81 -23.81
CA ILE B 1071 -2.91 -6.01 -24.91
C ILE B 1071 -4.33 -6.47 -25.28
N GLU B 1072 -4.55 -7.79 -25.35
CA GLU B 1072 -5.88 -8.33 -25.62
C GLU B 1072 -6.90 -7.96 -24.53
N GLU B 1073 -6.45 -8.00 -23.27
CA GLU B 1073 -7.24 -7.53 -22.13
C GLU B 1073 -7.61 -6.04 -22.26
N ARG B 1074 -6.62 -5.21 -22.63
CA ARG B 1074 -6.84 -3.77 -22.81
C ARG B 1074 -7.77 -3.47 -23.98
N TYR B 1075 -7.68 -4.29 -25.04
CA TYR B 1075 -8.56 -4.18 -26.19
C TYR B 1075 -10.03 -4.39 -25.78
N LYS B 1076 -10.26 -5.45 -24.99
CA LYS B 1076 -11.63 -5.78 -24.52
C LYS B 1076 -12.20 -4.72 -23.57
N ILE B 1077 -11.37 -4.29 -22.62
CA ILE B 1077 -11.78 -3.29 -21.63
C ILE B 1077 -12.17 -1.96 -22.27
N GLN B 1078 -11.38 -1.48 -23.21
CA GLN B 1078 -11.64 -0.19 -23.84
C GLN B 1078 -12.74 -0.28 -24.93
N SER B 1079 -13.09 -1.51 -25.32
CA SER B 1079 -14.26 -1.78 -26.17
C SER B 1079 -15.62 -1.80 -25.46
N TYR B 1080 -15.64 -1.79 -24.13
CA TYR B 1080 -16.90 -1.91 -23.38
C TYR B 1080 -17.78 -0.65 -23.45
N SER B 1081 -19.08 -0.86 -23.61
CA SER B 1081 -20.07 0.22 -23.43
C SER B 1081 -21.48 -0.30 -23.08
N GLU B 1082 -22.25 0.56 -22.41
CA GLU B 1082 -23.68 0.32 -22.17
C GLU B 1082 -24.46 0.40 -23.49
N TYR B 1083 -23.97 1.29 -24.37
CA TYR B 1083 -24.59 1.58 -25.64
C TYR B 1083 -24.09 0.68 -26.76
N LEU B 1084 -24.85 0.69 -27.86
CA LEU B 1084 -24.44 0.03 -29.11
C LEU B 1084 -23.69 1.03 -29.96
N LYS B 1085 -22.96 0.51 -30.94
CA LYS B 1085 -22.14 1.32 -31.82
C LYS B 1085 -22.62 1.16 -33.24
N ASP B 1086 -22.29 2.16 -34.07
CA ASP B 1086 -22.57 2.14 -35.51
C ASP B 1086 -21.40 1.49 -36.28
N PHE B 1087 -21.53 1.43 -37.61
CA PHE B 1087 -20.53 0.82 -38.52
C PHE B 1087 -19.11 1.38 -38.32
N TRP B 1088 -19.01 2.69 -38.07
CA TRP B 1088 -17.71 3.35 -37.89
C TRP B 1088 -17.10 3.16 -36.50
N GLY B 1089 -17.91 2.74 -35.53
CA GLY B 1089 -17.49 2.56 -34.13
C GLY B 1089 -17.93 3.66 -33.17
N ASN B 1090 -18.63 4.67 -33.67
CA ASN B 1090 -19.20 5.74 -32.83
C ASN B 1090 -20.51 5.27 -32.19
N PRO B 1091 -21.02 5.98 -31.15
CA PRO B 1091 -22.22 5.49 -30.48
C PRO B 1091 -23.46 5.53 -31.38
N LEU B 1092 -24.29 4.48 -31.30
CA LEU B 1092 -25.53 4.37 -32.08
C LEU B 1092 -26.61 5.27 -31.49
N MET B 1093 -27.32 5.98 -32.38
CA MET B 1093 -28.21 7.06 -31.98
C MET B 1093 -29.67 6.88 -32.45
N TYR B 1094 -30.61 7.28 -31.59
CA TYR B 1094 -32.01 7.48 -32.02
C TYR B 1094 -32.07 8.73 -32.92
N ASN B 1095 -33.05 8.75 -33.83
CA ASN B 1095 -33.32 9.92 -34.67
C ASN B 1095 -32.16 10.29 -35.60
N LYS B 1096 -31.46 9.27 -36.11
CA LYS B 1096 -30.33 9.46 -37.03
C LYS B 1096 -30.50 8.57 -38.24
N GLU B 1097 -30.19 9.11 -39.43
CA GLU B 1097 -30.37 8.39 -40.68
C GLU B 1097 -29.24 7.39 -40.90
N TYR B 1098 -29.62 6.14 -41.19
CA TYR B 1098 -28.68 5.01 -41.35
C TYR B 1098 -29.00 4.16 -42.58
N TYR B 1099 -27.97 3.79 -43.34
CA TYR B 1099 -28.07 2.72 -44.35
C TYR B 1099 -27.69 1.42 -43.67
N MET B 1100 -28.37 0.32 -44.00
CA MET B 1100 -28.16 -0.96 -43.28
C MET B 1100 -27.19 -1.92 -43.98
N PHE B 1101 -26.34 -2.56 -43.19
CA PHE B 1101 -25.32 -3.52 -43.65
C PHE B 1101 -25.50 -4.84 -42.91
N ASN B 1102 -25.21 -5.94 -43.61
CA ASN B 1102 -25.43 -7.31 -43.10
C ASN B 1102 -24.12 -8.08 -43.13
N ALA B 1103 -23.65 -8.54 -41.98
CA ALA B 1103 -22.33 -9.22 -41.88
C ALA B 1103 -22.26 -10.59 -42.55
N GLY B 1104 -23.40 -11.25 -42.74
CA GLY B 1104 -23.45 -12.56 -43.42
C GLY B 1104 -23.58 -12.51 -44.93
N ASN B 1105 -24.23 -11.44 -45.43
CA ASN B 1105 -24.38 -11.17 -46.86
C ASN B 1105 -23.83 -9.75 -47.11
N LYS B 1106 -22.50 -9.65 -47.13
CA LYS B 1106 -21.80 -8.35 -47.09
C LYS B 1106 -22.07 -7.45 -48.30
N ASN B 1107 -22.15 -8.04 -49.49
CA ASN B 1107 -22.42 -7.31 -50.74
C ASN B 1107 -23.91 -7.37 -51.12
N SER B 1108 -24.76 -6.98 -50.17
CA SER B 1108 -26.22 -7.01 -50.33
C SER B 1108 -26.82 -5.77 -49.66
N TYR B 1109 -28.02 -5.37 -50.09
CA TYR B 1109 -28.70 -4.23 -49.46
C TYR B 1109 -30.21 -4.27 -49.65
N ILE B 1110 -30.92 -3.57 -48.77
CA ILE B 1110 -32.37 -3.57 -48.73
C ILE B 1110 -32.93 -2.47 -49.61
N LYS B 1111 -33.80 -2.86 -50.55
CA LYS B 1111 -34.57 -1.96 -51.40
C LYS B 1111 -36.05 -2.33 -51.23
N LEU B 1112 -36.93 -1.33 -51.17
CA LEU B 1112 -38.38 -1.57 -51.16
C LEU B 1112 -38.84 -1.90 -52.57
N LYS B 1113 -39.53 -3.04 -52.72
CA LYS B 1113 -39.91 -3.58 -54.04
C LYS B 1113 -40.95 -2.69 -54.72
N LYS B 1114 -40.90 -2.65 -56.05
CA LYS B 1114 -41.81 -1.80 -56.84
C LYS B 1114 -43.25 -2.31 -56.75
N ASP B 1115 -44.15 -1.46 -56.26
CA ASP B 1115 -45.57 -1.77 -56.06
C ASP B 1115 -45.82 -3.01 -55.20
N SER B 1116 -45.08 -3.08 -54.09
CA SER B 1116 -45.18 -4.20 -53.13
C SER B 1116 -44.53 -3.80 -51.81
N PRO B 1117 -45.14 -4.18 -50.65
CA PRO B 1117 -44.62 -3.84 -49.32
C PRO B 1117 -43.71 -4.94 -48.69
N VAL B 1118 -42.56 -5.17 -49.32
CA VAL B 1118 -41.58 -6.15 -48.84
C VAL B 1118 -40.15 -5.72 -49.22
N GLY B 1119 -39.16 -6.25 -48.48
CA GLY B 1119 -37.77 -5.93 -48.73
C GLY B 1119 -37.13 -6.80 -49.80
N GLU B 1120 -36.75 -6.17 -50.91
CA GLU B 1120 -36.04 -6.83 -52.00
C GLU B 1120 -34.54 -6.70 -51.75
N ILE B 1121 -33.78 -7.77 -51.96
CA ILE B 1121 -32.33 -7.75 -51.72
C ILE B 1121 -31.53 -7.78 -53.03
N LEU B 1122 -30.86 -6.66 -53.31
CA LEU B 1122 -30.06 -6.48 -54.53
C LEU B 1122 -28.58 -6.70 -54.21
N THR B 1123 -27.69 -6.41 -55.17
CA THR B 1123 -26.23 -6.50 -54.96
C THR B 1123 -25.60 -5.10 -55.03
N ARG B 1124 -24.63 -4.85 -54.14
CA ARG B 1124 -23.98 -3.54 -54.01
C ARG B 1124 -23.18 -3.14 -55.26
N SER B 1125 -23.33 -1.88 -55.67
CA SER B 1125 -22.60 -1.35 -56.82
C SER B 1125 -21.15 -1.05 -56.46
N LYS B 1126 -20.21 -1.71 -57.13
CA LYS B 1126 -18.78 -1.53 -56.88
C LYS B 1126 -18.20 -0.23 -57.47
N TYR B 1127 -16.90 0.01 -57.20
CA TYR B 1127 -16.18 1.22 -57.66
C TYR B 1127 -16.12 1.27 -59.18
N ASN B 1128 -16.48 2.44 -59.74
CA ASN B 1128 -16.78 2.56 -61.17
C ASN B 1128 -15.60 2.37 -62.11
N GLN B 1129 -14.63 3.28 -62.10
CA GLN B 1129 -13.60 3.28 -63.16
C GLN B 1129 -12.26 3.87 -62.76
N ASN B 1130 -11.26 3.61 -63.62
CA ASN B 1130 -9.90 4.15 -63.53
C ASN B 1130 -9.03 3.46 -62.46
N SER B 1131 -7.73 3.68 -62.56
CA SER B 1131 -6.70 3.10 -61.66
C SER B 1131 -6.52 1.57 -61.80
N LYS B 1132 -6.43 0.85 -60.68
CA LYS B 1132 -5.68 -0.42 -60.58
C LYS B 1132 -5.26 -0.70 -59.14
N TYR B 1133 -4.95 0.37 -58.40
CA TYR B 1133 -4.54 0.29 -56.98
C TYR B 1133 -5.73 0.27 -55.99
N ILE B 1134 -6.94 0.61 -56.46
CA ILE B 1134 -8.12 0.86 -55.61
C ILE B 1134 -9.28 -0.09 -55.94
N ASN B 1135 -10.04 -0.47 -54.92
CA ASN B 1135 -11.32 -1.19 -55.10
C ASN B 1135 -12.16 -1.13 -53.81
N TYR B 1136 -13.45 -0.81 -53.95
CA TYR B 1136 -14.41 -0.84 -52.84
C TYR B 1136 -15.84 -1.03 -53.32
N ARG B 1137 -16.76 -1.28 -52.38
CA ARG B 1137 -18.20 -1.41 -52.66
C ARG B 1137 -18.96 -0.26 -52.02
N ASP B 1138 -19.95 0.27 -52.73
CA ASP B 1138 -20.69 1.45 -52.26
C ASP B 1138 -21.49 1.13 -50.98
N LEU B 1139 -21.47 2.07 -50.03
CA LEU B 1139 -22.14 1.92 -48.74
C LEU B 1139 -23.42 2.76 -48.59
N TYR B 1140 -23.46 3.95 -49.19
CA TYR B 1140 -24.65 4.82 -49.15
C TYR B 1140 -25.66 4.41 -50.24
N ILE B 1141 -26.29 3.25 -50.01
CA ILE B 1141 -27.14 2.59 -51.00
C ILE B 1141 -28.21 1.78 -50.26
N GLY B 1142 -29.37 1.61 -50.89
CA GLY B 1142 -30.53 1.00 -50.23
C GLY B 1142 -31.34 2.03 -49.49
N GLU B 1143 -32.38 1.58 -48.79
CA GLU B 1143 -33.31 2.49 -48.11
C GLU B 1143 -32.65 3.17 -46.90
N LYS B 1144 -33.05 4.41 -46.64
CA LYS B 1144 -32.52 5.21 -45.53
C LYS B 1144 -33.34 4.98 -44.26
N PHE B 1145 -32.84 4.10 -43.40
CA PHE B 1145 -33.54 3.72 -42.16
C PHE B 1145 -33.36 4.77 -41.06
N ILE B 1146 -34.12 4.63 -39.98
CA ILE B 1146 -34.02 5.52 -38.82
C ILE B 1146 -34.65 4.85 -37.59
N ILE B 1147 -33.99 4.97 -36.45
CA ILE B 1147 -34.39 4.27 -35.22
C ILE B 1147 -35.21 5.23 -34.34
N ARG B 1148 -36.35 4.73 -33.85
CA ARG B 1148 -37.28 5.50 -33.04
C ARG B 1148 -37.54 4.78 -31.72
N ARG B 1149 -37.53 5.54 -30.63
CA ARG B 1149 -37.78 5.00 -29.29
C ARG B 1149 -39.29 4.76 -29.09
N LYS B 1150 -39.62 3.72 -28.32
CA LYS B 1150 -41.01 3.32 -28.11
C LYS B 1150 -41.79 4.30 -27.21
N SER B 1151 -41.37 4.42 -25.95
CA SER B 1151 -42.09 5.21 -24.94
C SER B 1151 -41.25 6.37 -24.42
N ASN B 1152 -41.91 7.51 -24.16
CA ASN B 1152 -41.25 8.70 -23.60
C ASN B 1152 -40.90 8.57 -22.09
N SER B 1153 -41.56 7.64 -21.39
CA SER B 1153 -41.31 7.42 -19.95
C SER B 1153 -39.97 6.71 -19.69
N GLN B 1154 -38.89 7.49 -19.75
CA GLN B 1154 -37.52 6.96 -19.58
C GLN B 1154 -36.51 8.10 -19.34
N SER B 1155 -35.22 7.76 -19.35
CA SER B 1155 -34.15 8.77 -19.25
C SER B 1155 -33.97 9.50 -20.59
N ILE B 1156 -34.59 10.67 -20.70
CA ILE B 1156 -34.56 11.49 -21.92
C ILE B 1156 -33.48 12.57 -21.83
N ASN B 1157 -32.25 12.14 -21.49
CA ASN B 1157 -31.09 13.03 -21.40
C ASN B 1157 -30.36 13.04 -22.74
N ASP B 1158 -30.03 11.85 -23.25
CA ASP B 1158 -29.33 11.68 -24.53
C ASP B 1158 -30.17 10.87 -25.52
N ASP B 1159 -29.71 10.82 -26.77
CA ASP B 1159 -30.38 10.07 -27.84
C ASP B 1159 -29.60 8.81 -28.20
N ILE B 1160 -29.07 8.10 -27.20
CA ILE B 1160 -28.17 6.97 -27.40
C ILE B 1160 -28.92 5.64 -27.20
N VAL B 1161 -28.81 4.75 -28.19
CA VAL B 1161 -29.48 3.45 -28.16
C VAL B 1161 -28.65 2.47 -27.33
N ARG B 1162 -29.27 1.87 -26.32
CA ARG B 1162 -28.60 0.91 -25.44
C ARG B 1162 -29.08 -0.51 -25.71
N LYS B 1163 -28.30 -1.48 -25.24
CA LYS B 1163 -28.67 -2.90 -25.32
C LYS B 1163 -29.97 -3.14 -24.56
N GLU B 1164 -30.78 -4.06 -25.09
CA GLU B 1164 -32.09 -4.43 -24.52
C GLU B 1164 -33.17 -3.32 -24.59
N ASP B 1165 -32.91 -2.20 -25.28
CA ASP B 1165 -33.93 -1.16 -25.49
C ASP B 1165 -35.00 -1.66 -26.44
N TYR B 1166 -36.23 -1.14 -26.27
CA TYR B 1166 -37.33 -1.40 -27.20
C TYR B 1166 -37.47 -0.24 -28.17
N ILE B 1167 -37.57 -0.57 -29.45
CA ILE B 1167 -37.47 0.41 -30.53
C ILE B 1167 -38.40 0.08 -31.71
N TYR B 1168 -38.78 1.10 -32.48
CA TYR B 1168 -39.40 0.91 -33.79
C TYR B 1168 -38.32 1.13 -34.84
N LEU B 1169 -38.23 0.22 -35.81
CA LEU B 1169 -37.34 0.35 -36.96
C LEU B 1169 -38.11 0.98 -38.11
N ASP B 1170 -37.79 2.23 -38.43
CA ASP B 1170 -38.47 3.00 -39.47
C ASP B 1170 -37.53 3.28 -40.64
N PHE B 1171 -38.11 3.74 -41.75
CA PHE B 1171 -37.37 4.16 -42.94
C PHE B 1171 -38.16 5.15 -43.79
N PHE B 1172 -37.44 5.96 -44.57
CA PHE B 1172 -38.04 6.97 -45.45
C PHE B 1172 -38.54 6.33 -46.75
N ASN B 1173 -39.73 6.78 -47.20
CA ASN B 1173 -40.31 6.39 -48.49
C ASN B 1173 -40.86 7.65 -49.19
N LEU B 1174 -40.05 8.19 -50.11
CA LEU B 1174 -40.28 9.51 -50.72
C LEU B 1174 -40.25 10.62 -49.66
N ASN B 1175 -41.43 11.09 -49.21
CA ASN B 1175 -41.55 12.11 -48.18
C ASN B 1175 -41.82 11.48 -46.80
N GLN B 1176 -42.76 10.54 -46.75
CA GLN B 1176 -43.24 9.95 -45.48
C GLN B 1176 -42.26 9.00 -44.80
N GLU B 1177 -42.53 8.71 -43.53
CA GLU B 1177 -41.77 7.75 -42.73
C GLU B 1177 -42.59 6.47 -42.56
N TRP B 1178 -42.08 5.37 -43.11
CA TRP B 1178 -42.70 4.03 -42.98
C TRP B 1178 -42.08 3.25 -41.80
N ARG B 1179 -42.61 2.05 -41.55
CA ARG B 1179 -42.20 1.21 -40.41
C ARG B 1179 -42.09 -0.26 -40.83
N VAL B 1180 -41.27 -1.01 -40.09
CA VAL B 1180 -41.09 -2.46 -40.31
C VAL B 1180 -41.93 -3.25 -39.31
N TYR B 1181 -42.76 -4.15 -39.83
CA TYR B 1181 -43.63 -5.02 -39.04
C TYR B 1181 -43.32 -6.49 -39.32
N THR B 1182 -43.85 -7.38 -38.48
CA THR B 1182 -43.93 -8.82 -38.77
C THR B 1182 -45.37 -9.30 -38.59
N TYR B 1183 -45.77 -10.27 -39.42
CA TYR B 1183 -47.13 -10.81 -39.38
C TYR B 1183 -47.30 -11.74 -38.18
N LYS B 1184 -48.43 -11.61 -37.47
CA LYS B 1184 -48.68 -12.33 -36.21
C LYS B 1184 -48.78 -13.86 -36.34
N TYR B 1185 -49.08 -14.35 -37.55
CA TYR B 1185 -49.13 -15.78 -37.84
C TYR B 1185 -47.87 -16.15 -38.63
N PHE B 1186 -47.17 -17.19 -38.16
CA PHE B 1186 -45.81 -17.48 -38.58
C PHE B 1186 -45.59 -19.00 -38.51
N LYS B 1187 -46.13 -19.67 -39.51
CA LYS B 1187 -46.24 -21.14 -39.53
C LYS B 1187 -44.97 -21.85 -40.01
N LYS B 1188 -44.32 -21.27 -41.02
CA LYS B 1188 -43.04 -21.79 -41.53
C LYS B 1188 -41.86 -21.27 -40.69
N GLU B 1189 -40.64 -21.68 -41.06
CA GLU B 1189 -39.42 -21.27 -40.34
C GLU B 1189 -39.00 -19.84 -40.69
N GLU B 1190 -39.03 -19.49 -41.98
CA GLU B 1190 -38.70 -18.14 -42.47
C GLU B 1190 -39.91 -17.50 -43.13
N MET B 1191 -40.00 -16.15 -43.05
CA MET B 1191 -41.16 -15.41 -43.57
C MET B 1191 -40.78 -13.97 -43.93
N LYS B 1192 -41.33 -13.45 -45.03
CA LYS B 1192 -41.04 -12.08 -45.48
C LYS B 1192 -41.60 -11.05 -44.49
N LEU B 1193 -40.94 -9.90 -44.41
CA LEU B 1193 -41.33 -8.83 -43.50
C LEU B 1193 -42.26 -7.82 -44.20
N PHE B 1194 -43.18 -7.24 -43.42
CA PHE B 1194 -44.18 -6.30 -43.91
C PHE B 1194 -43.74 -4.85 -43.66
N LEU B 1195 -43.41 -4.14 -44.73
CA LEU B 1195 -42.98 -2.74 -44.69
C LEU B 1195 -44.13 -1.84 -45.17
N ALA B 1196 -44.66 -1.03 -44.26
CA ALA B 1196 -45.87 -0.23 -44.52
C ALA B 1196 -45.85 1.08 -43.72
N PRO B 1197 -46.76 2.04 -44.03
CA PRO B 1197 -46.80 3.30 -43.24
C PRO B 1197 -47.15 3.12 -41.77
N ILE B 1198 -46.99 4.19 -40.99
CA ILE B 1198 -47.18 4.15 -39.54
C ILE B 1198 -48.68 4.11 -39.24
N TYR B 1199 -49.18 2.92 -38.89
CA TYR B 1199 -50.59 2.74 -38.54
C TYR B 1199 -50.75 1.65 -37.47
N ASP B 1200 -51.68 1.88 -36.54
CA ASP B 1200 -51.98 0.93 -35.48
C ASP B 1200 -52.86 -0.20 -36.04
N SER B 1201 -52.22 -1.33 -36.35
CA SER B 1201 -52.91 -2.53 -36.83
C SER B 1201 -53.15 -3.50 -35.68
N ASP B 1202 -53.90 -4.56 -35.97
CA ASP B 1202 -54.28 -5.59 -34.99
C ASP B 1202 -53.60 -6.96 -35.27
N GLU B 1203 -53.25 -7.24 -36.53
CA GLU B 1203 -52.62 -8.51 -36.94
C GLU B 1203 -51.11 -8.41 -37.25
N PHE B 1204 -50.47 -7.29 -36.89
CA PHE B 1204 -49.04 -7.07 -37.12
C PHE B 1204 -48.35 -6.53 -35.87
N TYR B 1205 -47.19 -7.10 -35.53
CA TYR B 1205 -46.38 -6.63 -34.40
C TYR B 1205 -45.35 -5.62 -34.89
N ASN B 1206 -45.08 -4.59 -34.08
CA ASN B 1206 -44.10 -3.55 -34.40
C ASN B 1206 -42.89 -3.43 -33.43
N THR B 1207 -42.95 -4.15 -32.30
CA THR B 1207 -42.00 -3.98 -31.21
C THR B 1207 -40.73 -4.81 -31.43
N ILE B 1208 -39.59 -4.11 -31.58
CA ILE B 1208 -38.27 -4.73 -31.74
C ILE B 1208 -37.42 -4.48 -30.49
N GLN B 1209 -36.73 -5.52 -30.03
CA GLN B 1209 -35.71 -5.40 -28.97
C GLN B 1209 -34.33 -5.55 -29.61
N ILE B 1210 -33.51 -4.50 -29.50
CA ILE B 1210 -32.15 -4.50 -30.06
C ILE B 1210 -31.17 -5.22 -29.11
N LYS B 1211 -30.34 -6.11 -29.66
CA LYS B 1211 -29.54 -7.06 -28.88
C LYS B 1211 -28.04 -7.01 -29.24
N GLU B 1212 -27.25 -7.73 -28.44
CA GLU B 1212 -25.84 -7.98 -28.75
C GLU B 1212 -25.42 -9.30 -28.12
N TYR B 1213 -25.67 -10.39 -28.85
CA TYR B 1213 -25.37 -11.75 -28.37
C TYR B 1213 -23.87 -12.07 -28.37
N ASP B 1214 -23.06 -11.28 -29.09
CA ASP B 1214 -21.60 -11.48 -29.15
C ASP B 1214 -20.92 -10.94 -27.89
N GLU B 1215 -20.17 -11.80 -27.20
CA GLU B 1215 -19.44 -11.41 -25.99
C GLU B 1215 -18.10 -10.73 -26.29
N GLN B 1216 -17.48 -11.04 -27.42
CA GLN B 1216 -16.25 -10.36 -27.86
C GLN B 1216 -16.60 -9.01 -28.50
N PRO B 1217 -15.61 -8.11 -28.67
CA PRO B 1217 -15.89 -6.80 -29.27
C PRO B 1217 -16.35 -6.87 -30.74
N THR B 1218 -17.29 -5.99 -31.08
CA THR B 1218 -18.00 -6.04 -32.36
C THR B 1218 -18.77 -4.73 -32.55
N TYR B 1219 -19.14 -4.42 -33.79
CA TYR B 1219 -20.14 -3.39 -34.06
C TYR B 1219 -21.43 -3.98 -34.63
N SER B 1220 -21.56 -5.31 -34.58
CA SER B 1220 -22.78 -5.99 -35.01
C SER B 1220 -23.78 -6.10 -33.85
N CYS B 1221 -25.03 -5.79 -34.16
CA CYS B 1221 -26.16 -5.95 -33.25
C CYS B 1221 -27.22 -6.81 -33.92
N GLN B 1222 -28.20 -7.26 -33.15
CA GLN B 1222 -29.31 -8.10 -33.66
C GLN B 1222 -30.66 -7.46 -33.32
N LEU B 1223 -31.70 -7.90 -34.02
CA LEU B 1223 -33.03 -7.30 -33.90
C LEU B 1223 -34.10 -8.39 -33.66
N LEU B 1224 -34.71 -8.35 -32.48
CA LEU B 1224 -35.63 -9.38 -32.00
C LEU B 1224 -37.08 -8.90 -31.97
N PHE B 1225 -37.98 -9.62 -32.65
CA PHE B 1225 -39.43 -9.37 -32.58
C PHE B 1225 -40.07 -10.14 -31.43
N LYS B 1226 -40.97 -9.48 -30.71
CA LYS B 1226 -41.83 -10.11 -29.70
C LYS B 1226 -43.27 -9.66 -29.91
N LYS B 1227 -44.20 -10.29 -29.17
CA LYS B 1227 -45.63 -9.91 -29.22
C LYS B 1227 -45.81 -8.50 -28.63
N ASP B 1228 -45.25 -8.30 -27.43
CA ASP B 1228 -45.17 -6.98 -26.80
C ASP B 1228 -43.99 -6.95 -25.81
N GLU B 1229 -43.80 -5.81 -25.15
CA GLU B 1229 -42.69 -5.63 -24.18
C GLU B 1229 -42.68 -6.62 -23.01
N GLU B 1230 -43.85 -6.89 -22.44
CA GLU B 1230 -43.93 -7.69 -21.20
C GLU B 1230 -43.72 -9.18 -21.43
N SER B 1231 -44.10 -9.69 -22.61
CA SER B 1231 -44.09 -11.14 -22.89
C SER B 1231 -42.67 -11.72 -22.97
N THR B 1232 -42.48 -12.90 -22.37
CA THR B 1232 -41.20 -13.61 -22.36
C THR B 1232 -41.00 -14.54 -23.57
N ASP B 1233 -41.99 -14.63 -24.46
CA ASP B 1233 -41.86 -15.36 -25.72
C ASP B 1233 -41.20 -14.47 -26.78
N GLU B 1234 -40.40 -15.10 -27.64
CA GLU B 1234 -39.61 -14.40 -28.66
C GLU B 1234 -39.90 -15.04 -30.01
N ILE B 1235 -40.36 -14.22 -30.96
CA ILE B 1235 -40.90 -14.73 -32.23
C ILE B 1235 -39.77 -15.23 -33.13
N GLY B 1236 -38.79 -14.36 -33.35
CA GLY B 1236 -37.67 -14.65 -34.25
C GLY B 1236 -36.79 -13.43 -34.41
N LEU B 1237 -35.70 -13.58 -35.17
CA LEU B 1237 -34.73 -12.50 -35.38
C LEU B 1237 -34.74 -12.04 -36.83
N ILE B 1238 -34.59 -10.73 -37.04
CA ILE B 1238 -34.56 -10.15 -38.38
C ILE B 1238 -33.29 -10.59 -39.10
N GLY B 1239 -33.42 -10.94 -40.38
CA GLY B 1239 -32.27 -11.37 -41.19
C GLY B 1239 -32.56 -11.45 -42.68
N ILE B 1240 -31.95 -12.42 -43.35
CA ILE B 1240 -32.10 -12.60 -44.80
C ILE B 1240 -32.29 -14.09 -45.11
N HIS B 1241 -33.21 -14.39 -46.04
CA HIS B 1241 -33.44 -15.76 -46.50
C HIS B 1241 -33.74 -15.82 -48.00
N ARG B 1242 -33.34 -16.93 -48.62
CA ARG B 1242 -33.54 -17.18 -50.03
C ARG B 1242 -34.85 -17.95 -50.22
N PHE B 1243 -35.92 -17.24 -50.62
CA PHE B 1243 -37.26 -17.83 -50.79
C PHE B 1243 -37.48 -18.39 -52.20
N TYR B 1244 -38.11 -19.56 -52.28
CA TYR B 1244 -38.54 -20.14 -53.55
C TYR B 1244 -39.97 -19.69 -53.85
N GLU B 1245 -40.18 -19.21 -55.07
CA GLU B 1245 -41.51 -18.80 -55.55
C GLU B 1245 -41.62 -19.24 -57.03
N SER B 1246 -42.67 -20.00 -57.33
CA SER B 1246 -42.78 -20.76 -58.59
C SER B 1246 -42.90 -19.88 -59.85
N GLY B 1247 -42.62 -20.49 -61.00
CA GLY B 1247 -42.58 -19.80 -62.31
C GLY B 1247 -43.51 -20.37 -63.36
N ILE B 1248 -44.50 -19.57 -63.78
CA ILE B 1248 -45.44 -19.98 -64.82
C ILE B 1248 -46.19 -18.78 -65.41
N TYR B 1253 -36.10 -18.58 -57.31
CA TYR B 1253 -35.32 -18.22 -56.13
C TYR B 1253 -35.01 -16.71 -56.07
N LYS B 1254 -35.40 -16.07 -54.96
CA LYS B 1254 -35.10 -14.65 -54.73
C LYS B 1254 -34.95 -14.33 -53.23
N ASP B 1255 -34.01 -13.44 -52.90
CA ASP B 1255 -33.67 -13.11 -51.51
C ASP B 1255 -34.53 -11.97 -50.96
N TYR B 1256 -35.06 -12.16 -49.75
CA TYR B 1256 -35.94 -11.19 -49.11
C TYR B 1256 -35.52 -10.84 -47.66
N PHE B 1257 -35.90 -9.64 -47.24
CA PHE B 1257 -35.72 -9.11 -45.89
C PHE B 1257 -36.74 -9.81 -44.99
N CYS B 1258 -36.26 -10.66 -44.07
CA CYS B 1258 -37.11 -11.64 -43.37
C CYS B 1258 -37.02 -11.65 -41.83
N ILE B 1259 -37.87 -12.46 -41.23
CA ILE B 1259 -37.75 -12.90 -39.83
C ILE B 1259 -37.56 -14.41 -39.87
N SER B 1260 -36.77 -14.94 -38.93
CA SER B 1260 -36.40 -16.35 -38.95
C SER B 1260 -36.29 -16.95 -37.54
N LYS B 1261 -36.69 -18.22 -37.43
CA LYS B 1261 -36.58 -18.98 -36.17
C LYS B 1261 -35.18 -19.61 -36.03
N TRP B 1262 -34.61 -20.08 -37.15
CA TRP B 1262 -33.30 -20.76 -37.14
C TRP B 1262 -32.17 -19.96 -36.47
N TYR B 1263 -32.21 -18.63 -36.59
CA TYR B 1263 -31.21 -17.76 -35.96
C TYR B 1263 -31.21 -17.86 -34.43
N LEU B 1264 -32.39 -17.91 -33.80
CA LEU B 1264 -32.49 -18.05 -32.34
C LEU B 1264 -31.86 -19.32 -31.78
N LYS B 1265 -31.81 -20.39 -32.57
CA LYS B 1265 -31.15 -21.64 -32.16
C LYS B 1265 -29.62 -21.60 -32.32
N GLU B 1266 -29.08 -20.57 -32.98
CA GLU B 1266 -27.62 -20.43 -33.21
C GLU B 1266 -26.92 -19.35 -32.37
N VAL B 1267 -27.62 -18.26 -32.03
CA VAL B 1267 -26.99 -17.10 -31.36
C VAL B 1267 -26.29 -17.36 -30.02
N LYS B 1268 -26.59 -18.48 -29.36
CA LYS B 1268 -25.92 -18.80 -28.09
C LYS B 1268 -24.91 -19.97 -28.16
N ARG B 1269 -24.40 -20.26 -29.36
CA ARG B 1269 -23.36 -21.28 -29.52
C ARG B 1269 -21.99 -20.71 -29.12
N LYS B 1270 -21.09 -21.59 -28.68
CA LYS B 1270 -19.89 -21.21 -27.90
C LYS B 1270 -18.96 -20.14 -28.50
N PRO B 1271 -18.40 -20.36 -29.71
CA PRO B 1271 -17.51 -19.32 -30.29
C PRO B 1271 -18.24 -18.07 -30.85
N TYR B 1272 -19.48 -18.25 -31.31
CA TYR B 1272 -20.34 -17.23 -31.93
C TYR B 1272 -19.95 -16.88 -33.36
N ASN B 1273 -20.89 -17.13 -34.27
CA ASN B 1273 -20.69 -16.93 -35.70
C ASN B 1273 -20.86 -15.44 -36.04
N LEU B 1274 -19.76 -14.82 -36.47
CA LEU B 1274 -19.78 -13.40 -36.91
C LEU B 1274 -20.47 -13.27 -38.28
N LYS B 1275 -20.46 -14.35 -39.06
CA LYS B 1275 -21.04 -14.36 -40.42
C LYS B 1275 -22.53 -14.76 -40.48
N LEU B 1276 -23.24 -14.70 -39.35
CA LEU B 1276 -24.69 -15.01 -39.32
C LEU B 1276 -25.50 -13.89 -39.96
N GLY B 1277 -26.55 -14.28 -40.69
CA GLY B 1277 -27.43 -13.35 -41.39
C GLY B 1277 -28.30 -12.44 -40.53
N CYS B 1278 -28.35 -12.69 -39.22
CA CYS B 1278 -29.00 -11.78 -38.26
C CYS B 1278 -28.11 -10.65 -37.73
N ASN B 1279 -26.82 -10.62 -38.12
CA ASN B 1279 -25.87 -9.60 -37.66
C ASN B 1279 -25.90 -8.36 -38.55
N TRP B 1280 -26.53 -7.28 -38.05
CA TRP B 1280 -26.67 -6.03 -38.79
C TRP B 1280 -25.76 -4.94 -38.25
N GLN B 1281 -25.40 -3.98 -39.10
CA GLN B 1281 -24.67 -2.77 -38.67
C GLN B 1281 -25.25 -1.55 -39.38
N PHE B 1282 -25.29 -0.42 -38.67
CA PHE B 1282 -25.91 0.80 -39.17
C PHE B 1282 -24.84 1.77 -39.67
N ILE B 1283 -24.99 2.25 -40.91
CA ILE B 1283 -24.01 3.15 -41.56
C ILE B 1283 -24.59 4.56 -41.72
N PRO B 1284 -24.16 5.53 -40.89
CA PRO B 1284 -24.54 6.92 -41.12
C PRO B 1284 -23.63 7.55 -42.15
N LYS B 1285 -24.02 8.71 -42.66
CA LYS B 1285 -23.22 9.45 -43.62
C LYS B 1285 -22.11 10.13 -42.83
N ASP B 1286 -20.85 9.90 -43.23
CA ASP B 1286 -19.67 10.37 -42.49
C ASP B 1286 -18.69 11.13 -43.39
N GLU B 1287 -18.19 12.25 -42.87
CA GLU B 1287 -17.19 13.12 -43.51
C GLU B 1287 -15.97 12.36 -44.07
N GLY B 1288 -15.49 11.35 -43.35
CA GLY B 1288 -14.31 10.57 -43.74
C GLY B 1288 -14.52 9.39 -44.67
N TRP B 1289 -15.71 9.27 -45.28
CA TRP B 1289 -15.96 8.31 -46.38
C TRP B 1289 -16.83 8.99 -47.44
N THR B 1290 -16.21 9.32 -48.58
CA THR B 1290 -16.89 9.90 -49.74
C THR B 1290 -16.90 8.91 -50.90
N GLU B 1291 -17.99 8.88 -51.66
CA GLU B 1291 -18.11 7.95 -52.81
C GLU B 1291 -19.03 8.51 -53.91
N LYS C 4 -57.15 8.63 -44.79
CA LYS C 4 -57.07 7.53 -45.81
C LYS C 4 -56.50 6.24 -45.20
N GLU C 5 -57.39 5.29 -44.93
CA GLU C 5 -57.02 3.98 -44.35
C GLU C 5 -56.86 2.88 -45.41
N ASP C 6 -57.61 2.95 -46.51
CA ASP C 6 -57.62 1.89 -47.56
C ASP C 6 -56.29 1.70 -48.33
N ALA C 7 -55.35 2.65 -48.21
CA ALA C 7 -53.97 2.45 -48.67
C ALA C 7 -53.26 1.33 -47.90
N PHE C 8 -53.57 1.22 -46.59
CA PHE C 8 -53.03 0.16 -45.72
C PHE C 8 -53.61 -1.23 -46.07
N SER C 9 -54.91 -1.29 -46.38
CA SER C 9 -55.58 -2.53 -46.76
C SER C 9 -55.10 -3.08 -48.10
N LYS C 10 -54.87 -2.20 -49.07
CA LYS C 10 -54.38 -2.59 -50.40
C LYS C 10 -52.94 -3.11 -50.37
N LEU C 11 -52.13 -2.58 -49.44
CA LEU C 11 -50.79 -3.11 -49.16
C LEU C 11 -50.87 -4.48 -48.46
N LYS C 12 -51.79 -4.60 -47.50
CA LYS C 12 -51.97 -5.85 -46.73
C LYS C 12 -52.28 -7.08 -47.60
N GLU C 13 -53.15 -6.91 -48.60
CA GLU C 13 -53.48 -8.00 -49.52
C GLU C 13 -52.29 -8.39 -50.40
N LYS C 14 -51.50 -7.39 -50.83
CA LYS C 14 -50.28 -7.64 -51.59
C LYS C 14 -49.22 -8.41 -50.79
N PHE C 15 -49.15 -8.14 -49.48
CA PHE C 15 -48.32 -8.93 -48.57
C PHE C 15 -48.84 -10.36 -48.41
N MET C 16 -50.15 -10.48 -48.15
CA MET C 16 -50.83 -11.78 -48.06
C MET C 16 -50.74 -12.59 -49.36
N ASN C 17 -50.64 -11.90 -50.50
CA ASN C 17 -50.32 -12.55 -51.78
C ASN C 17 -48.86 -13.01 -51.81
N GLU C 18 -47.96 -12.08 -51.48
CA GLU C 18 -46.51 -12.35 -51.43
C GLU C 18 -46.14 -13.49 -50.47
N LEU C 19 -46.87 -13.60 -49.35
CA LEU C 19 -46.70 -14.70 -48.38
C LEU C 19 -47.07 -16.06 -48.98
N HIS C 20 -48.23 -16.14 -49.61
CA HIS C 20 -48.72 -17.38 -50.23
C HIS C 20 -48.06 -17.69 -51.58
N LYS C 21 -47.34 -16.72 -52.15
CA LYS C 21 -46.58 -16.91 -53.40
C LYS C 21 -45.46 -17.96 -53.28
C1 GOL D . 1.79 3.64 19.72
O1 GOL D . 1.87 2.60 20.71
C2 GOL D . 3.12 4.38 19.60
O2 GOL D . 3.07 5.25 18.45
C3 GOL D . 3.40 5.19 20.86
O3 GOL D . 4.65 4.86 21.47
C1 GOL E . 2.44 -0.50 10.25
O1 GOL E . 2.09 -1.37 11.33
C2 GOL E . 3.36 0.63 10.72
O2 GOL E . 2.60 1.61 11.46
C3 GOL E . 4.07 1.30 9.54
O3 GOL E . 5.17 2.13 9.92
C1 GOL F . 37.92 8.64 40.28
O1 GOL F . 38.88 8.65 39.22
C2 GOL F . 37.29 10.00 40.53
O2 GOL F . 35.89 9.95 40.23
C3 GOL F . 37.44 10.43 41.98
O3 GOL F . 38.82 10.51 42.38
C1 MLI G . 0.09 6.12 15.59
C2 MLI G . -1.04 5.49 16.38
C3 MLI G . 0.11 5.68 14.14
O6 MLI G . -0.75 4.90 17.44
O7 MLI G . -2.21 5.59 15.96
O8 MLI G . 0.51 4.53 13.85
O9 MLI G . -0.25 6.51 13.26
#